data_6EAC
#
_entry.id   6EAC
#
_cell.length_a   136.174
_cell.length_b   158.056
_cell.length_c   227.248
_cell.angle_alpha   90.000
_cell.angle_beta   90.000
_cell.angle_gamma   90.000
#
_symmetry.space_group_name_H-M   'I 2 2 2'
#
loop_
_entity.id
_entity.type
_entity.pdbx_description
1 polymer SelO
2 non-polymer 'MAGNESIUM ION'
3 non-polymer 'CALCIUM ION'
4 non-polymer 'CHLORIDE ION'
5 non-polymer 'PHOSPHOAMINOPHOSPHONIC ACID-ADENYLATE ESTER'
6 non-polymer 1,2-ETHANEDIOL
7 non-polymer DI(HYDROXYETHYL)ETHER
8 non-polymer 'ACETATE ION'
9 water water
#
_entity_poly.entity_id   1
_entity_poly.type   'polypeptide(L)'
_entity_poly.pdbx_seq_one_letter_code
;SMKALDELVFDNRFARLGDAFSTHVLPEPIDAPRLVVASESALALLDLAPEQSELPLFAEIFSGHKLWAEAEPRAMVYSG
HQFGSYNPRLGDGRGLLLGEVYNDAGEHWDLHLKGAGRTPYSRMGDGRAVLRSSIREFLASEALHALGIPSSRAACVVSS
NTPVWREKQEYAAMVLRLAQSHVRFGSLEYLFYTKQPEHLKTLAEHVLTMHYPHCQEQPEPYLAMFREIVERNAELIAKW
QAYGFCHGVMNTDNMSILGITFDFGPFAFLDDFDEHFICNHSDHEGRYSFSNQVPIAQWNLSALGQALTPFVSVEALRET
IGLFLPLYQAHYLDLMRRRLGLTVAQDQDDKLVSQLLQLMQNSGVDYTLFFRRLGDQPAAQALRALRDDFVDIKVFDDWA
QAYQARIAAEENGTEQARKERMHAVNPLYILRNYLAQNAIEAAEKGDYEEVRRLHQVLCTPFTEQPGMEGYAQRPPDWGK
HLEISCSS
;
_entity_poly.pdbx_strand_id   A,B,C,D
#
# COMPACT_ATOMS: atom_id res chain seq x y z
N SER A 1 -17.92 22.29 -33.95
CA SER A 1 -16.61 21.73 -34.38
C SER A 1 -15.69 21.51 -33.17
N MET A 2 -14.68 20.65 -33.35
CA MET A 2 -13.71 20.42 -32.30
C MET A 2 -12.91 21.69 -32.07
N LYS A 3 -12.72 22.06 -30.81
CA LYS A 3 -12.20 23.37 -30.44
C LYS A 3 -10.88 23.24 -29.68
N ALA A 4 -10.28 24.38 -29.41
CA ALA A 4 -9.01 24.45 -28.69
C ALA A 4 -9.22 24.42 -27.19
N LEU A 5 -8.14 24.14 -26.46
CA LEU A 5 -8.20 24.12 -25.00
C LEU A 5 -8.64 25.47 -24.45
N ASP A 6 -8.28 26.56 -25.13
CA ASP A 6 -8.62 27.90 -24.67
C ASP A 6 -10.04 28.31 -25.01
N GLU A 7 -10.79 27.45 -25.70
CA GLU A 7 -12.16 27.77 -26.10
C GLU A 7 -13.21 27.03 -25.28
N LEU A 8 -12.80 26.23 -24.29
CA LEU A 8 -13.77 25.56 -23.44
C LEU A 8 -14.54 26.59 -22.63
N VAL A 9 -15.86 26.39 -22.54
CA VAL A 9 -16.75 27.26 -21.78
C VAL A 9 -17.08 26.59 -20.46
N PHE A 10 -16.87 27.31 -19.36
CA PHE A 10 -17.12 26.81 -18.03
C PHE A 10 -18.38 27.43 -17.44
N ASP A 11 -19.16 26.63 -16.72
CA ASP A 11 -20.33 27.10 -15.97
C ASP A 11 -20.39 26.24 -14.70
N ASN A 12 -19.75 26.74 -13.64
CA ASN A 12 -19.49 25.94 -12.44
C ASN A 12 -20.68 26.04 -11.48
N ARG A 13 -21.72 25.27 -11.81
CA ARG A 13 -22.96 25.33 -11.03
C ARG A 13 -22.72 24.94 -9.58
N PHE A 14 -22.05 23.81 -9.35
CA PHE A 14 -21.92 23.30 -8.00
C PHE A 14 -21.08 24.24 -7.13
N ALA A 15 -20.05 24.85 -7.73
CA ALA A 15 -19.26 25.83 -6.99
C ALA A 15 -20.13 26.95 -6.45
N ARG A 16 -21.17 27.34 -7.20
CA ARG A 16 -22.02 28.45 -6.77
C ARG A 16 -22.97 28.06 -5.64
N LEU A 17 -23.06 26.78 -5.28
CA LEU A 17 -23.87 26.39 -4.14
C LEU A 17 -23.24 26.79 -2.82
N GLY A 18 -21.95 27.09 -2.80
CA GLY A 18 -21.31 27.68 -1.65
C GLY A 18 -20.43 26.69 -0.90
N ASP A 19 -19.85 27.18 0.19
CA ASP A 19 -18.86 26.46 0.97
C ASP A 19 -19.45 25.40 1.88
N ALA A 20 -20.78 25.28 1.94
CA ALA A 20 -21.39 24.23 2.75
C ALA A 20 -21.36 22.87 2.05
N PHE A 21 -21.13 22.85 0.74
CA PHE A 21 -21.15 21.62 -0.04
C PHE A 21 -19.79 21.21 -0.58
N SER A 22 -18.83 22.14 -0.64
CA SER A 22 -17.50 21.86 -1.15
C SER A 22 -16.58 22.98 -0.71
N THR A 23 -15.29 22.77 -0.90
CA THR A 23 -14.27 23.72 -0.49
C THR A 23 -13.33 24.00 -1.65
N HIS A 24 -13.04 25.27 -1.88
CA HIS A 24 -12.07 25.65 -2.90
C HIS A 24 -10.70 25.11 -2.54
N VAL A 25 -10.12 24.33 -3.45
CA VAL A 25 -8.82 23.71 -3.23
C VAL A 25 -8.11 23.60 -4.58
N LEU A 26 -6.87 24.05 -4.63
CA LEU A 26 -6.12 23.94 -5.87
C LEU A 26 -5.38 22.61 -5.95
N PRO A 27 -5.13 22.11 -7.14
CA PRO A 27 -4.33 20.88 -7.27
C PRO A 27 -2.86 21.13 -6.97
N GLU A 28 -2.20 20.08 -6.49
CA GLU A 28 -0.76 20.11 -6.29
C GLU A 28 -0.11 19.38 -7.46
N PRO A 29 0.67 20.06 -8.31
CA PRO A 29 1.17 19.41 -9.53
C PRO A 29 2.10 18.24 -9.22
N ILE A 30 2.31 17.42 -10.25
CA ILE A 30 3.27 16.32 -10.21
C ILE A 30 4.25 16.50 -11.37
N ASP A 31 5.47 16.00 -11.18
CA ASP A 31 6.60 16.39 -12.00
C ASP A 31 6.73 15.55 -13.28
N ALA A 32 7.20 16.21 -14.34
CA ALA A 32 7.48 15.56 -15.62
C ALA A 32 6.25 14.86 -16.17
N PRO A 33 5.16 15.57 -16.39
CA PRO A 33 3.94 14.91 -16.88
C PRO A 33 4.06 14.45 -18.32
N ARG A 34 3.54 13.25 -18.57
CA ARG A 34 3.45 12.69 -19.92
C ARG A 34 2.05 12.12 -20.12
N LEU A 35 1.53 12.25 -21.33
CA LEU A 35 0.25 11.63 -21.67
C LEU A 35 0.44 10.13 -21.82
N VAL A 36 -0.29 9.36 -21.03
CA VAL A 36 -0.25 7.91 -21.14
C VAL A 36 -1.22 7.42 -22.21
N VAL A 37 -2.47 7.88 -22.16
CA VAL A 37 -3.51 7.44 -23.07
C VAL A 37 -4.67 8.42 -22.97
N ALA A 38 -5.45 8.55 -24.04
CA ALA A 38 -6.61 9.43 -24.06
C ALA A 38 -7.74 8.75 -24.81
N SER A 39 -8.97 9.09 -24.44
CA SER A 39 -10.16 8.53 -25.06
C SER A 39 -10.76 9.54 -26.02
N GLU A 40 -10.83 9.18 -27.30
CA GLU A 40 -11.47 10.06 -28.28
C GLU A 40 -12.93 10.30 -27.94
N SER A 41 -13.64 9.25 -27.52
CA SER A 41 -15.07 9.40 -27.21
C SER A 41 -15.28 10.32 -26.01
N ALA A 42 -14.50 10.12 -24.94
CA ALA A 42 -14.63 10.97 -23.78
C ALA A 42 -14.29 12.42 -24.12
N LEU A 43 -13.21 12.63 -24.88
CA LEU A 43 -12.82 13.98 -25.26
C LEU A 43 -13.91 14.66 -26.09
N ALA A 44 -14.61 13.89 -26.92
CA ALA A 44 -15.68 14.46 -27.72
C ALA A 44 -16.80 15.04 -26.86
N LEU A 45 -16.96 14.52 -25.63
CA LEU A 45 -17.94 15.10 -24.71
C LEU A 45 -17.61 16.56 -24.42
N LEU A 46 -16.35 16.95 -24.55
CA LEU A 46 -15.91 18.32 -24.33
C LEU A 46 -15.62 19.05 -25.64
N ASP A 47 -16.02 18.48 -26.78
CA ASP A 47 -15.76 19.07 -28.08
C ASP A 47 -14.25 19.18 -28.33
N LEU A 48 -13.50 18.19 -27.85
CA LEU A 48 -12.06 18.13 -28.05
C LEU A 48 -11.71 16.93 -28.91
N ALA A 49 -10.73 17.11 -29.80
CA ALA A 49 -10.23 16.04 -30.65
C ALA A 49 -9.05 15.34 -29.97
N PRO A 50 -8.73 14.12 -30.39
CA PRO A 50 -7.58 13.43 -29.76
C PRO A 50 -6.29 14.20 -29.90
N GLU A 51 -6.15 15.03 -30.93
CA GLU A 51 -4.92 15.78 -31.14
C GLU A 51 -4.70 16.83 -30.04
N GLN A 52 -5.78 17.38 -29.49
CA GLN A 52 -5.62 18.34 -28.40
C GLN A 52 -5.10 17.68 -27.13
N SER A 53 -5.28 16.36 -26.98
CA SER A 53 -4.79 15.65 -25.81
C SER A 53 -3.30 15.41 -25.86
N GLU A 54 -2.68 15.53 -27.03
CA GLU A 54 -1.24 15.34 -27.19
C GLU A 54 -0.45 16.62 -26.93
N LEU A 55 -1.11 17.73 -26.68
CA LEU A 55 -0.40 18.99 -26.45
C LEU A 55 0.29 18.95 -25.08
N PRO A 56 1.51 19.49 -24.98
CA PRO A 56 2.12 19.64 -23.65
C PRO A 56 1.21 20.37 -22.67
N LEU A 57 0.53 21.42 -23.12
CA LEU A 57 -0.38 22.17 -22.24
C LEU A 57 -1.46 21.26 -21.68
N PHE A 58 -1.93 20.29 -22.49
CA PHE A 58 -2.95 19.36 -22.00
C PHE A 58 -2.42 18.54 -20.83
N ALA A 59 -1.23 17.95 -20.98
CA ALA A 59 -0.65 17.18 -19.91
C ALA A 59 -0.37 18.05 -18.68
N GLU A 60 -0.02 19.32 -18.89
CA GLU A 60 0.25 20.22 -17.77
C GLU A 60 -1.01 20.52 -16.98
N ILE A 61 -2.13 20.74 -17.67
CA ILE A 61 -3.37 21.07 -16.99
C ILE A 61 -3.83 19.91 -16.13
N PHE A 62 -3.88 18.71 -16.71
CA PHE A 62 -4.39 17.54 -16.02
C PHE A 62 -3.29 16.77 -15.29
N SER A 63 -2.19 17.44 -14.96
CA SER A 63 -1.26 17.00 -13.93
C SER A 63 -1.13 18.04 -12.83
N GLY A 64 -1.96 19.08 -12.84
CA GLY A 64 -2.00 20.06 -11.77
C GLY A 64 -1.13 21.28 -11.93
N HIS A 65 -0.50 21.47 -13.08
CA HIS A 65 0.43 22.58 -13.26
C HIS A 65 -0.27 23.87 -13.68
N LYS A 66 -1.28 23.79 -14.53
CA LYS A 66 -1.97 24.97 -15.04
C LYS A 66 -3.47 24.74 -14.99
N LEU A 67 -4.22 25.82 -15.13
CA LEU A 67 -5.67 25.74 -15.02
C LEU A 67 -6.29 27.00 -15.59
N TRP A 68 -7.35 26.84 -16.38
CA TRP A 68 -8.08 27.98 -16.91
C TRP A 68 -8.48 28.91 -15.77
N ALA A 69 -8.39 30.22 -16.02
CA ALA A 69 -8.89 31.18 -15.05
C ALA A 69 -10.38 30.97 -14.78
N GLU A 70 -11.12 30.51 -15.79
CA GLU A 70 -12.57 30.34 -15.67
C GLU A 70 -12.95 29.11 -14.85
N ALA A 71 -12.00 28.26 -14.50
CA ALA A 71 -12.29 27.12 -13.63
C ALA A 71 -12.33 27.57 -12.17
N GLU A 72 -12.90 26.72 -11.33
CA GLU A 72 -12.91 26.94 -9.88
C GLU A 72 -12.83 25.58 -9.21
N PRO A 73 -11.62 25.08 -8.97
CA PRO A 73 -11.48 23.72 -8.42
C PRO A 73 -12.04 23.63 -7.02
N ARG A 74 -12.77 22.55 -6.76
CA ARG A 74 -13.45 22.37 -5.48
C ARG A 74 -13.41 20.92 -5.05
N ALA A 75 -13.27 20.71 -3.74
CA ALA A 75 -13.32 19.40 -3.13
C ALA A 75 -14.66 19.24 -2.43
N MET A 76 -15.44 18.25 -2.86
CA MET A 76 -16.75 18.03 -2.28
C MET A 76 -16.65 17.37 -0.92
N VAL A 77 -17.63 17.66 -0.06
CA VAL A 77 -17.77 17.00 1.23
C VAL A 77 -18.91 15.98 1.11
N TYR A 78 -18.69 14.81 1.70
CA TYR A 78 -19.74 13.80 1.76
C TYR A 78 -19.35 12.80 2.84
N SER A 79 -20.29 11.90 3.16
CA SER A 79 -20.06 10.85 4.13
C SER A 79 -20.44 9.54 3.45
N GLY A 80 -20.61 8.50 4.24
CA GLY A 80 -21.07 7.23 3.69
C GLY A 80 -20.92 6.04 4.62
N HIS A 81 -21.81 5.07 4.46
CA HIS A 81 -21.64 3.77 5.11
C HIS A 81 -20.53 3.02 4.39
N GLN A 82 -19.47 2.68 5.11
CA GLN A 82 -18.35 1.93 4.58
C GLN A 82 -18.41 0.52 5.15
N PHE A 83 -18.66 -0.46 4.27
CA PHE A 83 -18.82 -1.85 4.69
C PHE A 83 -19.84 -1.97 5.80
N GLY A 84 -20.93 -1.21 5.68
CA GLY A 84 -22.05 -1.31 6.59
C GLY A 84 -22.01 -0.36 7.78
N SER A 85 -20.88 0.29 8.04
CA SER A 85 -20.72 1.16 9.19
C SER A 85 -20.62 2.61 8.74
N TYR A 86 -21.40 3.49 9.37
CA TYR A 86 -21.44 4.88 8.95
C TYR A 86 -20.14 5.59 9.32
N ASN A 87 -19.58 6.30 8.35
CA ASN A 87 -18.44 7.17 8.58
C ASN A 87 -18.89 8.62 8.44
N PRO A 88 -18.87 9.43 9.51
CA PRO A 88 -19.58 10.72 9.46
C PRO A 88 -18.94 11.76 8.56
N ARG A 89 -17.72 11.56 8.07
CA ARG A 89 -17.04 12.61 7.32
C ARG A 89 -16.01 11.99 6.38
N LEU A 90 -16.30 12.03 5.08
CA LEU A 90 -15.34 11.61 4.07
C LEU A 90 -15.03 12.80 3.17
N GLY A 91 -15.43 12.76 1.91
CA GLY A 91 -15.23 13.86 0.99
C GLY A 91 -14.12 13.57 -0.01
N ASP A 92 -13.93 14.53 -0.91
CA ASP A 92 -12.90 14.44 -1.94
C ASP A 92 -11.52 14.54 -1.31
N GLY A 93 -10.95 13.41 -0.90
CA GLY A 93 -9.65 13.40 -0.26
C GLY A 93 -8.47 13.42 -1.22
N ARG A 94 -8.69 13.07 -2.49
CA ARG A 94 -7.59 13.09 -3.45
C ARG A 94 -8.04 13.45 -4.86
N GLY A 95 -9.16 14.15 -5.01
CA GLY A 95 -9.61 14.59 -6.31
C GLY A 95 -10.32 15.92 -6.19
N LEU A 96 -10.41 16.62 -7.32
CA LEU A 96 -11.01 17.94 -7.35
C LEU A 96 -11.95 18.06 -8.54
N LEU A 97 -13.11 18.69 -8.31
CA LEU A 97 -13.98 19.13 -9.39
C LEU A 97 -13.42 20.43 -9.93
N LEU A 98 -12.54 20.31 -10.93
CA LEU A 98 -11.94 21.50 -11.54
C LEU A 98 -13.02 22.50 -11.95
N GLY A 99 -14.08 22.00 -12.57
CA GLY A 99 -15.13 22.85 -13.08
C GLY A 99 -16.10 22.02 -13.91
N GLU A 100 -17.04 22.71 -14.53
CA GLU A 100 -18.07 22.06 -15.35
C GLU A 100 -18.06 22.72 -16.71
N VAL A 101 -17.83 21.92 -17.75
CA VAL A 101 -17.74 22.41 -19.11
C VAL A 101 -19.12 22.36 -19.76
N TYR A 102 -19.43 23.40 -20.53
CA TYR A 102 -20.69 23.49 -21.26
C TYR A 102 -20.38 23.22 -22.72
N ASN A 103 -20.74 22.04 -23.21
CA ASN A 103 -20.38 21.66 -24.56
C ASN A 103 -21.38 22.20 -25.57
N ASP A 104 -21.05 22.03 -26.85
CA ASP A 104 -21.86 22.61 -27.92
C ASP A 104 -23.28 22.03 -27.93
N ALA A 105 -23.45 20.80 -27.46
CA ALA A 105 -24.77 20.20 -27.41
C ALA A 105 -25.63 20.80 -26.31
N GLY A 106 -25.08 21.66 -25.46
CA GLY A 106 -25.82 22.22 -24.36
C GLY A 106 -25.76 21.42 -23.08
N GLU A 107 -24.83 20.47 -22.97
CA GLU A 107 -24.70 19.63 -21.80
C GLU A 107 -23.62 20.16 -20.86
N HIS A 108 -23.82 19.94 -19.56
CA HIS A 108 -22.81 20.21 -18.55
C HIS A 108 -22.06 18.92 -18.24
N TRP A 109 -20.74 18.99 -18.19
CA TRP A 109 -19.90 17.83 -17.86
C TRP A 109 -18.89 18.22 -16.79
N ASP A 110 -18.90 17.48 -15.69
CA ASP A 110 -17.91 17.69 -14.64
C ASP A 110 -16.52 17.33 -15.15
N LEU A 111 -15.54 18.12 -14.73
CA LEU A 111 -14.13 17.80 -14.93
C LEU A 111 -13.53 17.51 -13.55
N HIS A 112 -13.42 16.24 -13.21
CA HIS A 112 -12.86 15.83 -11.93
C HIS A 112 -11.48 15.24 -12.17
N LEU A 113 -10.47 15.85 -11.54
CA LEU A 113 -9.08 15.41 -11.66
C LEU A 113 -8.75 14.55 -10.44
N LYS A 114 -8.66 13.25 -10.64
CA LYS A 114 -8.46 12.30 -9.56
C LYS A 114 -6.97 12.07 -9.35
N GLY A 115 -6.52 12.21 -8.11
CA GLY A 115 -5.10 12.23 -7.80
C GLY A 115 -4.48 13.61 -7.77
N ALA A 116 -5.28 14.65 -7.54
CA ALA A 116 -4.83 16.02 -7.72
C ALA A 116 -4.06 16.57 -6.53
N GLY A 117 -4.14 15.93 -5.37
CA GLY A 117 -3.38 16.36 -4.22
C GLY A 117 -4.21 16.37 -2.96
N ARG A 118 -3.58 16.76 -1.86
CA ARG A 118 -4.23 16.78 -0.56
C ARG A 118 -5.32 17.85 -0.51
N THR A 119 -6.31 17.60 0.34
CA THR A 119 -7.44 18.51 0.53
C THR A 119 -7.82 18.50 2.01
N PRO A 120 -8.77 19.34 2.44
CA PRO A 120 -9.24 19.27 3.84
C PRO A 120 -9.83 17.92 4.21
N TYR A 121 -10.12 17.04 3.25
CA TYR A 121 -10.76 15.78 3.53
C TYR A 121 -9.82 14.59 3.38
N SER A 122 -8.52 14.83 3.21
CA SER A 122 -7.57 13.75 2.95
C SER A 122 -7.29 12.93 4.20
N ARG A 123 -7.57 13.46 5.39
CA ARG A 123 -7.13 12.83 6.64
C ARG A 123 -5.62 12.56 6.53
N MET A 124 -5.20 11.31 6.69
CA MET A 124 -3.77 11.00 6.65
C MET A 124 -3.27 10.63 5.26
N GLY A 125 -4.15 10.63 4.25
CA GLY A 125 -3.73 10.25 2.92
C GLY A 125 -2.87 11.29 2.23
N ASP A 126 -2.15 10.84 1.20
CA ASP A 126 -1.22 11.69 0.47
C ASP A 126 -1.88 12.43 -0.68
N GLY A 127 -3.17 12.22 -0.91
CA GLY A 127 -3.88 12.91 -1.97
C GLY A 127 -3.51 12.50 -3.37
N ARG A 128 -2.92 11.32 -3.54
CA ARG A 128 -2.40 10.88 -4.82
C ARG A 128 -3.04 9.57 -5.26
N ALA A 129 -2.83 9.26 -6.53
CA ALA A 129 -3.13 7.95 -7.10
C ALA A 129 -1.91 7.50 -7.89
N VAL A 130 -1.66 6.20 -7.89
CA VAL A 130 -0.49 5.65 -8.57
C VAL A 130 -0.88 5.27 -9.99
N LEU A 131 0.13 5.02 -10.84
CA LEU A 131 -0.12 4.81 -12.26
C LEU A 131 -1.07 3.64 -12.50
N ARG A 132 -0.89 2.54 -11.78
CA ARG A 132 -1.75 1.38 -11.98
C ARG A 132 -3.20 1.71 -11.64
N SER A 133 -3.42 2.53 -10.62
CA SER A 133 -4.78 2.94 -10.27
C SER A 133 -5.40 3.77 -11.40
N SER A 134 -4.65 4.75 -11.91
CA SER A 134 -5.19 5.63 -12.94
C SER A 134 -5.45 4.86 -14.24
N ILE A 135 -4.56 3.95 -14.61
CA ILE A 135 -4.74 3.20 -15.84
C ILE A 135 -5.94 2.27 -15.75
N ARG A 136 -6.09 1.56 -14.62
CA ARG A 136 -7.22 0.66 -14.47
C ARG A 136 -8.54 1.43 -14.49
N GLU A 137 -8.60 2.57 -13.81
CA GLU A 137 -9.82 3.36 -13.79
C GLU A 137 -10.15 3.90 -15.17
N PHE A 138 -9.13 4.33 -15.91
CA PHE A 138 -9.35 4.81 -17.28
C PHE A 138 -9.88 3.68 -18.16
N LEU A 139 -9.21 2.53 -18.13
CA LEU A 139 -9.60 1.43 -19.02
C LEU A 139 -11.03 0.97 -18.72
N ALA A 140 -11.35 0.78 -17.43
CA ALA A 140 -12.67 0.27 -17.08
C ALA A 140 -13.77 1.27 -17.40
N SER A 141 -13.53 2.56 -17.14
CA SER A 141 -14.53 3.58 -17.45
C SER A 141 -14.94 3.50 -18.91
N GLU A 142 -13.96 3.50 -19.81
CA GLU A 142 -14.26 3.53 -21.24
C GLU A 142 -14.64 2.17 -21.79
N ALA A 143 -14.14 1.09 -21.18
CA ALA A 143 -14.57 -0.24 -21.60
C ALA A 143 -16.03 -0.47 -21.27
N LEU A 144 -16.46 -0.09 -20.07
CA LEU A 144 -17.86 -0.25 -19.69
C LEU A 144 -18.76 0.55 -20.61
N HIS A 145 -18.41 1.82 -20.88
CA HIS A 145 -19.22 2.64 -21.77
C HIS A 145 -19.36 1.98 -23.14
N ALA A 146 -18.25 1.47 -23.69
CA ALA A 146 -18.31 0.81 -24.98
C ALA A 146 -19.20 -0.42 -24.93
N LEU A 147 -19.29 -1.05 -23.76
CA LEU A 147 -20.18 -2.21 -23.59
C LEU A 147 -21.64 -1.82 -23.46
N GLY A 148 -21.95 -0.55 -23.25
CA GLY A 148 -23.29 -0.13 -22.97
C GLY A 148 -23.67 -0.13 -21.51
N ILE A 149 -22.70 -0.21 -20.61
CA ILE A 149 -22.94 -0.19 -19.17
C ILE A 149 -22.73 1.24 -18.68
N PRO A 150 -23.75 1.90 -18.13
CA PRO A 150 -23.56 3.28 -17.66
C PRO A 150 -22.38 3.37 -16.70
N SER A 151 -21.58 4.40 -16.89
CA SER A 151 -20.33 4.53 -16.14
C SER A 151 -19.86 5.97 -16.20
N SER A 152 -19.14 6.38 -15.16
CA SER A 152 -18.33 7.57 -15.27
C SER A 152 -17.32 7.37 -16.40
N ARG A 153 -16.96 8.46 -17.05
CA ARG A 153 -16.05 8.41 -18.19
C ARG A 153 -14.66 8.87 -17.78
N ALA A 154 -13.68 8.56 -18.61
CA ALA A 154 -12.29 8.92 -18.38
C ALA A 154 -11.72 9.48 -19.66
N ALA A 155 -11.18 10.70 -19.59
CA ALA A 155 -10.64 11.36 -20.77
C ALA A 155 -9.17 11.04 -21.01
N CYS A 156 -8.39 10.83 -19.96
CA CYS A 156 -6.95 10.65 -20.14
C CYS A 156 -6.31 10.15 -18.86
N VAL A 157 -5.09 9.63 -19.00
CA VAL A 157 -4.20 9.34 -17.88
C VAL A 157 -2.90 10.09 -18.14
N VAL A 158 -2.40 10.79 -17.12
CA VAL A 158 -1.13 11.50 -17.20
C VAL A 158 -0.19 10.93 -16.15
N SER A 159 1.02 10.57 -16.58
CA SER A 159 2.00 9.97 -15.70
C SER A 159 2.92 11.05 -15.13
N SER A 160 3.82 10.63 -14.24
CA SER A 160 4.77 11.54 -13.62
C SER A 160 5.87 10.69 -12.99
N ASN A 161 6.91 11.37 -12.50
CA ASN A 161 7.92 10.72 -11.68
C ASN A 161 7.92 11.31 -10.27
N THR A 162 6.75 11.73 -9.80
CA THR A 162 6.58 12.09 -8.40
C THR A 162 6.47 10.82 -7.57
N PRO A 163 7.38 10.58 -6.63
CA PRO A 163 7.31 9.32 -5.87
C PRO A 163 6.07 9.24 -5.01
N VAL A 164 5.51 8.03 -4.92
CA VAL A 164 4.38 7.74 -4.04
C VAL A 164 4.57 6.34 -3.48
N TRP A 165 4.48 6.21 -2.15
CA TRP A 165 4.65 4.92 -1.50
C TRP A 165 3.28 4.28 -1.25
N ARG A 166 3.15 3.01 -1.65
CA ARG A 166 1.98 2.22 -1.33
C ARG A 166 2.50 0.98 -0.61
N GLU A 167 2.52 -0.18 -1.27
CA GLU A 167 3.28 -1.32 -0.75
C GLU A 167 4.76 -1.13 -1.02
N LYS A 168 5.10 -0.73 -2.23
CA LYS A 168 6.47 -0.41 -2.62
C LYS A 168 6.51 1.02 -3.17
N GLN A 169 7.64 1.37 -3.78
CA GLN A 169 7.79 2.66 -4.42
C GLN A 169 7.02 2.65 -5.74
N GLU A 170 6.09 3.60 -5.89
CA GLU A 170 5.34 3.78 -7.13
C GLU A 170 5.37 5.27 -7.50
N TYR A 171 4.66 5.62 -8.58
CA TYR A 171 4.72 6.98 -9.11
C TYR A 171 3.31 7.51 -9.34
N ALA A 172 3.14 8.80 -9.04
CA ALA A 172 1.82 9.41 -9.09
C ALA A 172 1.35 9.57 -10.53
N ALA A 173 0.04 9.42 -10.70
CA ALA A 173 -0.62 9.72 -11.96
C ALA A 173 -1.99 10.29 -11.64
N MET A 174 -2.58 10.96 -12.63
CA MET A 174 -3.93 11.48 -12.51
C MET A 174 -4.76 10.98 -13.68
N VAL A 175 -6.06 10.81 -13.42
CA VAL A 175 -7.03 10.48 -14.44
C VAL A 175 -8.08 11.58 -14.44
N LEU A 176 -8.45 12.05 -15.63
CA LEU A 176 -9.50 13.06 -15.76
C LEU A 176 -10.83 12.31 -15.90
N ARG A 177 -11.62 12.31 -14.84
CA ARG A 177 -12.93 11.66 -14.85
C ARG A 177 -13.99 12.65 -15.29
N LEU A 178 -14.83 12.24 -16.22
CA LEU A 178 -15.94 13.04 -16.70
C LEU A 178 -17.25 12.36 -16.30
N ALA A 179 -18.17 13.16 -15.77
CA ALA A 179 -19.52 12.68 -15.49
C ALA A 179 -20.41 13.91 -15.37
N GLN A 180 -21.71 13.69 -15.52
CA GLN A 180 -22.63 14.81 -15.40
C GLN A 180 -22.98 15.13 -13.95
N SER A 181 -22.46 14.34 -13.00
CA SER A 181 -22.58 14.67 -11.59
C SER A 181 -21.58 13.83 -10.81
N HIS A 182 -21.04 14.43 -9.75
CA HIS A 182 -20.24 13.69 -8.76
C HIS A 182 -20.95 13.60 -7.43
N VAL A 183 -22.25 13.90 -7.38
CA VAL A 183 -23.03 13.69 -6.18
C VAL A 183 -23.26 12.20 -5.98
N ARG A 184 -23.16 11.76 -4.73
CA ARG A 184 -23.34 10.36 -4.37
C ARG A 184 -24.42 10.25 -3.31
N PHE A 185 -24.90 9.01 -3.09
CA PHE A 185 -25.80 8.77 -1.97
C PHE A 185 -25.23 9.43 -0.72
N GLY A 186 -23.93 9.25 -0.48
CA GLY A 186 -23.29 9.80 0.70
C GLY A 186 -23.27 11.31 0.76
N SER A 187 -23.41 11.98 -0.39
CA SER A 187 -23.52 13.43 -0.37
C SER A 187 -24.76 13.87 0.40
N LEU A 188 -25.87 13.17 0.19
CA LEU A 188 -27.11 13.49 0.88
C LEU A 188 -27.10 12.97 2.31
N GLU A 189 -26.50 11.81 2.55
CA GLU A 189 -26.40 11.30 3.91
C GLU A 189 -25.69 12.29 4.82
N TYR A 190 -24.60 12.91 4.34
CA TYR A 190 -23.85 13.84 5.15
C TYR A 190 -24.72 14.98 5.65
N LEU A 191 -25.44 15.62 4.73
CA LEU A 191 -26.28 16.75 5.11
C LEU A 191 -27.46 16.31 5.97
N PHE A 192 -27.94 15.08 5.78
CA PHE A 192 -29.02 14.57 6.60
C PHE A 192 -28.56 14.33 8.03
N TYR A 193 -27.45 13.60 8.19
CA TYR A 193 -27.01 13.18 9.51
C TYR A 193 -26.34 14.29 10.31
N THR A 194 -25.79 15.30 9.64
CA THR A 194 -25.33 16.49 10.35
C THR A 194 -26.46 17.47 10.62
N LYS A 195 -27.69 17.12 10.24
CA LYS A 195 -28.87 17.93 10.50
C LYS A 195 -28.68 19.37 10.02
N GLN A 196 -28.46 19.49 8.70
CA GLN A 196 -28.42 20.77 8.01
C GLN A 196 -29.59 20.77 7.02
N PRO A 197 -30.81 21.01 7.50
CA PRO A 197 -31.98 20.80 6.64
C PRO A 197 -32.04 21.75 5.46
N GLU A 198 -31.58 22.99 5.63
CA GLU A 198 -31.61 23.95 4.51
C GLU A 198 -30.68 23.48 3.39
N HIS A 199 -29.46 23.07 3.74
CA HIS A 199 -28.50 22.66 2.74
C HIS A 199 -28.88 21.32 2.12
N LEU A 200 -29.42 20.39 2.92
CA LEU A 200 -29.92 19.14 2.37
C LEU A 200 -30.96 19.40 1.28
N LYS A 201 -31.86 20.35 1.53
CA LYS A 201 -32.88 20.68 0.54
C LYS A 201 -32.26 21.33 -0.69
N THR A 202 -31.25 22.17 -0.51
CA THR A 202 -30.59 22.81 -1.64
C THR A 202 -29.92 21.78 -2.53
N LEU A 203 -29.31 20.75 -1.94
CA LEU A 203 -28.64 19.72 -2.73
C LEU A 203 -29.65 18.85 -3.46
N ALA A 204 -30.70 18.40 -2.75
CA ALA A 204 -31.75 17.62 -3.39
C ALA A 204 -32.41 18.41 -4.52
N GLU A 205 -32.59 19.72 -4.33
CA GLU A 205 -33.15 20.55 -5.38
C GLU A 205 -32.18 20.71 -6.54
N HIS A 206 -30.88 20.70 -6.27
CA HIS A 206 -29.89 20.73 -7.34
C HIS A 206 -29.96 19.46 -8.18
N VAL A 207 -29.93 18.31 -7.53
CA VAL A 207 -30.06 17.04 -8.24
C VAL A 207 -31.38 16.99 -9.01
N LEU A 208 -32.46 17.44 -8.37
CA LEU A 208 -33.78 17.38 -8.99
C LEU A 208 -33.82 18.21 -10.27
N THR A 209 -33.41 19.48 -10.19
CA THR A 209 -33.58 20.38 -11.33
C THR A 209 -32.60 20.04 -12.45
N MET A 210 -31.37 19.67 -12.12
CA MET A 210 -30.37 19.44 -13.14
C MET A 210 -30.42 18.04 -13.74
N HIS A 211 -30.95 17.06 -13.02
CA HIS A 211 -30.86 15.67 -13.45
C HIS A 211 -32.17 14.90 -13.47
N TYR A 212 -33.19 15.36 -12.75
CA TYR A 212 -34.50 14.72 -12.82
C TYR A 212 -35.59 15.80 -12.92
N PRO A 213 -35.43 16.76 -13.85
CA PRO A 213 -36.34 17.91 -13.86
C PRO A 213 -37.79 17.54 -14.14
N HIS A 214 -38.04 16.46 -14.89
CA HIS A 214 -39.41 16.05 -15.15
C HIS A 214 -40.18 15.77 -13.86
N CYS A 215 -39.47 15.47 -12.77
CA CYS A 215 -40.12 15.18 -11.50
C CYS A 215 -40.64 16.41 -10.78
N GLN A 216 -40.22 17.61 -11.19
CA GLN A 216 -40.61 18.82 -10.47
C GLN A 216 -42.10 19.10 -10.58
N GLU A 217 -42.74 18.62 -11.65
CA GLU A 217 -44.15 18.91 -11.86
C GLU A 217 -45.07 18.01 -11.05
N GLN A 218 -44.55 16.97 -10.42
CA GLN A 218 -45.40 15.99 -9.77
C GLN A 218 -45.68 16.38 -8.33
N PRO A 219 -46.77 15.87 -7.74
CA PRO A 219 -47.14 16.27 -6.37
C PRO A 219 -46.02 16.12 -5.35
N GLU A 220 -45.24 15.04 -5.41
CA GLU A 220 -44.11 14.80 -4.51
C GLU A 220 -42.85 14.67 -5.35
N PRO A 221 -42.23 15.78 -5.74
CA PRO A 221 -41.07 15.70 -6.65
C PRO A 221 -39.96 14.80 -6.14
N TYR A 222 -39.65 14.86 -4.83
CA TYR A 222 -38.55 14.06 -4.31
C TYR A 222 -38.89 12.58 -4.29
N LEU A 223 -40.16 12.23 -4.15
CA LEU A 223 -40.56 10.82 -4.28
C LEU A 223 -40.37 10.34 -5.71
N ALA A 224 -40.81 11.14 -6.68
CA ALA A 224 -40.62 10.77 -8.08
C ALA A 224 -39.15 10.64 -8.42
N MET A 225 -38.32 11.56 -7.93
CA MET A 225 -36.88 11.48 -8.16
C MET A 225 -36.31 10.18 -7.59
N PHE A 226 -36.71 9.85 -6.35
CA PHE A 226 -36.23 8.63 -5.72
C PHE A 226 -36.61 7.41 -6.55
N ARG A 227 -37.83 7.38 -7.07
CA ARG A 227 -38.24 6.28 -7.93
C ARG A 227 -37.34 6.16 -9.16
N GLU A 228 -37.02 7.30 -9.78
CA GLU A 228 -36.16 7.28 -10.96
C GLU A 228 -34.76 6.77 -10.60
N ILE A 229 -34.25 7.16 -9.43
CA ILE A 229 -32.95 6.70 -9.00
C ILE A 229 -32.98 5.19 -8.77
N VAL A 230 -34.05 4.69 -8.15
CA VAL A 230 -34.19 3.26 -7.96
C VAL A 230 -34.21 2.54 -9.30
N GLU A 231 -34.92 3.09 -10.28
CA GLU A 231 -34.96 2.47 -11.60
C GLU A 231 -33.57 2.43 -12.23
N ARG A 232 -32.89 3.57 -12.26
CA ARG A 232 -31.55 3.62 -12.85
C ARG A 232 -30.63 2.61 -12.18
N ASN A 233 -30.74 2.44 -10.86
CA ASN A 233 -29.87 1.50 -10.16
C ASN A 233 -30.19 0.06 -10.54
N ALA A 234 -31.48 -0.27 -10.66
CA ALA A 234 -31.85 -1.62 -11.07
C ALA A 234 -31.29 -1.94 -12.45
N GLU A 235 -31.39 -1.00 -13.38
CA GLU A 235 -30.81 -1.20 -14.70
C GLU A 235 -29.30 -1.37 -14.61
N LEU A 236 -28.64 -0.56 -13.78
CA LEU A 236 -27.19 -0.64 -13.65
C LEU A 236 -26.76 -2.01 -13.13
N ILE A 237 -27.34 -2.45 -12.02
CA ILE A 237 -26.94 -3.72 -11.41
C ILE A 237 -27.26 -4.87 -12.37
N ALA A 238 -28.39 -4.79 -13.07
CA ALA A 238 -28.71 -5.83 -14.04
C ALA A 238 -27.59 -5.98 -15.07
N LYS A 239 -26.99 -4.87 -15.48
CA LYS A 239 -25.90 -4.96 -16.47
C LYS A 239 -24.64 -5.52 -15.83
N TRP A 240 -24.34 -5.12 -14.59
CA TRP A 240 -23.21 -5.73 -13.87
C TRP A 240 -23.35 -7.25 -13.83
N GLN A 241 -24.48 -7.73 -13.30
CA GLN A 241 -24.67 -9.17 -13.14
C GLN A 241 -24.64 -9.89 -14.49
N ALA A 242 -25.31 -9.32 -15.49
CA ALA A 242 -25.41 -9.99 -16.78
C ALA A 242 -24.04 -10.16 -17.44
N TYR A 243 -23.12 -9.22 -17.20
CA TYR A 243 -21.84 -9.22 -17.89
C TYR A 243 -20.67 -9.47 -16.97
N GLY A 244 -20.92 -9.84 -15.71
CA GLY A 244 -19.86 -10.29 -14.84
C GLY A 244 -18.92 -9.22 -14.35
N PHE A 245 -19.43 -8.01 -14.13
CA PHE A 245 -18.61 -6.93 -13.57
C PHE A 245 -18.71 -6.97 -12.04
N CYS A 246 -17.56 -7.06 -11.37
CA CYS A 246 -17.48 -7.01 -9.93
C CYS A 246 -16.90 -5.66 -9.52
N HIS A 247 -17.66 -4.91 -8.71
CA HIS A 247 -17.22 -3.57 -8.30
C HIS A 247 -16.21 -3.64 -7.17
N GLY A 248 -16.60 -4.26 -6.05
CA GLY A 248 -15.71 -4.52 -4.93
C GLY A 248 -15.88 -3.58 -3.75
N VAL A 249 -16.39 -2.36 -3.98
CA VAL A 249 -16.50 -1.37 -2.92
C VAL A 249 -17.80 -0.60 -3.08
N MET A 250 -18.93 -1.27 -2.88
CA MET A 250 -20.23 -0.63 -3.03
C MET A 250 -20.64 0.10 -1.75
N ASN A 251 -19.75 0.93 -1.21
CA ASN A 251 -20.13 1.84 -0.14
C ASN A 251 -21.07 2.89 -0.69
N THR A 252 -21.86 3.51 0.20
CA THR A 252 -22.85 4.47 -0.24
C THR A 252 -22.21 5.74 -0.79
N ASP A 253 -20.98 6.05 -0.37
CA ASP A 253 -20.27 7.18 -0.97
C ASP A 253 -19.78 6.89 -2.38
N ASN A 254 -19.87 5.63 -2.84
CA ASN A 254 -19.50 5.26 -4.19
C ASN A 254 -20.70 5.00 -5.08
N MET A 255 -21.91 5.25 -4.58
CA MET A 255 -23.12 5.07 -5.38
C MET A 255 -23.48 6.42 -6.00
N SER A 256 -23.38 6.51 -7.32
CA SER A 256 -23.69 7.76 -8.01
C SER A 256 -25.17 8.06 -7.92
N ILE A 257 -25.51 9.34 -7.79
CA ILE A 257 -26.90 9.76 -7.80
C ILE A 257 -27.53 9.67 -9.19
N LEU A 258 -26.73 9.32 -10.20
CA LEU A 258 -27.19 9.19 -11.58
C LEU A 258 -27.35 7.74 -12.01
N GLY A 259 -26.93 6.78 -11.20
CA GLY A 259 -26.99 5.39 -11.57
C GLY A 259 -25.94 4.97 -12.58
N ILE A 260 -24.73 5.51 -12.47
CA ILE A 260 -23.61 5.12 -13.30
C ILE A 260 -22.57 4.45 -12.43
N THR A 261 -21.79 3.55 -13.03
CA THR A 261 -20.68 2.93 -12.33
C THR A 261 -19.69 3.99 -11.89
N PHE A 262 -19.24 3.93 -10.64
CA PHE A 262 -18.49 5.03 -10.06
C PHE A 262 -17.43 4.50 -9.10
N ASP A 263 -16.24 5.11 -9.19
CA ASP A 263 -15.06 4.73 -8.42
C ASP A 263 -14.60 3.32 -8.75
N PHE A 264 -13.63 3.21 -9.65
CA PHE A 264 -13.03 1.94 -10.03
C PHE A 264 -11.77 1.74 -9.20
N GLY A 265 -11.78 0.73 -8.34
CA GLY A 265 -10.62 0.37 -7.55
C GLY A 265 -10.26 -1.08 -7.75
N PRO A 266 -10.66 -1.95 -6.81
CA PRO A 266 -10.34 -3.37 -6.94
C PRO A 266 -11.36 -4.14 -7.76
N PHE A 267 -11.94 -3.50 -8.76
CA PHE A 267 -12.93 -4.16 -9.61
C PHE A 267 -12.29 -5.33 -10.35
N ALA A 268 -13.14 -6.17 -10.94
CA ALA A 268 -12.67 -7.20 -11.84
C ALA A 268 -13.82 -7.69 -12.70
N PHE A 269 -13.53 -7.93 -13.98
CA PHE A 269 -14.44 -8.67 -14.85
C PHE A 269 -14.21 -10.16 -14.63
N LEU A 270 -15.29 -10.91 -14.44
CA LEU A 270 -15.16 -12.34 -14.25
C LEU A 270 -14.45 -12.97 -15.44
N ASP A 271 -13.46 -13.81 -15.15
CA ASP A 271 -12.91 -14.69 -16.18
C ASP A 271 -13.75 -15.98 -16.14
N ASP A 272 -13.33 -16.96 -15.35
CA ASP A 272 -14.21 -18.08 -15.06
C ASP A 272 -15.38 -17.60 -14.22
N PHE A 273 -16.58 -18.08 -14.55
CA PHE A 273 -17.76 -17.67 -13.80
C PHE A 273 -17.68 -18.16 -12.36
N ASP A 274 -18.10 -17.30 -11.44
CA ASP A 274 -18.11 -17.64 -10.01
C ASP A 274 -19.08 -16.68 -9.33
N GLU A 275 -20.29 -17.16 -9.05
CA GLU A 275 -21.35 -16.30 -8.53
C GLU A 275 -21.00 -15.69 -7.18
N HIS A 276 -19.97 -16.18 -6.50
CA HIS A 276 -19.59 -15.67 -5.18
C HIS A 276 -18.20 -15.05 -5.18
N PHE A 277 -17.65 -14.76 -6.36
CA PHE A 277 -16.30 -14.22 -6.44
C PHE A 277 -16.18 -12.93 -5.65
N ILE A 278 -15.10 -12.80 -4.90
CA ILE A 278 -14.79 -11.61 -4.12
C ILE A 278 -13.59 -10.95 -4.79
N CYS A 279 -13.83 -9.85 -5.50
CA CYS A 279 -12.78 -9.18 -6.26
C CYS A 279 -11.91 -8.27 -5.40
N ASN A 280 -12.33 -7.97 -4.18
CA ASN A 280 -11.62 -7.05 -3.30
C ASN A 280 -10.94 -7.86 -2.19
N HIS A 281 -9.61 -7.91 -2.22
CA HIS A 281 -8.88 -8.69 -1.22
C HIS A 281 -9.09 -8.16 0.18
N SER A 282 -9.62 -6.95 0.33
CA SER A 282 -9.92 -6.39 1.64
C SER A 282 -11.35 -6.68 2.10
N ASP A 283 -12.18 -7.24 1.23
CA ASP A 283 -13.58 -7.56 1.56
C ASP A 283 -13.63 -8.93 2.24
N HIS A 284 -13.19 -8.95 3.50
CA HIS A 284 -12.96 -10.21 4.19
C HIS A 284 -14.25 -11.00 4.41
N GLU A 285 -15.38 -10.32 4.56
CA GLU A 285 -16.66 -10.98 4.78
C GLU A 285 -17.40 -11.29 3.48
N GLY A 286 -16.85 -10.91 2.33
CA GLY A 286 -17.56 -11.08 1.08
C GLY A 286 -18.80 -10.22 0.97
N ARG A 287 -18.81 -9.06 1.63
CA ARG A 287 -19.97 -8.17 1.58
C ARG A 287 -20.26 -7.75 0.14
N TYR A 288 -19.22 -7.54 -0.66
CA TYR A 288 -19.34 -7.04 -2.02
C TYR A 288 -18.98 -8.12 -3.05
N SER A 289 -19.31 -9.38 -2.74
CA SER A 289 -19.15 -10.45 -3.70
C SER A 289 -20.10 -10.25 -4.87
N PHE A 290 -19.83 -10.98 -5.95
CA PHE A 290 -20.59 -10.80 -7.19
C PHE A 290 -22.09 -10.92 -6.95
N SER A 291 -22.53 -12.00 -6.31
CA SER A 291 -23.96 -12.20 -6.11
C SER A 291 -24.55 -11.22 -5.10
N ASN A 292 -23.76 -10.80 -4.10
CA ASN A 292 -24.26 -9.86 -3.10
C ASN A 292 -24.48 -8.46 -3.66
N GLN A 293 -23.98 -8.16 -4.87
CA GLN A 293 -24.17 -6.82 -5.42
C GLN A 293 -25.64 -6.47 -5.60
N VAL A 294 -26.52 -7.46 -5.70
CA VAL A 294 -27.94 -7.22 -5.88
C VAL A 294 -28.55 -6.79 -4.54
N PRO A 295 -28.45 -7.60 -3.48
CA PRO A 295 -28.99 -7.14 -2.19
C PRO A 295 -28.29 -5.91 -1.63
N ILE A 296 -27.00 -5.72 -1.91
CA ILE A 296 -26.30 -4.53 -1.43
C ILE A 296 -26.86 -3.28 -2.08
N ALA A 297 -27.10 -3.34 -3.40
CA ALA A 297 -27.66 -2.18 -4.10
C ALA A 297 -28.99 -1.76 -3.48
N GLN A 298 -29.84 -2.73 -3.14
CA GLN A 298 -31.08 -2.41 -2.45
C GLN A 298 -30.81 -1.78 -1.09
N TRP A 299 -29.88 -2.35 -0.34
CA TRP A 299 -29.51 -1.78 0.96
C TRP A 299 -29.06 -0.34 0.81
N ASN A 300 -28.22 -0.06 -0.19
CA ASN A 300 -27.74 1.30 -0.40
C ASN A 300 -28.89 2.24 -0.74
N LEU A 301 -29.88 1.75 -1.49
CA LEU A 301 -31.04 2.58 -1.80
C LEU A 301 -31.85 2.87 -0.54
N SER A 302 -31.93 1.92 0.38
CA SER A 302 -32.58 2.19 1.66
C SER A 302 -31.82 3.27 2.44
N ALA A 303 -30.49 3.24 2.37
CA ALA A 303 -29.70 4.27 3.04
C ALA A 303 -29.94 5.63 2.41
N LEU A 304 -30.00 5.69 1.07
CA LEU A 304 -30.38 6.93 0.40
C LEU A 304 -31.77 7.38 0.86
N GLY A 305 -32.71 6.43 0.94
CA GLY A 305 -34.07 6.79 1.34
C GLY A 305 -34.11 7.46 2.70
N GLN A 306 -33.26 7.02 3.63
CA GLN A 306 -33.21 7.66 4.94
C GLN A 306 -32.97 9.16 4.81
N ALA A 307 -32.02 9.55 3.97
CA ALA A 307 -31.70 10.96 3.80
C ALA A 307 -32.87 11.76 3.23
N LEU A 308 -33.89 11.09 2.69
CA LEU A 308 -35.06 11.77 2.14
C LEU A 308 -36.26 11.73 3.07
N THR A 309 -36.13 11.14 4.25
CA THR A 309 -37.26 11.11 5.17
C THR A 309 -37.75 12.49 5.59
N PRO A 310 -36.93 13.55 5.61
CA PRO A 310 -37.49 14.89 5.87
C PRO A 310 -38.52 15.33 4.86
N PHE A 311 -38.52 14.73 3.66
CA PHE A 311 -39.40 15.16 2.57
C PHE A 311 -40.46 14.15 2.20
N VAL A 312 -40.22 12.87 2.43
CA VAL A 312 -41.11 11.81 1.97
C VAL A 312 -41.38 10.85 3.12
N SER A 313 -42.59 10.31 3.15
CA SER A 313 -42.98 9.39 4.20
C SER A 313 -42.20 8.09 4.10
N VAL A 314 -41.97 7.46 5.26
CA VAL A 314 -41.24 6.19 5.29
C VAL A 314 -41.96 5.14 4.45
N GLU A 315 -43.30 5.12 4.51
CA GLU A 315 -44.05 4.13 3.77
C GLU A 315 -43.85 4.29 2.27
N ALA A 316 -43.97 5.53 1.77
CA ALA A 316 -43.77 5.77 0.35
C ALA A 316 -42.35 5.39 -0.07
N LEU A 317 -41.36 5.81 0.71
CA LEU A 317 -39.97 5.47 0.38
C LEU A 317 -39.78 3.97 0.32
N ARG A 318 -40.29 3.24 1.32
CA ARG A 318 -40.07 1.79 1.35
C ARG A 318 -40.85 1.09 0.24
N GLU A 319 -42.02 1.62 -0.14
CA GLU A 319 -42.72 1.06 -1.28
C GLU A 319 -41.90 1.21 -2.56
N THR A 320 -41.25 2.37 -2.72
CA THR A 320 -40.43 2.58 -3.91
C THR A 320 -39.24 1.63 -3.93
N ILE A 321 -38.62 1.41 -2.76
CA ILE A 321 -37.50 0.47 -2.69
C ILE A 321 -37.94 -0.93 -3.09
N GLY A 322 -39.20 -1.28 -2.83
CA GLY A 322 -39.70 -2.58 -3.23
C GLY A 322 -39.75 -2.79 -4.72
N LEU A 323 -39.64 -1.72 -5.51
CA LEU A 323 -39.59 -1.86 -6.96
C LEU A 323 -38.24 -2.32 -7.46
N PHE A 324 -37.19 -2.22 -6.64
CA PHE A 324 -35.84 -2.50 -7.13
C PHE A 324 -35.71 -3.93 -7.63
N LEU A 325 -36.06 -4.90 -6.79
CA LEU A 325 -35.82 -6.30 -7.15
C LEU A 325 -36.60 -6.73 -8.39
N PRO A 326 -37.90 -6.47 -8.51
CA PRO A 326 -38.59 -6.86 -9.75
C PRO A 326 -38.03 -6.17 -10.97
N LEU A 327 -37.69 -4.89 -10.86
CA LEU A 327 -37.11 -4.17 -11.99
C LEU A 327 -35.75 -4.75 -12.36
N TYR A 328 -34.91 -5.05 -11.35
CA TYR A 328 -33.64 -5.71 -11.63
C TYR A 328 -33.86 -7.01 -12.39
N GLN A 329 -34.76 -7.86 -11.88
CA GLN A 329 -34.97 -9.16 -12.51
CA GLN A 329 -34.99 -9.16 -12.51
C GLN A 329 -35.48 -9.00 -13.94
N ALA A 330 -36.33 -8.02 -14.19
CA ALA A 330 -36.83 -7.77 -15.54
C ALA A 330 -35.68 -7.43 -16.48
N HIS A 331 -34.85 -6.45 -16.10
CA HIS A 331 -33.76 -6.03 -16.97
C HIS A 331 -32.69 -7.11 -17.07
N TYR A 332 -32.38 -7.78 -15.96
CA TYR A 332 -31.40 -8.87 -16.01
C TYR A 332 -31.84 -9.95 -16.97
N LEU A 333 -33.07 -10.45 -16.83
CA LEU A 333 -33.56 -11.52 -17.71
C LEU A 333 -33.56 -11.06 -19.16
N ASP A 334 -33.96 -9.81 -19.41
CA ASP A 334 -33.90 -9.28 -20.76
C ASP A 334 -32.49 -9.36 -21.32
N LEU A 335 -31.51 -8.91 -20.54
CA LEU A 335 -30.12 -8.93 -21.00
C LEU A 335 -29.64 -10.35 -21.26
N MET A 336 -29.95 -11.28 -20.34
CA MET A 336 -29.48 -12.66 -20.51
C MET A 336 -30.19 -13.34 -21.68
N ARG A 337 -31.48 -13.07 -21.87
CA ARG A 337 -32.16 -13.58 -23.05
C ARG A 337 -31.44 -13.14 -24.31
N ARG A 338 -31.05 -11.87 -24.38
CA ARG A 338 -30.34 -11.37 -25.55
C ARG A 338 -28.97 -12.03 -25.71
N ARG A 339 -28.27 -12.25 -24.59
CA ARG A 339 -26.99 -12.94 -24.67
C ARG A 339 -27.16 -14.36 -25.21
N LEU A 340 -28.32 -14.95 -24.99
CA LEU A 340 -28.64 -16.26 -25.54
C LEU A 340 -29.25 -16.20 -26.93
N GLY A 341 -29.34 -15.01 -27.52
CA GLY A 341 -29.92 -14.89 -28.84
C GLY A 341 -31.42 -15.04 -28.88
N LEU A 342 -32.09 -14.87 -27.75
CA LEU A 342 -33.54 -14.99 -27.68
C LEU A 342 -34.18 -13.61 -27.82
N THR A 343 -35.41 -13.58 -28.33
CA THR A 343 -36.05 -12.33 -28.73
C THR A 343 -37.48 -12.20 -28.23
N VAL A 344 -37.93 -13.07 -27.32
CA VAL A 344 -39.23 -12.94 -26.68
C VAL A 344 -39.11 -13.54 -25.29
N ALA A 345 -39.97 -13.08 -24.38
CA ALA A 345 -39.95 -13.55 -23.00
C ALA A 345 -40.91 -14.73 -22.85
N GLN A 346 -40.42 -15.81 -22.23
CA GLN A 346 -41.22 -16.99 -21.96
C GLN A 346 -41.05 -17.40 -20.50
N ASP A 347 -42.01 -18.18 -20.02
CA ASP A 347 -42.24 -18.30 -18.58
C ASP A 347 -41.00 -18.82 -17.84
N GLN A 348 -40.39 -19.89 -18.34
CA GLN A 348 -39.34 -20.59 -17.60
C GLN A 348 -37.94 -20.06 -17.91
N ASP A 349 -37.83 -18.87 -18.51
CA ASP A 349 -36.52 -18.37 -18.90
C ASP A 349 -35.61 -18.16 -17.70
N ASP A 350 -36.16 -17.76 -16.55
CA ASP A 350 -35.32 -17.56 -15.37
C ASP A 350 -34.66 -18.86 -14.94
N LYS A 351 -35.41 -19.97 -14.99
CA LYS A 351 -34.82 -21.26 -14.68
C LYS A 351 -33.72 -21.61 -15.67
N LEU A 352 -33.96 -21.35 -16.96
CA LEU A 352 -32.96 -21.65 -17.98
C LEU A 352 -31.65 -20.92 -17.69
N VAL A 353 -31.74 -19.63 -17.39
CA VAL A 353 -30.54 -18.86 -17.08
C VAL A 353 -29.89 -19.36 -15.80
N SER A 354 -30.69 -19.59 -14.76
CA SER A 354 -30.14 -20.02 -13.49
C SER A 354 -29.42 -21.37 -13.62
N GLN A 355 -29.99 -22.29 -14.39
CA GLN A 355 -29.37 -23.60 -14.56
C GLN A 355 -28.04 -23.49 -15.28
N LEU A 356 -27.95 -22.61 -16.28
CA LEU A 356 -26.67 -22.41 -16.97
C LEU A 356 -25.60 -21.96 -16.00
N LEU A 357 -25.93 -21.01 -15.11
CA LEU A 357 -24.94 -20.48 -14.19
C LEU A 357 -24.47 -21.53 -13.20
N GLN A 358 -25.41 -22.32 -12.65
CA GLN A 358 -25.00 -23.37 -11.72
C GLN A 358 -24.12 -24.41 -12.40
N LEU A 359 -24.35 -24.65 -13.68
CA LEU A 359 -23.48 -25.56 -14.42
C LEU A 359 -22.08 -24.96 -14.60
N MET A 360 -22.00 -23.65 -14.84
CA MET A 360 -20.71 -23.00 -14.96
C MET A 360 -19.96 -22.98 -13.63
N GLN A 361 -20.69 -22.86 -12.51
CA GLN A 361 -20.11 -22.45 -11.24
C GLN A 361 -18.76 -23.11 -10.95
N ASN A 362 -18.72 -24.44 -10.90
CA ASN A 362 -17.53 -25.16 -10.49
C ASN A 362 -16.89 -25.94 -11.64
N SER A 363 -17.09 -25.49 -12.87
CA SER A 363 -16.57 -26.19 -14.04
C SER A 363 -15.45 -25.42 -14.74
N GLY A 364 -15.07 -24.25 -14.24
CA GLY A 364 -14.04 -23.46 -14.88
C GLY A 364 -14.41 -23.09 -16.30
N VAL A 365 -15.52 -22.36 -16.47
CA VAL A 365 -16.01 -21.93 -17.77
C VAL A 365 -15.85 -20.42 -17.87
N ASP A 366 -15.23 -19.95 -18.94
CA ASP A 366 -15.07 -18.52 -19.15
C ASP A 366 -16.43 -17.91 -19.47
N TYR A 367 -16.88 -16.99 -18.61
CA TYR A 367 -18.20 -16.39 -18.77
C TYR A 367 -18.35 -15.74 -20.13
N THR A 368 -17.42 -14.83 -20.48
CA THR A 368 -17.55 -14.06 -21.71
C THR A 368 -17.46 -14.96 -22.94
N LEU A 369 -16.45 -15.83 -22.98
CA LEU A 369 -16.22 -16.65 -24.17
C LEU A 369 -17.31 -17.70 -24.37
N PHE A 370 -17.99 -18.11 -23.30
CA PHE A 370 -19.11 -19.03 -23.47
C PHE A 370 -20.17 -18.43 -24.38
N PHE A 371 -20.61 -17.21 -24.08
CA PHE A 371 -21.68 -16.59 -24.85
C PHE A 371 -21.22 -16.19 -26.24
N ARG A 372 -19.97 -15.78 -26.39
CA ARG A 372 -19.47 -15.43 -27.72
C ARG A 372 -19.43 -16.66 -28.61
N ARG A 373 -18.88 -17.76 -28.10
CA ARG A 373 -18.81 -18.99 -28.88
C ARG A 373 -20.19 -19.58 -29.11
N LEU A 374 -21.12 -19.38 -28.17
CA LEU A 374 -22.48 -19.89 -28.34
C LEU A 374 -23.13 -19.32 -29.59
N GLY A 375 -22.76 -18.11 -29.98
CA GLY A 375 -23.36 -17.46 -31.13
C GLY A 375 -22.54 -17.57 -32.40
N ASP A 376 -21.28 -17.99 -32.26
CA ASP A 376 -20.38 -18.00 -33.41
C ASP A 376 -20.66 -19.13 -34.37
N GLN A 377 -21.40 -20.14 -33.95
CA GLN A 377 -21.89 -21.22 -34.80
C GLN A 377 -23.35 -21.47 -34.48
N PRO A 378 -24.07 -22.18 -35.35
CA PRO A 378 -25.40 -22.65 -34.97
C PRO A 378 -25.35 -23.36 -33.63
N ALA A 379 -26.44 -23.24 -32.87
CA ALA A 379 -26.45 -23.69 -31.48
C ALA A 379 -25.96 -25.12 -31.34
N ALA A 380 -26.44 -26.02 -32.22
CA ALA A 380 -26.09 -27.43 -32.09
C ALA A 380 -24.57 -27.63 -32.19
N GLN A 381 -23.93 -26.97 -33.15
CA GLN A 381 -22.50 -27.16 -33.33
C GLN A 381 -21.71 -26.47 -32.22
N ALA A 382 -22.11 -25.24 -31.85
CA ALA A 382 -21.43 -24.54 -30.77
C ALA A 382 -21.52 -25.34 -29.47
N LEU A 383 -22.70 -25.89 -29.17
CA LEU A 383 -22.88 -26.62 -27.92
C LEU A 383 -22.04 -27.89 -27.89
N ARG A 384 -21.88 -28.56 -29.03
CA ARG A 384 -21.03 -29.74 -29.06
C ARG A 384 -19.58 -29.39 -28.76
N ALA A 385 -19.14 -28.18 -29.13
CA ALA A 385 -17.78 -27.75 -28.82
C ALA A 385 -17.65 -27.31 -27.37
N LEU A 386 -18.66 -26.62 -26.84
CA LEU A 386 -18.64 -26.16 -25.45
C LEU A 386 -18.87 -27.29 -24.45
N ARG A 387 -19.30 -28.46 -24.91
CA ARG A 387 -19.59 -29.58 -24.02
C ARG A 387 -18.43 -29.87 -23.08
N ASP A 388 -17.21 -29.93 -23.63
CA ASP A 388 -16.07 -30.46 -22.89
C ASP A 388 -15.65 -29.56 -21.74
N ASP A 389 -15.97 -28.27 -21.78
CA ASP A 389 -15.57 -27.36 -20.72
C ASP A 389 -16.31 -27.59 -19.42
N PHE A 390 -17.33 -28.45 -19.41
CA PHE A 390 -18.17 -28.65 -18.24
C PHE A 390 -17.85 -29.98 -17.56
N VAL A 391 -17.82 -29.95 -16.23
CA VAL A 391 -17.55 -31.16 -15.46
C VAL A 391 -18.74 -32.11 -15.51
N ASP A 392 -19.93 -31.62 -15.15
CA ASP A 392 -21.16 -32.39 -15.23
C ASP A 392 -21.64 -32.37 -16.69
N ILE A 393 -20.88 -33.05 -17.54
CA ILE A 393 -21.08 -32.92 -18.98
C ILE A 393 -22.46 -33.41 -19.40
N LYS A 394 -23.02 -34.38 -18.68
CA LYS A 394 -24.33 -34.91 -19.05
C LYS A 394 -25.47 -34.04 -18.54
N VAL A 395 -25.27 -33.34 -17.43
CA VAL A 395 -26.23 -32.32 -17.02
C VAL A 395 -26.22 -31.17 -18.03
N PHE A 396 -25.04 -30.84 -18.54
CA PHE A 396 -24.95 -29.78 -19.55
C PHE A 396 -25.69 -30.17 -20.82
N ASP A 397 -25.59 -31.44 -21.23
CA ASP A 397 -26.33 -31.89 -22.40
C ASP A 397 -27.82 -31.62 -22.23
N ASP A 398 -28.35 -31.84 -21.02
CA ASP A 398 -29.76 -31.58 -20.77
C ASP A 398 -30.08 -30.09 -20.88
N TRP A 399 -29.19 -29.24 -20.35
CA TRP A 399 -29.39 -27.80 -20.52
C TRP A 399 -29.28 -27.40 -21.98
N ALA A 400 -28.30 -27.94 -22.69
CA ALA A 400 -28.16 -27.64 -24.12
C ALA A 400 -29.42 -28.01 -24.88
N GLN A 401 -30.05 -29.14 -24.52
CA GLN A 401 -31.31 -29.53 -25.15
C GLN A 401 -32.41 -28.54 -24.81
N ALA A 402 -32.51 -28.14 -23.54
CA ALA A 402 -33.51 -27.15 -23.15
C ALA A 402 -33.29 -25.83 -23.90
N TYR A 403 -32.03 -25.46 -24.14
CA TYR A 403 -31.75 -24.22 -24.84
C TYR A 403 -32.14 -24.31 -26.31
N GLN A 404 -31.80 -25.43 -26.96
CA GLN A 404 -32.19 -25.62 -28.36
C GLN A 404 -33.69 -25.72 -28.50
N ALA A 405 -34.37 -26.34 -27.51
CA ALA A 405 -35.82 -26.35 -27.52
C ALA A 405 -36.39 -24.96 -27.30
N ARG A 406 -35.72 -24.13 -26.51
CA ARG A 406 -36.17 -22.77 -26.29
C ARG A 406 -36.04 -21.94 -27.55
N ILE A 407 -34.95 -22.11 -28.30
CA ILE A 407 -34.80 -21.42 -29.58
C ILE A 407 -35.95 -21.80 -30.51
N ALA A 408 -36.28 -23.08 -30.56
CA ALA A 408 -37.32 -23.55 -31.49
C ALA A 408 -38.71 -23.10 -31.07
N ALA A 409 -38.90 -22.74 -29.80
CA ALA A 409 -40.19 -22.27 -29.31
C ALA A 409 -40.48 -20.83 -29.71
N GLU A 410 -39.61 -20.20 -30.50
CA GLU A 410 -39.84 -18.85 -30.98
C GLU A 410 -39.26 -18.75 -32.39
N GLU A 411 -39.77 -17.78 -33.15
CA GLU A 411 -39.11 -17.42 -34.39
C GLU A 411 -37.80 -16.72 -34.06
N ASN A 412 -36.68 -17.30 -34.50
CA ASN A 412 -35.36 -16.83 -34.11
C ASN A 412 -34.54 -16.34 -35.29
N GLY A 413 -35.13 -16.25 -36.48
CA GLY A 413 -34.41 -15.79 -37.64
C GLY A 413 -33.46 -16.83 -38.19
N THR A 414 -32.70 -16.43 -39.20
CA THR A 414 -31.72 -17.30 -39.80
C THR A 414 -30.50 -17.47 -38.89
N GLU A 415 -29.69 -18.49 -39.20
CA GLU A 415 -28.48 -18.73 -38.43
C GLU A 415 -27.56 -17.51 -38.48
N GLN A 416 -27.51 -16.82 -39.62
CA GLN A 416 -26.64 -15.65 -39.73
C GLN A 416 -27.19 -14.48 -38.94
N ALA A 417 -28.50 -14.26 -38.99
CA ALA A 417 -29.11 -13.18 -38.20
C ALA A 417 -28.91 -13.44 -36.71
N ARG A 418 -29.09 -14.68 -36.27
CA ARG A 418 -28.83 -15.04 -34.88
C ARG A 418 -27.39 -14.68 -34.51
N LYS A 419 -26.43 -15.05 -35.35
CA LYS A 419 -25.03 -14.76 -35.07
C LYS A 419 -24.80 -13.27 -34.88
N GLU A 420 -25.37 -12.45 -35.77
CA GLU A 420 -25.16 -11.02 -35.69
C GLU A 420 -25.84 -10.43 -34.46
N ARG A 421 -27.06 -10.91 -34.13
CA ARG A 421 -27.74 -10.44 -32.94
C ARG A 421 -26.93 -10.75 -31.68
N MET A 422 -26.36 -11.96 -31.60
CA MET A 422 -25.65 -12.37 -30.40
C MET A 422 -24.28 -11.71 -30.31
N HIS A 423 -23.55 -11.63 -31.42
CA HIS A 423 -22.27 -10.94 -31.41
C HIS A 423 -22.41 -9.44 -31.17
N ALA A 424 -23.62 -8.88 -31.33
CA ALA A 424 -23.81 -7.47 -31.07
C ALA A 424 -23.95 -7.15 -29.58
N VAL A 425 -24.22 -8.16 -28.76
CA VAL A 425 -24.32 -7.98 -27.31
C VAL A 425 -23.35 -8.84 -26.54
N ASN A 426 -22.66 -9.78 -27.19
CA ASN A 426 -21.69 -10.63 -26.54
C ASN A 426 -20.29 -10.19 -26.94
N PRO A 427 -19.55 -9.50 -26.08
CA PRO A 427 -18.23 -9.00 -26.49
C PRO A 427 -17.26 -10.14 -26.73
N LEU A 428 -16.35 -9.91 -27.68
CA LEU A 428 -15.21 -10.80 -27.87
C LEU A 428 -14.03 -10.39 -27.00
N TYR A 429 -13.92 -9.10 -26.68
CA TYR A 429 -12.83 -8.58 -25.86
C TYR A 429 -13.43 -7.92 -24.62
N ILE A 430 -12.85 -8.23 -23.45
CA ILE A 430 -13.22 -7.57 -22.20
C ILE A 430 -11.96 -7.22 -21.44
N LEU A 431 -12.11 -6.31 -20.48
CA LEU A 431 -10.98 -5.81 -19.69
C LEU A 431 -10.66 -6.84 -18.61
N ARG A 432 -9.90 -7.86 -19.00
CA ARG A 432 -9.48 -8.89 -18.07
C ARG A 432 -8.31 -8.39 -17.23
N ASN A 433 -8.27 -8.79 -15.96
CA ASN A 433 -7.26 -8.27 -15.05
C ASN A 433 -5.85 -8.49 -15.60
N TYR A 434 -5.58 -9.67 -16.16
CA TYR A 434 -4.23 -9.96 -16.63
C TYR A 434 -3.85 -9.07 -17.81
N LEU A 435 -4.82 -8.70 -18.65
CA LEU A 435 -4.53 -7.78 -19.75
C LEU A 435 -4.21 -6.39 -19.23
N ALA A 436 -5.01 -5.88 -18.30
CA ALA A 436 -4.71 -4.58 -17.69
C ALA A 436 -3.34 -4.62 -17.03
N GLN A 437 -3.01 -5.72 -16.36
CA GLN A 437 -1.72 -5.82 -15.68
C GLN A 437 -0.57 -5.70 -16.68
N ASN A 438 -0.66 -6.39 -17.81
CA ASN A 438 0.40 -6.30 -18.81
C ASN A 438 0.57 -4.87 -19.31
N ALA A 439 -0.54 -4.16 -19.53
CA ALA A 439 -0.46 -2.76 -19.94
C ALA A 439 0.21 -1.92 -18.87
N ILE A 440 -0.07 -2.21 -17.59
CA ILE A 440 0.49 -1.44 -16.50
C ILE A 440 2.00 -1.65 -16.41
N GLU A 441 2.43 -2.91 -16.51
CA GLU A 441 3.87 -3.19 -16.47
C GLU A 441 4.62 -2.39 -17.52
N ALA A 442 4.16 -2.47 -18.77
CA ALA A 442 4.83 -1.73 -19.84
C ALA A 442 4.82 -0.23 -19.56
N ALA A 443 3.69 0.30 -19.10
CA ALA A 443 3.59 1.73 -18.83
C ALA A 443 4.49 2.16 -17.68
N GLU A 444 4.66 1.31 -16.67
CA GLU A 444 5.58 1.64 -15.58
C GLU A 444 7.03 1.64 -16.05
N LYS A 445 7.33 0.99 -17.18
CA LYS A 445 8.64 1.06 -17.80
C LYS A 445 8.74 2.20 -18.81
N GLY A 446 7.68 2.99 -18.97
CA GLY A 446 7.68 4.11 -19.89
C GLY A 446 7.14 3.81 -21.27
N ASP A 447 6.62 2.61 -21.52
CA ASP A 447 6.12 2.21 -22.82
C ASP A 447 4.60 2.17 -22.77
N TYR A 448 3.95 3.10 -23.49
CA TYR A 448 2.50 3.25 -23.45
C TYR A 448 1.82 2.61 -24.65
N GLU A 449 2.56 1.92 -25.50
CA GLU A 449 1.94 1.29 -26.67
C GLU A 449 0.86 0.29 -26.25
N GLU A 450 1.16 -0.53 -25.24
CA GLU A 450 0.24 -1.60 -24.86
C GLU A 450 -1.08 -1.03 -24.32
N VAL A 451 -1.00 -0.12 -23.35
CA VAL A 451 -2.21 0.43 -22.77
C VAL A 451 -3.06 1.10 -23.85
N ARG A 452 -2.41 1.72 -24.83
CA ARG A 452 -3.16 2.38 -25.90
C ARG A 452 -3.85 1.35 -26.80
N ARG A 453 -3.14 0.29 -27.18
CA ARG A 453 -3.75 -0.73 -28.03
C ARG A 453 -4.89 -1.44 -27.29
N LEU A 454 -4.67 -1.79 -26.02
CA LEU A 454 -5.73 -2.43 -25.24
C LEU A 454 -6.97 -1.56 -25.18
N HIS A 455 -6.79 -0.27 -24.88
CA HIS A 455 -7.91 0.66 -24.91
C HIS A 455 -8.57 0.67 -26.28
N GLN A 456 -7.77 0.72 -27.34
CA GLN A 456 -8.31 0.73 -28.70
C GLN A 456 -9.19 -0.48 -28.95
N VAL A 457 -8.69 -1.68 -28.58
CA VAL A 457 -9.44 -2.90 -28.84
C VAL A 457 -10.80 -2.85 -28.14
N LEU A 458 -10.83 -2.33 -26.91
CA LEU A 458 -12.06 -2.32 -26.13
C LEU A 458 -13.04 -1.24 -26.56
N CYS A 459 -12.63 -0.31 -27.44
CA CYS A 459 -13.57 0.66 -27.98
C CYS A 459 -14.62 -0.01 -28.86
N THR A 460 -14.28 -1.15 -29.47
CA THR A 460 -15.23 -1.92 -30.29
C THR A 460 -15.16 -3.37 -29.82
N PRO A 461 -15.68 -3.65 -28.62
CA PRO A 461 -15.47 -4.98 -28.03
C PRO A 461 -16.29 -6.08 -28.69
N PHE A 462 -17.29 -5.73 -29.49
CA PHE A 462 -18.13 -6.72 -30.15
C PHE A 462 -17.65 -7.07 -31.54
N THR A 463 -16.61 -6.40 -32.03
CA THR A 463 -16.16 -6.54 -33.41
C THR A 463 -14.79 -7.21 -33.44
N GLU A 464 -14.68 -8.31 -34.19
CA GLU A 464 -13.40 -8.98 -34.34
C GLU A 464 -12.43 -8.06 -35.06
N GLN A 465 -11.21 -7.99 -34.55
CA GLN A 465 -10.19 -7.09 -35.08
C GLN A 465 -8.97 -7.88 -35.50
N PRO A 466 -8.40 -7.62 -36.68
CA PRO A 466 -7.28 -8.44 -37.16
C PRO A 466 -6.04 -8.27 -36.28
N GLY A 467 -5.40 -9.41 -35.98
CA GLY A 467 -4.20 -9.41 -35.18
C GLY A 467 -4.40 -9.24 -33.69
N MET A 468 -5.64 -9.08 -33.23
CA MET A 468 -5.93 -8.88 -31.81
C MET A 468 -6.37 -10.18 -31.13
N GLU A 469 -6.04 -11.33 -31.71
CA GLU A 469 -6.47 -12.61 -31.13
C GLU A 469 -6.00 -12.75 -29.70
N GLY A 470 -4.84 -12.16 -29.36
CA GLY A 470 -4.33 -12.27 -28.00
C GLY A 470 -5.25 -11.65 -26.95
N TYR A 471 -6.02 -10.64 -27.35
CA TYR A 471 -6.92 -9.97 -26.42
C TYR A 471 -8.22 -10.72 -26.19
N ALA A 472 -8.54 -11.70 -27.03
CA ALA A 472 -9.72 -12.52 -26.85
C ALA A 472 -9.44 -13.81 -26.09
N GLN A 473 -8.21 -14.01 -25.62
CA GLN A 473 -7.82 -15.24 -24.97
C GLN A 473 -8.22 -15.27 -23.51
N ARG A 474 -8.55 -16.47 -23.02
CA ARG A 474 -8.68 -16.68 -21.59
C ARG A 474 -7.37 -16.28 -20.90
N PRO A 475 -7.42 -15.99 -19.61
CA PRO A 475 -6.18 -15.73 -18.88
C PRO A 475 -5.25 -16.93 -18.97
N PRO A 476 -3.94 -16.70 -19.12
CA PRO A 476 -2.99 -17.82 -19.27
C PRO A 476 -2.76 -18.59 -17.98
N SER B 1 17.25 -18.67 36.39
CA SER B 1 18.11 -18.14 35.29
C SER B 1 17.36 -17.14 34.44
N MET B 2 16.04 -17.26 34.40
CA MET B 2 15.22 -16.26 33.71
C MET B 2 15.36 -14.92 34.43
N LYS B 3 15.72 -13.89 33.67
CA LYS B 3 16.24 -12.66 34.26
C LYS B 3 15.35 -11.47 33.94
N ALA B 4 15.65 -10.35 34.59
CA ALA B 4 14.93 -9.11 34.40
C ALA B 4 15.45 -8.38 33.17
N LEU B 5 14.68 -7.39 32.72
CA LEU B 5 15.02 -6.67 31.50
C LEU B 5 16.35 -5.94 31.64
N ASP B 6 16.61 -5.35 32.80
CA ASP B 6 17.85 -4.62 33.02
C ASP B 6 19.02 -5.54 33.37
N GLU B 7 18.84 -6.86 33.28
CA GLU B 7 19.92 -7.80 33.50
C GLU B 7 20.50 -8.36 32.20
N LEU B 8 19.90 -8.04 31.05
CA LEU B 8 20.43 -8.52 29.78
C LEU B 8 21.83 -7.96 29.57
N VAL B 9 22.70 -8.77 28.98
CA VAL B 9 24.07 -8.40 28.67
C VAL B 9 24.20 -8.22 27.17
N PHE B 10 24.77 -7.10 26.76
CA PHE B 10 24.98 -6.80 25.35
C PHE B 10 26.44 -6.94 24.99
N ASP B 11 26.69 -7.40 23.75
CA ASP B 11 28.04 -7.49 23.19
C ASP B 11 27.88 -7.22 21.69
N ASN B 12 27.94 -5.93 21.32
CA ASN B 12 27.56 -5.48 19.99
C ASN B 12 28.75 -5.62 19.04
N ARG B 13 28.94 -6.84 18.55
CA ARG B 13 30.14 -7.16 17.79
C ARG B 13 30.09 -6.55 16.39
N PHE B 14 28.92 -6.52 15.77
CA PHE B 14 28.83 -5.95 14.42
C PHE B 14 28.98 -4.44 14.45
N ALA B 15 28.43 -3.79 15.47
CA ALA B 15 28.62 -2.34 15.61
C ALA B 15 30.10 -1.99 15.64
N ARG B 16 30.92 -2.78 16.34
CA ARG B 16 32.34 -2.48 16.46
C ARG B 16 33.08 -2.61 15.13
N LEU B 17 32.45 -3.16 14.09
CA LEU B 17 33.11 -3.24 12.79
C LEU B 17 33.23 -1.87 12.13
N GLY B 18 32.39 -0.91 12.51
CA GLY B 18 32.56 0.47 12.09
C GLY B 18 31.47 0.92 11.13
N ASP B 19 31.63 2.15 10.66
CA ASP B 19 30.62 2.83 9.85
C ASP B 19 30.59 2.37 8.40
N ALA B 20 31.53 1.52 7.98
CA ALA B 20 31.51 1.02 6.60
C ALA B 20 30.50 -0.10 6.41
N PHE B 21 30.03 -0.71 7.50
CA PHE B 21 29.12 -1.84 7.41
C PHE B 21 27.72 -1.53 7.93
N SER B 22 27.57 -0.51 8.77
CA SER B 22 26.27 -0.13 9.31
C SER B 22 26.35 1.32 9.77
N THR B 23 25.18 1.91 9.98
CA THR B 23 25.06 3.30 10.35
C THR B 23 24.17 3.43 11.58
N HIS B 24 24.61 4.27 12.53
CA HIS B 24 23.83 4.46 13.74
C HIS B 24 22.54 5.23 13.44
N VAL B 25 21.43 4.71 13.95
CA VAL B 25 20.13 5.36 13.82
C VAL B 25 19.31 5.01 15.05
N LEU B 26 18.50 5.99 15.52
CA LEU B 26 17.63 5.69 16.65
C LEU B 26 16.25 5.27 16.16
N PRO B 27 15.58 4.36 16.87
CA PRO B 27 14.20 4.03 16.51
C PRO B 27 13.30 5.25 16.63
N GLU B 28 12.31 5.34 15.73
CA GLU B 28 11.28 6.36 15.81
C GLU B 28 10.05 5.74 16.45
N PRO B 29 9.69 6.11 17.68
CA PRO B 29 8.66 5.37 18.40
C PRO B 29 7.27 5.48 17.76
N ILE B 30 6.40 4.54 18.14
CA ILE B 30 5.00 4.54 17.74
C ILE B 30 4.15 4.58 19.01
N ASP B 31 2.94 5.13 18.87
CA ASP B 31 2.17 5.59 20.02
C ASP B 31 1.23 4.52 20.55
N ALA B 32 1.01 4.57 21.87
CA ALA B 32 0.07 3.68 22.56
C ALA B 32 0.41 2.22 22.29
N PRO B 33 1.61 1.78 22.65
CA PRO B 33 2.02 0.39 22.33
C PRO B 33 1.36 -0.63 23.26
N ARG B 34 0.92 -1.73 22.65
CA ARG B 34 0.39 -2.88 23.37
C ARG B 34 1.08 -4.14 22.87
N LEU B 35 1.24 -5.11 23.76
CA LEU B 35 1.78 -6.41 23.38
C LEU B 35 0.70 -7.22 22.70
N VAL B 36 0.93 -7.56 21.42
CA VAL B 36 -0.03 -8.38 20.70
C VAL B 36 0.15 -9.85 21.04
N VAL B 37 1.39 -10.35 20.90
CA VAL B 37 1.67 -11.76 21.17
C VAL B 37 3.18 -11.90 21.35
N ALA B 38 3.60 -12.92 22.09
CA ALA B 38 5.00 -13.18 22.35
C ALA B 38 5.23 -14.69 22.34
N SER B 39 6.46 -15.08 22.00
CA SER B 39 6.85 -16.47 21.90
C SER B 39 7.72 -16.85 23.08
N GLU B 40 7.25 -17.79 23.89
CA GLU B 40 8.04 -18.26 25.02
C GLU B 40 9.37 -18.82 24.56
N SER B 41 9.36 -19.62 23.48
CA SER B 41 10.60 -20.21 22.99
C SER B 41 11.59 -19.13 22.55
N ALA B 42 11.13 -18.18 21.76
CA ALA B 42 12.00 -17.11 21.29
C ALA B 42 12.55 -16.31 22.47
N LEU B 43 11.68 -15.94 23.41
CA LEU B 43 12.13 -15.18 24.58
C LEU B 43 13.18 -15.96 25.37
N ALA B 44 13.06 -17.29 25.43
CA ALA B 44 14.02 -18.09 26.18
C ALA B 44 15.43 -17.94 25.61
N LEU B 45 15.54 -17.64 24.31
CA LEU B 45 16.86 -17.39 23.72
C LEU B 45 17.55 -16.23 24.41
N LEU B 46 16.78 -15.30 24.97
CA LEU B 46 17.32 -14.15 25.69
C LEU B 46 17.24 -14.33 27.20
N ASP B 47 16.98 -15.55 27.67
CA ASP B 47 16.83 -15.81 29.11
C ASP B 47 15.71 -14.97 29.71
N LEU B 48 14.65 -14.78 28.93
CA LEU B 48 13.48 -14.03 29.37
C LEU B 48 12.25 -14.95 29.40
N ALA B 49 11.47 -14.82 30.47
CA ALA B 49 10.22 -15.55 30.59
C ALA B 49 9.08 -14.75 29.99
N PRO B 50 7.97 -15.41 29.61
CA PRO B 50 6.85 -14.66 29.03
C PRO B 50 6.30 -13.57 29.94
N GLU B 51 6.51 -13.66 31.26
CA GLU B 51 6.02 -12.63 32.16
C GLU B 51 6.73 -11.30 31.94
N GLN B 52 8.01 -11.33 31.57
CA GLN B 52 8.71 -10.08 31.30
C GLN B 52 8.16 -9.40 30.05
N SER B 53 7.65 -10.19 29.09
CA SER B 53 7.13 -9.61 27.86
C SER B 53 5.82 -8.86 28.08
N GLU B 54 5.13 -9.12 29.18
CA GLU B 54 3.88 -8.46 29.50
C GLU B 54 4.08 -7.15 30.28
N LEU B 55 5.33 -6.72 30.47
CA LEU B 55 5.61 -5.49 31.21
C LEU B 55 5.42 -4.28 30.30
N PRO B 56 4.87 -3.18 30.83
CA PRO B 56 4.85 -1.94 30.03
C PRO B 56 6.20 -1.54 29.48
N LEU B 57 7.26 -1.70 30.28
CA LEU B 57 8.60 -1.35 29.81
C LEU B 57 8.98 -2.18 28.60
N PHE B 58 8.57 -3.44 28.57
CA PHE B 58 8.88 -4.30 27.42
C PHE B 58 8.26 -3.75 26.15
N ALA B 59 6.98 -3.40 26.19
CA ALA B 59 6.31 -2.86 25.01
C ALA B 59 6.91 -1.53 24.59
N GLU B 60 7.36 -0.71 25.54
CA GLU B 60 7.94 0.58 25.21
C GLU B 60 9.29 0.41 24.50
N ILE B 61 10.14 -0.49 25.00
CA ILE B 61 11.43 -0.70 24.36
C ILE B 61 11.25 -1.14 22.91
N PHE B 62 10.39 -2.13 22.70
CA PHE B 62 10.20 -2.73 21.39
C PHE B 62 9.06 -2.09 20.61
N SER B 63 8.69 -0.86 20.96
CA SER B 63 7.99 0.04 20.07
C SER B 63 8.80 1.31 19.81
N GLY B 64 10.06 1.34 20.25
CA GLY B 64 10.98 2.41 19.91
C GLY B 64 11.03 3.57 20.88
N HIS B 65 10.49 3.42 22.09
CA HIS B 65 10.45 4.53 23.04
C HIS B 65 11.68 4.58 23.93
N LYS B 66 12.12 3.43 24.44
CA LYS B 66 13.28 3.36 25.31
C LYS B 66 14.24 2.30 24.80
N LEU B 67 15.46 2.34 25.31
CA LEU B 67 16.49 1.41 24.85
C LEU B 67 17.63 1.41 25.85
N TRP B 68 18.12 0.22 26.21
CA TRP B 68 19.28 0.12 27.08
C TRP B 68 20.39 1.03 26.60
N ALA B 69 21.08 1.66 27.55
CA ALA B 69 22.28 2.42 27.21
C ALA B 69 23.33 1.53 26.58
N GLU B 70 23.39 0.26 27.00
CA GLU B 70 24.38 -0.68 26.51
C GLU B 70 24.09 -1.16 25.10
N ALA B 71 22.93 -0.83 24.54
CA ALA B 71 22.65 -1.16 23.15
C ALA B 71 23.33 -0.15 22.24
N GLU B 72 23.23 -0.40 20.94
CA GLU B 72 23.73 0.54 19.94
C GLU B 72 22.97 0.33 18.64
N PRO B 73 21.82 0.95 18.46
CA PRO B 73 20.99 0.66 17.27
C PRO B 73 21.71 1.06 15.99
N ARG B 74 21.69 0.15 15.01
CA ARG B 74 22.41 0.35 13.76
C ARG B 74 21.58 -0.17 12.59
N ALA B 75 21.68 0.54 11.47
CA ALA B 75 21.06 0.12 10.21
C ALA B 75 22.17 -0.39 9.30
N MET B 76 22.15 -1.68 8.99
CA MET B 76 23.16 -2.26 8.12
C MET B 76 22.98 -1.77 6.69
N VAL B 77 24.09 -1.76 5.95
CA VAL B 77 24.08 -1.45 4.53
C VAL B 77 24.27 -2.76 3.77
N TYR B 78 23.49 -2.93 2.71
CA TYR B 78 23.66 -4.06 1.81
C TYR B 78 23.06 -3.69 0.46
N SER B 79 23.33 -4.54 -0.52
CA SER B 79 22.77 -4.42 -1.87
C SER B 79 22.06 -5.72 -2.20
N GLY B 80 21.70 -5.89 -3.47
CA GLY B 80 21.10 -7.14 -3.88
C GLY B 80 20.60 -7.20 -5.30
N HIS B 81 20.62 -8.39 -5.88
CA HIS B 81 19.90 -8.67 -7.12
C HIS B 81 18.42 -8.83 -6.80
N GLN B 82 17.60 -7.90 -7.26
CA GLN B 82 16.16 -7.95 -7.06
C GLN B 82 15.50 -8.42 -8.35
N PHE B 83 14.85 -9.57 -8.29
CA PHE B 83 14.23 -10.19 -9.46
C PHE B 83 15.21 -10.24 -10.63
N GLY B 84 16.47 -10.53 -10.33
CA GLY B 84 17.48 -10.71 -11.34
C GLY B 84 18.29 -9.48 -11.69
N SER B 85 17.89 -8.30 -11.23
CA SER B 85 18.57 -7.04 -11.55
C SER B 85 19.29 -6.51 -10.31
N TYR B 86 20.56 -6.17 -10.47
CA TYR B 86 21.35 -5.72 -9.33
C TYR B 86 20.91 -4.33 -8.90
N ASN B 87 20.57 -4.19 -7.62
CA ASN B 87 20.35 -2.89 -7.03
C ASN B 87 21.59 -2.50 -6.23
N PRO B 88 22.26 -1.39 -6.56
CA PRO B 88 23.57 -1.12 -5.94
C PRO B 88 23.51 -0.71 -4.48
N ARG B 89 22.35 -0.33 -3.95
CA ARG B 89 22.29 0.14 -2.57
C ARG B 89 20.90 -0.09 -2.01
N LEU B 90 20.80 -1.02 -1.05
CA LEU B 90 19.56 -1.23 -0.32
C LEU B 90 19.80 -0.88 1.14
N GLY B 91 19.92 -1.86 2.02
CA GLY B 91 20.19 -1.64 3.42
C GLY B 91 18.94 -1.74 4.28
N ASP B 92 19.16 -1.66 5.59
CA ASP B 92 18.07 -1.66 6.55
C ASP B 92 17.21 -0.41 6.38
N GLY B 93 16.19 -0.49 5.52
CA GLY B 93 15.35 0.66 5.25
C GLY B 93 14.25 0.90 6.27
N ARG B 94 13.91 -0.12 7.08
CA ARG B 94 12.82 0.04 8.04
C ARG B 94 13.02 -0.83 9.27
N GLY B 95 14.27 -1.14 9.62
CA GLY B 95 14.55 -1.91 10.81
C GLY B 95 15.94 -1.58 11.30
N LEU B 96 16.19 -1.95 12.55
CA LEU B 96 17.46 -1.63 13.18
C LEU B 96 17.96 -2.82 13.98
N LEU B 97 19.26 -3.07 13.90
CA LEU B 97 19.95 -3.97 14.83
C LEU B 97 20.15 -3.21 16.13
N LEU B 98 19.24 -3.39 17.08
CA LEU B 98 19.37 -2.71 18.37
C LEU B 98 20.68 -3.07 19.04
N GLY B 99 21.12 -4.30 18.88
CA GLY B 99 22.29 -4.80 19.58
C GLY B 99 22.29 -6.32 19.55
N GLU B 100 23.26 -6.89 20.23
CA GLU B 100 23.43 -8.34 20.29
C GLU B 100 23.49 -8.73 21.76
N VAL B 101 22.61 -9.65 22.17
CA VAL B 101 22.53 -10.10 23.55
C VAL B 101 23.37 -11.36 23.70
N TYR B 102 23.99 -11.49 24.88
CA TYR B 102 24.82 -12.63 25.22
C TYR B 102 24.09 -13.41 26.30
N ASN B 103 23.54 -14.57 25.94
CA ASN B 103 22.73 -15.32 26.88
C ASN B 103 23.61 -16.24 27.74
N ASP B 104 22.98 -16.88 28.73
CA ASP B 104 23.72 -17.68 29.69
C ASP B 104 24.38 -18.89 29.04
N ALA B 105 23.87 -19.36 27.91
CA ALA B 105 24.49 -20.46 27.19
C ALA B 105 25.73 -20.02 26.42
N GLY B 106 26.06 -18.73 26.42
CA GLY B 106 27.21 -18.25 25.69
C GLY B 106 26.95 -17.96 24.23
N GLU B 107 25.70 -17.77 23.85
CA GLU B 107 25.34 -17.48 22.47
C GLU B 107 25.06 -15.99 22.29
N HIS B 108 25.39 -15.47 21.12
CA HIS B 108 25.01 -14.14 20.71
C HIS B 108 23.74 -14.22 19.88
N TRP B 109 22.81 -13.30 20.12
CA TRP B 109 21.55 -13.24 19.37
C TRP B 109 21.27 -11.80 18.99
N ASP B 110 21.18 -11.55 17.68
CA ASP B 110 20.80 -10.22 17.20
C ASP B 110 19.42 -9.87 17.70
N LEU B 111 19.24 -8.61 18.07
CA LEU B 111 17.94 -8.03 18.37
C LEU B 111 17.65 -7.02 17.26
N HIS B 112 16.85 -7.43 16.28
CA HIS B 112 16.48 -6.57 15.15
C HIS B 112 15.03 -6.15 15.30
N LEU B 113 14.81 -4.84 15.40
CA LEU B 113 13.47 -4.28 15.55
C LEU B 113 12.98 -3.87 14.16
N LYS B 114 12.09 -4.68 13.58
CA LYS B 114 11.60 -4.45 12.23
C LYS B 114 10.38 -3.53 12.27
N GLY B 115 10.43 -2.46 11.49
CA GLY B 115 9.43 -1.40 11.57
C GLY B 115 9.81 -0.27 12.49
N ALA B 116 11.09 -0.13 12.83
CA ALA B 116 11.54 0.78 13.87
C ALA B 116 11.58 2.24 13.43
N GLY B 117 11.46 2.52 12.14
CA GLY B 117 11.47 3.88 11.65
C GLY B 117 12.39 4.05 10.46
N ARG B 118 12.49 5.29 10.00
CA ARG B 118 13.26 5.60 8.82
C ARG B 118 14.75 5.65 9.13
N THR B 119 15.55 5.43 8.09
CA THR B 119 17.00 5.36 8.21
C THR B 119 17.63 5.99 6.97
N PRO B 120 18.96 6.10 6.90
CA PRO B 120 19.59 6.58 5.66
C PRO B 120 19.32 5.68 4.45
N TYR B 121 18.73 4.51 4.64
CA TYR B 121 18.47 3.58 3.55
C TYR B 121 16.98 3.48 3.21
N SER B 122 16.14 4.32 3.82
CA SER B 122 14.70 4.23 3.58
C SER B 122 14.32 4.73 2.20
N ARG B 123 15.19 5.47 1.53
CA ARG B 123 14.81 6.18 0.30
C ARG B 123 13.52 6.95 0.56
N MET B 124 12.44 6.62 -0.15
CA MET B 124 11.17 7.33 0.01
C MET B 124 10.20 6.58 0.92
N GLY B 125 10.60 5.45 1.49
CA GLY B 125 9.72 4.69 2.35
C GLY B 125 9.52 5.35 3.69
N ASP B 126 8.49 4.89 4.39
CA ASP B 126 8.10 5.46 5.68
C ASP B 126 8.75 4.78 6.86
N GLY B 127 9.51 3.71 6.64
CA GLY B 127 10.23 3.05 7.71
C GLY B 127 9.37 2.26 8.67
N ARG B 128 8.15 1.91 8.28
CA ARG B 128 7.21 1.27 9.16
C ARG B 128 6.78 -0.09 8.62
N ALA B 129 6.25 -0.90 9.53
CA ALA B 129 5.48 -2.09 9.19
C ALA B 129 4.08 -1.93 9.78
N VAL B 130 3.11 -2.56 9.15
CA VAL B 130 1.74 -2.54 9.63
C VAL B 130 1.47 -3.82 10.41
N LEU B 131 0.42 -3.79 11.24
CA LEU B 131 0.12 -4.91 12.11
C LEU B 131 -0.03 -6.20 11.32
N ARG B 132 -0.61 -6.11 10.11
CA ARG B 132 -0.85 -7.29 9.30
C ARG B 132 0.45 -8.01 8.98
N SER B 133 1.47 -7.27 8.55
CA SER B 133 2.73 -7.91 8.15
C SER B 133 3.56 -8.33 9.36
N SER B 134 3.50 -7.57 10.46
CA SER B 134 4.23 -7.97 11.66
C SER B 134 3.69 -9.28 12.21
N ILE B 135 2.36 -9.44 12.21
CA ILE B 135 1.76 -10.66 12.72
C ILE B 135 2.15 -11.85 11.84
N ARG B 136 2.05 -11.69 10.53
CA ARG B 136 2.40 -12.79 9.64
C ARG B 136 3.86 -13.19 9.79
N GLU B 137 4.76 -12.21 9.95
CA GLU B 137 6.16 -12.52 10.12
C GLU B 137 6.41 -13.21 11.46
N PHE B 138 5.77 -12.73 12.52
CA PHE B 138 5.89 -13.41 13.81
C PHE B 138 5.41 -14.84 13.72
N LEU B 139 4.22 -15.04 13.15
CA LEU B 139 3.63 -16.38 13.10
C LEU B 139 4.48 -17.33 12.26
N ALA B 140 4.90 -16.88 11.08
CA ALA B 140 5.68 -17.73 10.19
C ALA B 140 7.03 -18.09 10.83
N SER B 141 7.72 -17.09 11.39
CA SER B 141 9.00 -17.34 12.02
C SER B 141 8.92 -18.49 13.00
N GLU B 142 7.96 -18.44 13.92
CA GLU B 142 7.87 -19.45 14.98
C GLU B 142 7.22 -20.73 14.49
N ALA B 143 6.34 -20.65 13.48
CA ALA B 143 5.73 -21.86 12.95
C ALA B 143 6.74 -22.70 12.19
N LEU B 144 7.60 -22.05 11.40
CA LEU B 144 8.65 -22.80 10.69
C LEU B 144 9.62 -23.43 11.68
N HIS B 145 9.99 -22.70 12.74
CA HIS B 145 10.92 -23.27 13.71
C HIS B 145 10.33 -24.49 14.39
N ALA B 146 9.06 -24.44 14.78
CA ALA B 146 8.43 -25.59 15.40
C ALA B 146 8.35 -26.77 14.43
N LEU B 147 8.26 -26.48 13.12
CA LEU B 147 8.29 -27.53 12.11
C LEU B 147 9.68 -28.12 11.91
N GLY B 148 10.71 -27.50 12.47
CA GLY B 148 12.07 -27.93 12.21
C GLY B 148 12.68 -27.34 10.96
N ILE B 149 12.08 -26.28 10.40
CA ILE B 149 12.62 -25.59 9.24
C ILE B 149 13.44 -24.40 9.73
N PRO B 150 14.75 -24.37 9.49
CA PRO B 150 15.55 -23.24 9.99
C PRO B 150 14.94 -21.91 9.59
N SER B 151 14.97 -20.96 10.52
CA SER B 151 14.28 -19.70 10.30
C SER B 151 14.80 -18.67 11.27
N SER B 152 14.74 -17.40 10.85
CA SER B 152 14.85 -16.32 11.81
C SER B 152 13.70 -16.45 12.81
N ARG B 153 13.96 -16.03 14.04
CA ARG B 153 12.99 -16.15 15.12
C ARG B 153 12.28 -14.82 15.34
N ALA B 154 11.15 -14.89 16.05
CA ALA B 154 10.34 -13.71 16.33
C ALA B 154 9.92 -13.79 17.79
N ALA B 155 10.28 -12.78 18.57
CA ALA B 155 10.01 -12.78 20.00
C ALA B 155 8.65 -12.18 20.33
N CYS B 156 8.19 -11.19 19.59
CA CYS B 156 6.98 -10.48 19.97
C CYS B 156 6.51 -9.60 18.84
N VAL B 157 5.23 -9.23 18.89
CA VAL B 157 4.64 -8.19 18.05
C VAL B 157 4.06 -7.13 18.98
N VAL B 158 4.31 -5.86 18.66
CA VAL B 158 3.80 -4.73 19.43
C VAL B 158 3.01 -3.85 18.48
N SER B 159 1.74 -3.63 18.81
CA SER B 159 0.85 -2.80 18.02
C SER B 159 0.88 -1.35 18.50
N SER B 160 0.23 -0.47 17.76
CA SER B 160 0.18 0.94 18.08
C SER B 160 -1.03 1.55 17.38
N ASN B 161 -1.21 2.86 17.58
CA ASN B 161 -2.21 3.62 16.82
C ASN B 161 -1.55 4.71 15.98
N THR B 162 -0.26 4.55 15.65
CA THR B 162 0.38 5.43 14.70
C THR B 162 -0.08 5.06 13.29
N PRO B 163 -0.75 5.95 12.56
CA PRO B 163 -1.27 5.58 11.25
C PRO B 163 -0.17 5.39 10.22
N VAL B 164 -0.40 4.44 9.32
CA VAL B 164 0.48 4.15 8.20
C VAL B 164 -0.38 3.90 6.98
N TRP B 165 0.01 4.48 5.84
CA TRP B 165 -0.74 4.33 4.60
C TRP B 165 -0.06 3.29 3.71
N ARG B 166 -0.84 2.29 3.28
CA ARG B 166 -0.39 1.32 2.30
C ARG B 166 -1.27 1.43 1.06
N GLU B 167 -2.17 0.47 0.85
CA GLU B 167 -3.27 0.66 -0.08
C GLU B 167 -4.48 1.27 0.61
N LYS B 168 -4.46 1.37 1.93
CA LYS B 168 -5.54 1.94 2.72
C LYS B 168 -4.93 2.44 4.02
N GLN B 169 -5.76 3.02 4.87
CA GLN B 169 -5.30 3.47 6.18
C GLN B 169 -5.09 2.27 7.09
N GLU B 170 -3.86 2.11 7.59
CA GLU B 170 -3.51 1.02 8.51
C GLU B 170 -2.69 1.59 9.66
N TYR B 171 -2.25 0.71 10.56
CA TYR B 171 -1.57 1.14 11.79
C TYR B 171 -0.24 0.43 11.94
N ALA B 172 0.73 1.16 12.48
CA ALA B 172 2.10 0.65 12.58
C ALA B 172 2.22 -0.39 13.67
N ALA B 173 3.08 -1.38 13.41
CA ALA B 173 3.47 -2.35 14.41
C ALA B 173 4.93 -2.68 14.21
N MET B 174 5.52 -3.33 15.22
CA MET B 174 6.91 -3.76 15.16
C MET B 174 6.99 -5.21 15.63
N VAL B 175 7.95 -5.94 15.06
CA VAL B 175 8.27 -7.29 15.47
C VAL B 175 9.73 -7.32 15.87
N LEU B 176 10.03 -7.96 16.99
CA LEU B 176 11.41 -8.20 17.40
C LEU B 176 11.87 -9.50 16.76
N ARG B 177 12.75 -9.40 15.77
CA ARG B 177 13.31 -10.57 15.12
C ARG B 177 14.63 -10.93 15.79
N LEU B 178 14.78 -12.21 16.14
CA LEU B 178 16.02 -12.72 16.70
C LEU B 178 16.68 -13.65 15.70
N ALA B 179 18.00 -13.50 15.57
CA ALA B 179 18.78 -14.37 14.72
C ALA B 179 20.24 -14.20 15.12
N GLN B 180 21.03 -15.22 14.84
CA GLN B 180 22.45 -15.14 15.16
C GLN B 180 23.23 -14.37 14.11
N SER B 181 22.57 -13.91 13.04
CA SER B 181 23.19 -12.99 12.09
C SER B 181 22.10 -12.41 11.20
N HIS B 182 22.29 -11.16 10.80
CA HIS B 182 21.49 -10.52 9.78
C HIS B 182 22.28 -10.23 8.51
N VAL B 183 23.48 -10.80 8.39
CA VAL B 183 24.26 -10.69 7.16
C VAL B 183 23.57 -11.51 6.07
N ARG B 184 23.46 -10.93 4.88
CA ARG B 184 22.83 -11.58 3.74
C ARG B 184 23.86 -11.72 2.62
N PHE B 185 23.50 -12.51 1.60
CA PHE B 185 24.33 -12.59 0.40
C PHE B 185 24.61 -11.18 -0.13
N GLY B 186 23.60 -10.32 -0.12
CA GLY B 186 23.75 -8.95 -0.58
C GLY B 186 24.67 -8.12 0.27
N SER B 187 24.92 -8.52 1.52
CA SER B 187 25.87 -7.80 2.35
C SER B 187 27.28 -7.90 1.76
N LEU B 188 27.65 -9.07 1.25
CA LEU B 188 28.95 -9.24 0.63
C LEU B 188 28.97 -8.71 -0.80
N GLU B 189 27.86 -8.80 -1.52
CA GLU B 189 27.79 -8.22 -2.86
C GLU B 189 28.11 -6.73 -2.82
N TYR B 190 27.52 -6.02 -1.86
CA TYR B 190 27.72 -4.58 -1.76
C TYR B 190 29.20 -4.24 -1.69
N LEU B 191 29.92 -4.84 -0.73
CA LEU B 191 31.33 -4.53 -0.55
C LEU B 191 32.16 -5.00 -1.74
N PHE B 192 31.70 -6.04 -2.44
CA PHE B 192 32.41 -6.50 -3.63
C PHE B 192 32.22 -5.52 -4.79
N TYR B 193 30.97 -5.21 -5.13
CA TYR B 193 30.70 -4.40 -6.31
C TYR B 193 31.05 -2.92 -6.11
N THR B 194 31.09 -2.44 -4.86
CA THR B 194 31.63 -1.12 -4.59
C THR B 194 33.14 -1.12 -4.48
N LYS B 195 33.78 -2.25 -4.77
CA LYS B 195 35.24 -2.36 -4.80
C LYS B 195 35.85 -1.85 -3.49
N GLN B 196 35.35 -2.39 -2.38
CA GLN B 196 35.92 -2.11 -1.07
C GLN B 196 36.59 -3.39 -0.56
N PRO B 197 37.77 -3.73 -1.08
CA PRO B 197 38.35 -5.04 -0.76
C PRO B 197 38.70 -5.21 0.71
N GLU B 198 39.24 -4.18 1.36
CA GLU B 198 39.60 -4.29 2.77
C GLU B 198 38.37 -4.56 3.62
N HIS B 199 37.27 -3.89 3.35
CA HIS B 199 36.05 -4.10 4.13
C HIS B 199 35.35 -5.40 3.76
N LEU B 200 35.41 -5.79 2.48
CA LEU B 200 34.87 -7.09 2.09
C LEU B 200 35.54 -8.21 2.90
N LYS B 201 36.87 -8.17 2.99
CA LYS B 201 37.58 -9.19 3.75
C LYS B 201 37.18 -9.16 5.22
N THR B 202 37.00 -7.96 5.78
CA THR B 202 36.61 -7.85 7.18
C THR B 202 35.26 -8.50 7.42
N LEU B 203 34.29 -8.26 6.53
CA LEU B 203 32.98 -8.88 6.67
C LEU B 203 33.07 -10.40 6.51
N ALA B 204 33.86 -10.86 5.54
CA ALA B 204 34.02 -12.30 5.35
C ALA B 204 34.68 -12.94 6.56
N GLU B 205 35.67 -12.26 7.15
CA GLU B 205 36.30 -12.78 8.37
C GLU B 205 35.31 -12.82 9.52
N HIS B 206 34.45 -11.81 9.62
CA HIS B 206 33.42 -11.81 10.67
C HIS B 206 32.53 -13.04 10.54
N VAL B 207 32.00 -13.29 9.34
CA VAL B 207 31.15 -14.46 9.14
C VAL B 207 31.92 -15.74 9.42
N LEU B 208 33.16 -15.80 8.95
CA LEU B 208 33.98 -17.01 9.10
C LEU B 208 34.19 -17.33 10.58
N THR B 209 34.71 -16.37 11.35
CA THR B 209 35.12 -16.68 12.72
C THR B 209 33.94 -16.84 13.65
N MET B 210 32.83 -16.16 13.38
CA MET B 210 31.68 -16.21 14.28
C MET B 210 30.70 -17.31 13.95
N HIS B 211 30.63 -17.75 12.69
CA HIS B 211 29.56 -18.65 12.27
C HIS B 211 30.08 -19.91 11.60
N TYR B 212 31.26 -19.84 10.99
CA TYR B 212 31.89 -21.01 10.37
C TYR B 212 33.33 -21.16 10.86
N PRO B 213 33.55 -21.08 12.18
CA PRO B 213 34.93 -21.03 12.68
C PRO B 213 35.75 -22.26 12.36
N HIS B 214 35.11 -23.43 12.24
CA HIS B 214 35.87 -24.63 11.90
C HIS B 214 36.62 -24.47 10.59
N CYS B 215 36.09 -23.67 9.67
CA CYS B 215 36.71 -23.50 8.35
C CYS B 215 38.03 -22.73 8.43
N GLN B 216 38.29 -22.05 9.54
CA GLN B 216 39.48 -21.20 9.66
C GLN B 216 40.78 -21.99 9.55
N GLU B 217 40.74 -23.30 9.80
CA GLU B 217 41.96 -24.10 9.83
C GLU B 217 42.33 -24.68 8.48
N GLN B 218 41.45 -24.63 7.49
CA GLN B 218 41.71 -25.30 6.23
C GLN B 218 42.53 -24.41 5.29
N PRO B 219 43.19 -25.01 4.29
CA PRO B 219 44.01 -24.21 3.37
C PRO B 219 43.30 -23.00 2.78
N GLU B 220 42.05 -23.14 2.35
CA GLU B 220 41.28 -22.03 1.78
C GLU B 220 40.03 -21.85 2.64
N PRO B 221 40.12 -21.08 3.73
CA PRO B 221 38.96 -20.95 4.62
C PRO B 221 37.68 -20.49 3.93
N TYR B 222 37.77 -19.57 2.98
CA TYR B 222 36.56 -19.04 2.36
C TYR B 222 35.95 -20.06 1.41
N LEU B 223 36.76 -20.92 0.80
CA LEU B 223 36.21 -22.03 0.03
C LEU B 223 35.46 -23.00 0.92
N ALA B 224 36.03 -23.34 2.09
CA ALA B 224 35.34 -24.21 3.04
C ALA B 224 34.06 -23.57 3.54
N MET B 225 34.10 -22.27 3.86
CA MET B 225 32.90 -21.57 4.31
C MET B 225 31.82 -21.59 3.23
N PHE B 226 32.19 -21.24 2.00
CA PHE B 226 31.22 -21.25 0.91
C PHE B 226 30.57 -22.62 0.76
N ARG B 227 31.35 -23.69 0.88
CA ARG B 227 30.78 -25.03 0.81
C ARG B 227 29.75 -25.24 1.93
N GLU B 228 30.04 -24.76 3.13
CA GLU B 228 29.09 -24.90 4.24
C GLU B 228 27.81 -24.13 3.94
N ILE B 229 27.94 -22.93 3.39
CA ILE B 229 26.76 -22.14 3.05
C ILE B 229 25.94 -22.84 1.98
N VAL B 230 26.61 -23.48 1.02
CA VAL B 230 25.91 -24.21 -0.04
C VAL B 230 25.15 -25.41 0.55
N GLU B 231 25.77 -26.14 1.47
CA GLU B 231 25.09 -27.26 2.11
C GLU B 231 23.85 -26.79 2.86
N ARG B 232 24.02 -25.76 3.70
CA ARG B 232 22.89 -25.27 4.49
C ARG B 232 21.75 -24.81 3.59
N ASN B 233 22.07 -24.21 2.45
CA ASN B 233 21.02 -23.78 1.54
C ASN B 233 20.32 -24.97 0.90
N ALA B 234 21.08 -26.01 0.54
CA ALA B 234 20.46 -27.22 0.03
C ALA B 234 19.51 -27.81 1.07
N GLU B 235 19.96 -27.91 2.32
CA GLU B 235 19.11 -28.42 3.37
C GLU B 235 17.89 -27.52 3.57
N LEU B 236 18.09 -26.21 3.56
CA LEU B 236 16.97 -25.28 3.73
C LEU B 236 15.94 -25.46 2.64
N ILE B 237 16.37 -25.39 1.37
CA ILE B 237 15.42 -25.45 0.26
C ILE B 237 14.71 -26.79 0.23
N ALA B 238 15.43 -27.87 0.56
CA ALA B 238 14.79 -29.18 0.62
C ALA B 238 13.60 -29.17 1.58
N LYS B 239 13.74 -28.47 2.71
CA LYS B 239 12.64 -28.37 3.66
C LYS B 239 11.49 -27.55 3.09
N TRP B 240 11.79 -26.45 2.41
CA TRP B 240 10.74 -25.65 1.78
C TRP B 240 9.91 -26.51 0.82
N GLN B 241 10.58 -27.16 -0.13
CA GLN B 241 9.86 -27.91 -1.16
C GLN B 241 9.09 -29.07 -0.56
N ALA B 242 9.66 -29.73 0.45
CA ALA B 242 9.02 -30.91 1.01
C ALA B 242 7.75 -30.56 1.79
N TYR B 243 7.71 -29.40 2.42
CA TYR B 243 6.57 -29.01 3.24
C TYR B 243 5.75 -27.88 2.62
N GLY B 244 6.00 -27.55 1.36
CA GLY B 244 5.13 -26.65 0.63
C GLY B 244 5.23 -25.19 1.04
N PHE B 245 6.40 -24.75 1.48
CA PHE B 245 6.58 -23.35 1.83
C PHE B 245 7.01 -22.55 0.61
N CYS B 246 6.27 -21.48 0.32
CA CYS B 246 6.59 -20.55 -0.75
C CYS B 246 7.07 -19.25 -0.11
N HIS B 247 8.29 -18.83 -0.46
CA HIS B 247 8.87 -17.61 0.10
C HIS B 247 8.33 -16.37 -0.61
N GLY B 248 8.51 -16.30 -1.92
CA GLY B 248 7.92 -15.26 -2.74
C GLY B 248 8.86 -14.14 -3.15
N VAL B 249 9.97 -13.95 -2.43
CA VAL B 249 10.87 -12.85 -2.70
C VAL B 249 12.30 -13.30 -2.46
N MET B 250 12.77 -14.25 -3.26
CA MET B 250 14.10 -14.82 -3.06
C MET B 250 15.18 -13.96 -3.70
N ASN B 251 15.15 -12.66 -3.46
CA ASN B 251 16.26 -11.79 -3.85
C ASN B 251 17.49 -12.14 -3.02
N THR B 252 18.67 -11.78 -3.54
CA THR B 252 19.90 -12.13 -2.86
C THR B 252 20.06 -11.37 -1.54
N ASP B 253 19.40 -10.24 -1.38
CA ASP B 253 19.43 -9.53 -0.10
C ASP B 253 18.50 -10.17 0.94
N ASN B 254 17.68 -11.13 0.55
CA ASN B 254 16.86 -11.89 1.49
C ASN B 254 17.43 -13.28 1.78
N MET B 255 18.58 -13.62 1.21
CA MET B 255 19.22 -14.91 1.47
C MET B 255 20.16 -14.76 2.67
N SER B 256 19.82 -15.41 3.77
CA SER B 256 20.66 -15.36 4.96
C SER B 256 21.98 -16.07 4.70
N ILE B 257 23.06 -15.51 5.26
CA ILE B 257 24.36 -16.15 5.18
C ILE B 257 24.44 -17.40 6.06
N LEU B 258 23.42 -17.64 6.89
CA LEU B 258 23.37 -18.81 7.76
C LEU B 258 22.50 -19.93 7.21
N GLY B 259 21.74 -19.68 6.14
CA GLY B 259 20.86 -20.69 5.61
C GLY B 259 19.58 -20.86 6.38
N ILE B 260 19.03 -19.78 6.93
CA ILE B 260 17.74 -19.79 7.60
C ILE B 260 16.75 -19.01 6.74
N THR B 261 15.48 -19.33 6.89
CA THR B 261 14.43 -18.58 6.20
C THR B 261 14.43 -17.14 6.71
N PHE B 262 14.42 -16.19 5.78
CA PHE B 262 14.64 -14.79 6.14
C PHE B 262 13.74 -13.86 5.34
N ASP B 263 13.21 -12.85 6.03
CA ASP B 263 12.25 -11.88 5.49
C ASP B 263 10.97 -12.59 5.04
N PHE B 264 9.98 -12.61 5.91
CA PHE B 264 8.66 -13.12 5.58
C PHE B 264 7.80 -11.96 5.10
N GLY B 265 7.40 -12.00 3.83
CA GLY B 265 6.52 -11.01 3.27
C GLY B 265 5.28 -11.66 2.67
N PRO B 266 5.25 -11.82 1.34
CA PRO B 266 4.09 -12.46 0.72
C PRO B 266 4.21 -13.98 0.65
N PHE B 267 4.74 -14.58 1.72
CA PHE B 267 4.91 -16.02 1.77
C PHE B 267 3.55 -16.72 1.79
N ALA B 268 3.56 -18.03 1.56
CA ALA B 268 2.37 -18.84 1.69
C ALA B 268 2.75 -20.30 1.81
N PHE B 269 2.10 -21.00 2.73
CA PHE B 269 2.11 -22.46 2.73
C PHE B 269 1.07 -22.96 1.74
N LEU B 270 1.44 -23.94 0.93
CA LEU B 270 0.49 -24.52 -0.01
C LEU B 270 -0.71 -25.10 0.73
N ASP B 271 -1.91 -24.74 0.29
CA ASP B 271 -3.10 -25.48 0.66
C ASP B 271 -3.22 -26.65 -0.30
N ASP B 272 -3.95 -26.49 -1.41
CA ASP B 272 -3.89 -27.44 -2.49
C ASP B 272 -2.50 -27.41 -3.11
N PHE B 273 -1.97 -28.59 -3.45
CA PHE B 273 -0.65 -28.63 -4.06
C PHE B 273 -0.69 -28.01 -5.46
N ASP B 274 0.33 -27.20 -5.76
CA ASP B 274 0.46 -26.57 -7.06
C ASP B 274 1.94 -26.27 -7.25
N GLU B 275 2.62 -27.11 -8.06
CA GLU B 275 4.06 -27.03 -8.18
C GLU B 275 4.52 -25.69 -8.76
N HIS B 276 3.62 -24.95 -9.41
CA HIS B 276 3.95 -23.66 -10.01
C HIS B 276 3.25 -22.50 -9.33
N PHE B 277 2.79 -22.69 -8.09
CA PHE B 277 2.10 -21.61 -7.39
C PHE B 277 2.99 -20.38 -7.26
N ILE B 278 2.42 -19.22 -7.52
CA ILE B 278 3.08 -17.93 -7.36
C ILE B 278 2.42 -17.25 -6.18
N CYS B 279 3.12 -17.24 -5.03
CA CYS B 279 2.54 -16.64 -3.83
C CYS B 279 2.64 -15.13 -3.81
N ASN B 280 3.51 -14.55 -4.65
CA ASN B 280 3.74 -13.11 -4.66
C ASN B 280 2.98 -12.50 -5.85
N HIS B 281 1.94 -11.72 -5.53
CA HIS B 281 1.16 -11.07 -6.58
C HIS B 281 1.99 -10.11 -7.42
N SER B 282 3.15 -9.68 -6.93
CA SER B 282 4.05 -8.82 -7.70
C SER B 282 5.03 -9.61 -8.56
N ASP B 283 5.12 -10.92 -8.38
CA ASP B 283 6.03 -11.76 -9.16
C ASP B 283 5.35 -12.11 -10.48
N HIS B 284 5.35 -11.13 -11.39
CA HIS B 284 4.54 -11.24 -12.60
C HIS B 284 5.09 -12.27 -13.58
N GLU B 285 6.40 -12.53 -13.54
CA GLU B 285 7.00 -13.55 -14.39
C GLU B 285 7.11 -14.90 -13.70
N GLY B 286 6.59 -15.03 -12.48
CA GLY B 286 6.72 -16.29 -11.75
C GLY B 286 8.15 -16.67 -11.44
N ARG B 287 9.03 -15.67 -11.27
CA ARG B 287 10.42 -15.96 -10.97
C ARG B 287 10.57 -16.76 -9.68
N TYR B 288 9.71 -16.49 -8.69
CA TYR B 288 9.78 -17.12 -7.37
C TYR B 288 8.60 -18.04 -7.13
N SER B 289 8.17 -18.76 -8.16
CA SER B 289 7.17 -19.80 -8.02
C SER B 289 7.74 -20.94 -7.18
N PHE B 290 6.83 -21.81 -6.72
CA PHE B 290 7.23 -22.91 -5.85
C PHE B 290 8.32 -23.75 -6.48
N SER B 291 8.11 -24.22 -7.71
CA SER B 291 9.09 -25.06 -8.36
C SER B 291 10.40 -24.31 -8.60
N ASN B 292 10.32 -23.03 -8.96
CA ASN B 292 11.52 -22.26 -9.29
C ASN B 292 12.40 -21.98 -8.07
N GLN B 293 11.92 -22.24 -6.86
CA GLN B 293 12.74 -21.95 -5.68
C GLN B 293 14.04 -22.77 -5.70
N VAL B 294 14.04 -23.90 -6.37
CA VAL B 294 15.24 -24.74 -6.42
C VAL B 294 16.27 -24.10 -7.35
N PRO B 295 15.97 -23.87 -8.62
CA PRO B 295 16.96 -23.22 -9.50
C PRO B 295 17.34 -21.82 -9.04
N ILE B 296 16.42 -21.08 -8.43
CA ILE B 296 16.73 -19.73 -7.95
C ILE B 296 17.76 -19.79 -6.83
N ALA B 297 17.60 -20.73 -5.90
CA ALA B 297 18.57 -20.87 -4.82
C ALA B 297 19.97 -21.10 -5.37
N GLN B 298 20.09 -21.89 -6.44
CA GLN B 298 21.40 -22.10 -7.05
C GLN B 298 21.91 -20.83 -7.70
N TRP B 299 21.04 -20.10 -8.40
CA TRP B 299 21.44 -18.83 -9.00
C TRP B 299 21.92 -17.86 -7.91
N ASN B 300 21.17 -17.76 -6.81
CA ASN B 300 21.58 -16.88 -5.72
C ASN B 300 22.94 -17.28 -5.15
N LEU B 301 23.23 -18.58 -5.10
CA LEU B 301 24.52 -19.02 -4.60
C LEU B 301 25.65 -18.61 -5.54
N SER B 302 25.39 -18.65 -6.85
CA SER B 302 26.38 -18.15 -7.80
C SER B 302 26.61 -16.65 -7.61
N ALA B 303 25.55 -15.91 -7.26
CA ALA B 303 25.71 -14.49 -6.97
C ALA B 303 26.60 -14.29 -5.75
N LEU B 304 26.34 -15.02 -4.68
CA LEU B 304 27.22 -14.99 -3.52
C LEU B 304 28.64 -15.36 -3.92
N GLY B 305 28.79 -16.35 -4.80
CA GLY B 305 30.11 -16.76 -5.22
C GLY B 305 30.90 -15.66 -5.88
N GLN B 306 30.23 -14.76 -6.61
CA GLN B 306 30.93 -13.63 -7.22
C GLN B 306 31.65 -12.80 -6.18
N ALA B 307 30.99 -12.54 -5.05
CA ALA B 307 31.59 -11.72 -4.00
C ALA B 307 32.82 -12.38 -3.38
N LEU B 308 33.08 -13.65 -3.67
CA LEU B 308 34.25 -14.34 -3.14
C LEU B 308 35.33 -14.56 -4.18
N THR B 309 35.15 -14.07 -5.41
CA THR B 309 36.18 -14.21 -6.43
C THR B 309 37.51 -13.57 -6.04
N PRO B 310 37.57 -12.47 -5.28
CA PRO B 310 38.89 -11.97 -4.86
C PRO B 310 39.64 -12.92 -3.95
N PHE B 311 38.99 -13.96 -3.43
CA PHE B 311 39.61 -14.89 -2.50
C PHE B 311 39.70 -16.31 -3.03
N VAL B 312 38.78 -16.73 -3.88
CA VAL B 312 38.72 -18.12 -4.35
C VAL B 312 38.62 -18.11 -5.87
N SER B 313 39.23 -19.12 -6.49
CA SER B 313 39.22 -19.23 -7.93
C SER B 313 37.81 -19.51 -8.43
N VAL B 314 37.52 -19.04 -9.65
CA VAL B 314 36.22 -19.28 -10.26
C VAL B 314 35.95 -20.78 -10.38
N GLU B 315 36.97 -21.55 -10.79
CA GLU B 315 36.78 -22.98 -10.97
C GLU B 315 36.33 -23.64 -9.67
N ALA B 316 36.93 -23.27 -8.54
CA ALA B 316 36.59 -23.90 -7.28
C ALA B 316 35.19 -23.49 -6.81
N LEU B 317 34.82 -22.22 -7.01
CA LEU B 317 33.49 -21.78 -6.61
C LEU B 317 32.41 -22.48 -7.43
N ARG B 318 32.58 -22.52 -8.76
CA ARG B 318 31.62 -23.23 -9.59
C ARG B 318 31.50 -24.68 -9.19
N GLU B 319 32.65 -25.32 -8.93
CA GLU B 319 32.65 -26.70 -8.48
C GLU B 319 31.82 -26.85 -7.21
N THR B 320 31.95 -25.91 -6.28
CA THR B 320 31.19 -25.97 -5.04
C THR B 320 29.69 -25.76 -5.30
N ILE B 321 29.36 -24.87 -6.24
CA ILE B 321 27.96 -24.66 -6.60
C ILE B 321 27.35 -25.93 -7.18
N GLY B 322 28.14 -26.72 -7.89
CA GLY B 322 27.66 -27.98 -8.43
C GLY B 322 27.22 -28.97 -7.37
N LEU B 323 27.64 -28.76 -6.12
CA LEU B 323 27.19 -29.61 -5.02
C LEU B 323 25.74 -29.35 -4.64
N PHE B 324 25.21 -28.16 -4.93
CA PHE B 324 23.90 -27.79 -4.41
C PHE B 324 22.82 -28.76 -4.86
N LEU B 325 22.72 -29.00 -6.16
CA LEU B 325 21.60 -29.79 -6.68
C LEU B 325 21.62 -31.22 -6.18
N PRO B 326 22.75 -31.96 -6.23
CA PRO B 326 22.75 -33.30 -5.63
C PRO B 326 22.41 -33.28 -4.15
N LEU B 327 22.89 -32.28 -3.41
CA LEU B 327 22.60 -32.21 -1.98
C LEU B 327 21.12 -31.91 -1.74
N TYR B 328 20.53 -31.01 -2.53
CA TYR B 328 19.11 -30.73 -2.40
C TYR B 328 18.29 -32.00 -2.63
N GLN B 329 18.58 -32.72 -3.72
CA GLN B 329 17.84 -33.94 -4.02
C GLN B 329 17.93 -34.95 -2.90
N ALA B 330 19.13 -35.13 -2.34
CA ALA B 330 19.31 -36.10 -1.27
C ALA B 330 18.46 -35.74 -0.06
N HIS B 331 18.54 -34.50 0.40
CA HIS B 331 17.76 -34.09 1.56
C HIS B 331 16.27 -34.08 1.25
N TYR B 332 15.90 -33.59 0.05
CA TYR B 332 14.48 -33.57 -0.32
C TYR B 332 13.89 -34.97 -0.29
N LEU B 333 14.51 -35.93 -0.98
CA LEU B 333 13.99 -37.28 -1.02
C LEU B 333 13.97 -37.91 0.37
N ASP B 334 14.99 -37.60 1.19
CA ASP B 334 14.98 -38.08 2.58
C ASP B 334 13.74 -37.60 3.30
N LEU B 335 13.43 -36.31 3.20
CA LEU B 335 12.26 -35.76 3.88
C LEU B 335 10.96 -36.36 3.33
N MET B 336 10.86 -36.49 2.01
CA MET B 336 9.64 -37.02 1.41
C MET B 336 9.45 -38.50 1.75
N ARG B 337 10.54 -39.26 1.77
CA ARG B 337 10.47 -40.65 2.23
C ARG B 337 9.87 -40.70 3.63
N ARG B 338 10.36 -39.83 4.53
CA ARG B 338 9.86 -39.81 5.89
C ARG B 338 8.38 -39.43 5.93
N ARG B 339 7.98 -38.47 5.10
CA ARG B 339 6.56 -38.08 5.04
C ARG B 339 5.70 -39.24 4.54
N LEU B 340 6.28 -40.16 3.78
CA LEU B 340 5.57 -41.35 3.34
C LEU B 340 5.72 -42.51 4.30
N GLY B 341 6.44 -42.32 5.41
CA GLY B 341 6.63 -43.38 6.38
C GLY B 341 7.68 -44.40 6.00
N LEU B 342 8.58 -44.06 5.08
CA LEU B 342 9.63 -44.97 4.65
C LEU B 342 10.92 -44.69 5.43
N THR B 343 11.72 -45.74 5.63
CA THR B 343 12.87 -45.66 6.51
C THR B 343 14.18 -46.11 5.86
N VAL B 344 14.20 -46.31 4.55
CA VAL B 344 15.42 -46.66 3.85
C VAL B 344 15.34 -46.12 2.43
N ALA B 345 16.49 -45.79 1.87
CA ALA B 345 16.57 -45.24 0.52
C ALA B 345 16.60 -46.38 -0.49
N GLN B 346 15.78 -46.27 -1.52
CA GLN B 346 15.76 -47.25 -2.60
C GLN B 346 15.65 -46.54 -3.93
N ASP B 347 16.18 -47.17 -4.98
CA ASP B 347 16.06 -46.61 -6.31
C ASP B 347 14.59 -46.45 -6.68
N GLN B 348 14.31 -45.48 -7.53
CA GLN B 348 12.98 -45.16 -8.03
C GLN B 348 12.15 -44.38 -7.00
N ASP B 349 12.67 -44.14 -5.80
CA ASP B 349 11.94 -43.34 -4.84
C ASP B 349 11.62 -41.96 -5.40
N ASP B 350 12.52 -41.39 -6.22
CA ASP B 350 12.25 -40.10 -6.83
C ASP B 350 11.07 -40.18 -7.78
N LYS B 351 10.94 -41.30 -8.50
CA LYS B 351 9.79 -41.50 -9.37
C LYS B 351 8.50 -41.61 -8.56
N LEU B 352 8.53 -42.38 -7.46
CA LEU B 352 7.34 -42.54 -6.64
C LEU B 352 6.86 -41.20 -6.12
N VAL B 353 7.78 -40.33 -5.72
CA VAL B 353 7.39 -39.00 -5.24
C VAL B 353 6.94 -38.13 -6.39
N SER B 354 7.68 -38.16 -7.51
CA SER B 354 7.33 -37.35 -8.66
C SER B 354 5.92 -37.66 -9.14
N GLN B 355 5.56 -38.95 -9.19
CA GLN B 355 4.24 -39.32 -9.69
C GLN B 355 3.14 -38.88 -8.73
N LEU B 356 3.40 -38.93 -7.43
CA LEU B 356 2.40 -38.47 -6.47
C LEU B 356 2.08 -37.00 -6.68
N LEU B 357 3.11 -36.18 -6.92
CA LEU B 357 2.89 -34.75 -7.09
C LEU B 357 2.12 -34.44 -8.37
N GLN B 358 2.42 -35.17 -9.46
CA GLN B 358 1.68 -34.97 -10.69
C GLN B 358 0.21 -35.36 -10.51
N LEU B 359 -0.05 -36.42 -9.73
CA LEU B 359 -1.43 -36.76 -9.41
C LEU B 359 -2.11 -35.62 -8.68
N MET B 360 -1.46 -35.06 -7.66
CA MET B 360 -2.04 -33.95 -6.92
C MET B 360 -2.28 -32.74 -7.82
N GLN B 361 -1.34 -32.48 -8.73
CA GLN B 361 -1.46 -31.31 -9.61
C GLN B 361 -2.78 -31.35 -10.37
N ASN B 362 -3.56 -30.27 -10.24
CA ASN B 362 -4.82 -30.10 -10.96
C ASN B 362 -5.92 -31.03 -10.44
N SER B 363 -5.75 -31.64 -9.28
CA SER B 363 -6.77 -32.45 -8.65
C SER B 363 -7.31 -31.86 -7.36
N GLY B 364 -6.79 -30.71 -6.93
CA GLY B 364 -7.27 -30.07 -5.73
C GLY B 364 -7.13 -30.94 -4.50
N VAL B 365 -5.89 -31.32 -4.18
CA VAL B 365 -5.61 -32.14 -3.00
C VAL B 365 -4.79 -31.29 -2.04
N ASP B 366 -5.25 -31.21 -0.80
CA ASP B 366 -4.50 -30.50 0.22
C ASP B 366 -3.17 -31.21 0.47
N TYR B 367 -2.07 -30.47 0.28
CA TYR B 367 -0.75 -31.07 0.42
C TYR B 367 -0.53 -31.62 1.83
N THR B 368 -0.77 -30.78 2.84
CA THR B 368 -0.46 -31.18 4.22
C THR B 368 -1.36 -32.32 4.68
N LEU B 369 -2.66 -32.22 4.43
CA LEU B 369 -3.60 -33.21 4.96
C LEU B 369 -3.49 -34.55 4.26
N PHE B 370 -2.99 -34.58 3.03
CA PHE B 370 -2.76 -35.86 2.36
C PHE B 370 -1.79 -36.72 3.16
N PHE B 371 -0.64 -36.15 3.54
CA PHE B 371 0.36 -36.93 4.25
C PHE B 371 -0.07 -37.21 5.68
N ARG B 372 -0.79 -36.28 6.32
CA ARG B 372 -1.27 -36.53 7.67
C ARG B 372 -2.27 -37.67 7.67
N ARG B 373 -3.21 -37.67 6.72
CA ARG B 373 -4.20 -38.74 6.65
C ARG B 373 -3.60 -40.04 6.15
N LEU B 374 -2.60 -39.97 5.27
CA LEU B 374 -1.95 -41.17 4.79
C LEU B 374 -1.39 -42.01 5.94
N GLY B 375 -1.05 -41.36 7.06
CA GLY B 375 -0.47 -42.06 8.18
C GLY B 375 -1.44 -42.30 9.33
N ASP B 376 -2.60 -41.64 9.30
CA ASP B 376 -3.55 -41.77 10.41
C ASP B 376 -4.21 -43.14 10.45
N GLN B 377 -4.21 -43.85 9.33
CA GLN B 377 -4.72 -45.21 9.26
C GLN B 377 -3.71 -46.08 8.51
N PRO B 378 -3.82 -47.40 8.61
CA PRO B 378 -3.04 -48.27 7.72
C PRO B 378 -3.18 -47.83 6.27
N ALA B 379 -2.12 -48.06 5.50
CA ALA B 379 -2.04 -47.55 4.13
C ALA B 379 -3.30 -47.90 3.33
N ALA B 380 -3.71 -49.16 3.35
CA ALA B 380 -4.82 -49.60 2.51
C ALA B 380 -6.09 -48.82 2.83
N GLN B 381 -6.40 -48.63 4.11
CA GLN B 381 -7.62 -47.94 4.50
C GLN B 381 -7.52 -46.45 4.21
N ALA B 382 -6.35 -45.86 4.47
CA ALA B 382 -6.16 -44.43 4.23
C ALA B 382 -6.23 -44.12 2.74
N LEU B 383 -5.65 -44.97 1.90
CA LEU B 383 -5.69 -44.74 0.46
C LEU B 383 -7.11 -44.86 -0.08
N ARG B 384 -7.89 -45.81 0.44
CA ARG B 384 -9.26 -45.96 -0.04
C ARG B 384 -10.10 -44.73 0.25
N ALA B 385 -9.79 -44.01 1.33
CA ALA B 385 -10.51 -42.78 1.64
C ALA B 385 -10.00 -41.60 0.81
N LEU B 386 -8.69 -41.54 0.57
CA LEU B 386 -8.10 -40.46 -0.20
C LEU B 386 -8.34 -40.59 -1.70
N ARG B 387 -8.72 -41.80 -2.17
CA ARG B 387 -9.01 -42.00 -3.59
C ARG B 387 -9.91 -40.90 -4.14
N ASP B 388 -10.99 -40.60 -3.42
CA ASP B 388 -12.04 -39.75 -3.97
C ASP B 388 -11.59 -38.32 -4.23
N ASP B 389 -10.52 -37.88 -3.59
CA ASP B 389 -10.03 -36.52 -3.79
C ASP B 389 -9.33 -36.34 -5.13
N PHE B 390 -9.01 -37.42 -5.83
CA PHE B 390 -8.21 -37.34 -7.05
C PHE B 390 -9.08 -37.49 -8.29
N VAL B 391 -8.75 -36.71 -9.32
CA VAL B 391 -9.48 -36.73 -10.58
C VAL B 391 -9.19 -38.04 -11.30
N ASP B 392 -7.96 -38.21 -11.76
CA ASP B 392 -7.54 -39.42 -12.47
C ASP B 392 -7.48 -40.56 -11.44
N ILE B 393 -8.67 -41.05 -11.08
CA ILE B 393 -8.77 -41.96 -9.94
C ILE B 393 -8.11 -43.30 -10.25
N LYS B 394 -8.12 -43.72 -11.52
CA LYS B 394 -7.44 -44.96 -11.87
C LYS B 394 -5.92 -44.80 -11.84
N VAL B 395 -5.42 -43.62 -12.20
CA VAL B 395 -3.98 -43.37 -12.12
C VAL B 395 -3.55 -43.31 -10.66
N PHE B 396 -4.43 -42.83 -9.77
CA PHE B 396 -4.12 -42.83 -8.35
C PHE B 396 -4.10 -44.24 -7.79
N ASP B 397 -5.06 -45.09 -8.21
CA ASP B 397 -5.07 -46.47 -7.75
C ASP B 397 -3.77 -47.17 -8.14
N ASP B 398 -3.24 -46.87 -9.32
CA ASP B 398 -1.93 -47.42 -9.70
C ASP B 398 -0.85 -46.93 -8.75
N TRP B 399 -0.77 -45.62 -8.53
CA TRP B 399 0.24 -45.10 -7.60
C TRP B 399 0.07 -45.69 -6.21
N ALA B 400 -1.17 -45.90 -5.78
CA ALA B 400 -1.42 -46.50 -4.47
C ALA B 400 -0.82 -47.90 -4.39
N GLN B 401 -0.92 -48.67 -5.48
CA GLN B 401 -0.28 -49.98 -5.50
C GLN B 401 1.23 -49.86 -5.44
N ALA B 402 1.80 -48.92 -6.21
CA ALA B 402 3.24 -48.71 -6.16
C ALA B 402 3.70 -48.34 -4.76
N TYR B 403 2.92 -47.49 -4.07
CA TYR B 403 3.30 -47.08 -2.72
C TYR B 403 3.23 -48.25 -1.75
N GLN B 404 2.12 -48.99 -1.76
CA GLN B 404 2.01 -50.13 -0.87
C GLN B 404 3.03 -51.20 -1.19
N ALA B 405 3.41 -51.33 -2.47
CA ALA B 405 4.49 -52.23 -2.83
C ALA B 405 5.82 -51.74 -2.28
N ARG B 406 6.04 -50.42 -2.31
CA ARG B 406 7.27 -49.86 -1.77
C ARG B 406 7.37 -50.10 -0.26
N ILE B 407 6.25 -50.02 0.44
CA ILE B 407 6.25 -50.32 1.87
C ILE B 407 6.73 -51.74 2.11
N ALA B 408 6.19 -52.69 1.35
CA ALA B 408 6.53 -54.10 1.55
C ALA B 408 7.97 -54.41 1.19
N ALA B 409 8.63 -53.54 0.41
CA ALA B 409 10.03 -53.75 0.04
C ALA B 409 11.00 -53.36 1.16
N GLU B 410 10.50 -53.03 2.34
CA GLU B 410 11.36 -52.71 3.47
C GLU B 410 10.65 -53.14 4.75
N GLU B 411 11.43 -53.38 5.79
CA GLU B 411 10.86 -53.50 7.13
C GLU B 411 10.31 -52.14 7.52
N ASN B 412 9.01 -52.09 7.83
CA ASN B 412 8.34 -50.83 8.11
C ASN B 412 7.68 -50.79 9.47
N GLY B 413 7.85 -51.83 10.29
CA GLY B 413 7.30 -51.84 11.63
C GLY B 413 5.80 -52.04 11.65
N THR B 414 5.26 -52.04 12.87
CA THR B 414 3.84 -52.21 13.08
C THR B 414 3.06 -51.00 12.56
N GLU B 415 1.75 -51.16 12.44
CA GLU B 415 0.90 -50.06 11.99
C GLU B 415 0.95 -48.90 12.97
N GLN B 416 0.99 -49.20 14.28
CA GLN B 416 1.07 -48.14 15.27
C GLN B 416 2.42 -47.43 15.21
N ALA B 417 3.50 -48.18 14.96
CA ALA B 417 4.81 -47.55 14.83
C ALA B 417 4.88 -46.67 13.60
N ARG B 418 4.32 -47.14 12.47
CA ARG B 418 4.27 -46.33 11.26
C ARG B 418 3.50 -45.04 11.51
N LYS B 419 2.33 -45.15 12.12
CA LYS B 419 1.50 -43.97 12.37
C LYS B 419 2.26 -42.92 13.17
N GLU B 420 2.98 -43.34 14.21
CA GLU B 420 3.70 -42.39 15.05
C GLU B 420 4.91 -41.81 14.32
N ARG B 421 5.60 -42.62 13.51
CA ARG B 421 6.70 -42.11 12.71
C ARG B 421 6.22 -41.05 11.74
N MET B 422 5.06 -41.25 11.13
CA MET B 422 4.58 -40.33 10.10
C MET B 422 3.97 -39.08 10.73
N HIS B 423 3.21 -39.23 11.82
CA HIS B 423 2.66 -38.07 12.51
C HIS B 423 3.73 -37.20 13.15
N ALA B 424 4.93 -37.76 13.39
CA ALA B 424 6.00 -36.96 13.96
C ALA B 424 6.65 -36.03 12.94
N VAL B 425 6.48 -36.29 11.65
CA VAL B 425 7.01 -35.42 10.61
C VAL B 425 5.93 -34.83 9.72
N ASN B 426 4.68 -35.31 9.81
CA ASN B 426 3.59 -34.78 9.02
C ASN B 426 2.73 -33.89 9.89
N PRO B 427 2.81 -32.56 9.76
CA PRO B 427 2.05 -31.70 10.67
C PRO B 427 0.55 -31.85 10.47
N LEU B 428 -0.18 -31.75 11.57
CA LEU B 428 -1.63 -31.61 11.52
C LEU B 428 -2.05 -30.16 11.36
N TYR B 429 -1.27 -29.24 11.90
CA TYR B 429 -1.58 -27.82 11.84
C TYR B 429 -0.46 -27.09 11.12
N ILE B 430 -0.81 -26.27 10.14
CA ILE B 430 0.14 -25.39 9.47
C ILE B 430 -0.43 -23.98 9.42
N LEU B 431 0.45 -23.01 9.18
CA LEU B 431 0.06 -21.61 9.12
C LEU B 431 -0.55 -21.33 7.75
N ARG B 432 -1.83 -21.64 7.62
CA ARG B 432 -2.55 -21.37 6.38
C ARG B 432 -2.91 -19.89 6.29
N ASN B 433 -2.97 -19.38 5.06
CA ASN B 433 -3.16 -17.95 4.85
C ASN B 433 -4.47 -17.47 5.46
N TYR B 434 -5.54 -18.26 5.35
CA TYR B 434 -6.83 -17.81 5.87
C TYR B 434 -6.84 -17.84 7.40
N LEU B 435 -6.06 -18.73 8.01
CA LEU B 435 -5.95 -18.71 9.47
C LEU B 435 -5.23 -17.47 9.95
N ALA B 436 -4.12 -17.11 9.30
CA ALA B 436 -3.44 -15.87 9.65
C ALA B 436 -4.34 -14.67 9.43
N GLN B 437 -5.16 -14.70 8.37
CA GLN B 437 -6.02 -13.57 8.08
C GLN B 437 -7.08 -13.38 9.16
N ASN B 438 -7.68 -14.47 9.65
CA ASN B 438 -8.65 -14.35 10.72
C ASN B 438 -8.03 -13.72 11.96
N ALA B 439 -6.82 -14.14 12.32
CA ALA B 439 -6.13 -13.56 13.46
C ALA B 439 -5.90 -12.07 13.26
N ILE B 440 -5.53 -11.67 12.03
CA ILE B 440 -5.27 -10.27 11.75
C ILE B 440 -6.54 -9.44 11.87
N GLU B 441 -7.64 -9.93 11.28
CA GLU B 441 -8.91 -9.25 11.39
C GLU B 441 -9.25 -8.97 12.86
N ALA B 442 -9.07 -9.98 13.72
CA ALA B 442 -9.37 -9.80 15.13
C ALA B 442 -8.38 -8.85 15.78
N ALA B 443 -7.09 -9.00 15.46
CA ALA B 443 -6.07 -8.15 16.06
C ALA B 443 -6.26 -6.68 15.66
N GLU B 444 -6.70 -6.45 14.42
CA GLU B 444 -6.96 -5.08 13.98
C GLU B 444 -8.16 -4.47 14.70
N LYS B 445 -9.06 -5.29 15.23
CA LYS B 445 -10.17 -4.81 16.03
C LYS B 445 -9.82 -4.68 17.50
N GLY B 446 -8.60 -5.07 17.90
CA GLY B 446 -8.17 -4.97 19.28
C GLY B 446 -8.17 -6.28 20.04
N ASP B 447 -8.72 -7.35 19.48
CA ASP B 447 -8.80 -8.64 20.15
C ASP B 447 -7.62 -9.50 19.71
N TYR B 448 -6.69 -9.75 20.63
CA TYR B 448 -5.49 -10.52 20.35
C TYR B 448 -5.61 -11.97 20.79
N GLU B 449 -6.81 -12.44 21.12
CA GLU B 449 -6.98 -13.82 21.54
C GLU B 449 -6.71 -14.78 20.39
N GLU B 450 -7.22 -14.46 19.19
CA GLU B 450 -7.09 -15.38 18.08
C GLU B 450 -5.64 -15.56 17.67
N VAL B 451 -4.90 -14.46 17.50
CA VAL B 451 -3.50 -14.56 17.11
C VAL B 451 -2.72 -15.36 18.15
N ARG B 452 -3.07 -15.23 19.42
CA ARG B 452 -2.35 -15.93 20.47
C ARG B 452 -2.65 -17.42 20.45
N ARG B 453 -3.92 -17.79 20.26
CA ARG B 453 -4.26 -19.21 20.17
C ARG B 453 -3.63 -19.84 18.93
N LEU B 454 -3.73 -19.18 17.78
CA LEU B 454 -3.14 -19.72 16.56
C LEU B 454 -1.66 -19.96 16.74
N HIS B 455 -0.93 -18.98 17.27
CA HIS B 455 0.48 -19.19 17.58
C HIS B 455 0.66 -20.38 18.52
N GLN B 456 -0.16 -20.45 19.56
CA GLN B 456 -0.05 -21.54 20.53
C GLN B 456 -0.21 -22.90 19.84
N VAL B 457 -1.21 -23.01 18.96
CA VAL B 457 -1.47 -24.27 18.28
C VAL B 457 -0.26 -24.70 17.46
N LEU B 458 0.35 -23.75 16.75
CA LEU B 458 1.45 -24.07 15.85
C LEU B 458 2.75 -24.37 16.57
N CYS B 459 2.82 -24.14 17.88
CA CYS B 459 4.02 -24.51 18.64
C CYS B 459 4.20 -26.03 18.68
N THR B 460 3.10 -26.77 18.63
CA THR B 460 3.12 -28.24 18.62
C THR B 460 2.33 -28.70 17.39
N PRO B 461 2.88 -28.50 16.20
CA PRO B 461 2.08 -28.75 14.98
C PRO B 461 1.86 -30.21 14.68
N PHE B 462 2.63 -31.11 15.29
CA PHE B 462 2.49 -32.54 15.02
C PHE B 462 1.56 -33.24 15.99
N THR B 463 1.06 -32.53 17.01
CA THR B 463 0.34 -33.13 18.12
C THR B 463 -1.12 -32.66 18.08
N GLU B 464 -2.04 -33.62 18.02
CA GLU B 464 -3.46 -33.29 18.05
C GLU B 464 -3.80 -32.60 19.38
N GLN B 465 -4.53 -31.49 19.30
CA GLN B 465 -4.84 -30.70 20.46
C GLN B 465 -6.36 -30.60 20.66
N PRO B 466 -6.85 -30.78 21.89
CA PRO B 466 -8.30 -30.81 22.10
C PRO B 466 -8.97 -29.50 21.67
N GLY B 467 -10.08 -29.63 20.95
CA GLY B 467 -10.88 -28.48 20.57
C GLY B 467 -10.28 -27.60 19.48
N MET B 468 -9.12 -27.96 18.93
CA MET B 468 -8.49 -27.18 17.87
C MET B 468 -8.77 -27.76 16.49
N GLU B 469 -9.88 -28.48 16.33
CA GLU B 469 -10.22 -29.06 15.05
C GLU B 469 -10.30 -27.99 13.95
N GLY B 470 -10.78 -26.80 14.31
CA GLY B 470 -10.91 -25.74 13.32
C GLY B 470 -9.60 -25.38 12.65
N TYR B 471 -8.47 -25.55 13.34
CA TYR B 471 -7.18 -25.20 12.79
C TYR B 471 -6.59 -26.28 11.90
N ALA B 472 -7.15 -27.48 11.90
CA ALA B 472 -6.67 -28.58 11.07
C ALA B 472 -7.42 -28.71 9.76
N GLN B 473 -8.44 -27.91 9.54
CA GLN B 473 -9.35 -28.09 8.41
C GLN B 473 -8.80 -27.43 7.15
N ARG B 474 -9.25 -27.94 6.00
CA ARG B 474 -8.97 -27.29 4.73
C ARG B 474 -9.55 -25.87 4.74
N PRO B 475 -8.96 -24.95 3.99
CA PRO B 475 -9.59 -23.63 3.84
C PRO B 475 -10.98 -23.75 3.24
N PRO B 476 -12.00 -23.17 3.91
CA PRO B 476 -13.36 -23.23 3.35
C PRO B 476 -13.56 -22.31 2.17
N MET C 2 16.01 15.42 -4.75
CA MET C 2 17.24 16.25 -4.80
C MET C 2 18.23 15.85 -3.71
N LYS C 3 19.51 15.81 -4.06
CA LYS C 3 20.55 15.39 -3.13
C LYS C 3 21.83 16.15 -3.44
N ALA C 4 22.84 15.94 -2.61
CA ALA C 4 24.11 16.64 -2.72
C ALA C 4 25.09 15.85 -3.58
N LEU C 5 26.12 16.55 -4.06
CA LEU C 5 27.10 15.93 -4.95
C LEU C 5 27.72 14.69 -4.30
N ASP C 6 28.04 14.75 -3.01
CA ASP C 6 28.69 13.64 -2.33
C ASP C 6 27.70 12.55 -1.89
N GLU C 7 26.45 12.62 -2.35
CA GLU C 7 25.45 11.61 -2.02
C GLU C 7 25.02 10.80 -3.24
N LEU C 8 25.60 11.05 -4.41
CA LEU C 8 25.27 10.26 -5.58
C LEU C 8 25.68 8.81 -5.37
N VAL C 9 24.83 7.90 -5.83
CA VAL C 9 25.08 6.46 -5.72
C VAL C 9 25.62 5.98 -7.06
N PHE C 10 26.79 5.34 -7.05
CA PHE C 10 27.44 4.87 -8.25
C PHE C 10 27.30 3.36 -8.39
N ASP C 11 27.18 2.90 -9.64
CA ASP C 11 27.10 1.48 -9.97
C ASP C 11 27.77 1.33 -11.33
N ASN C 12 29.11 1.14 -11.31
CA ASN C 12 29.92 1.21 -12.52
C ASN C 12 29.88 -0.14 -13.22
N ARG C 13 28.77 -0.38 -13.94
CA ARG C 13 28.54 -1.68 -14.55
C ARG C 13 29.51 -1.95 -15.68
N PHE C 14 29.68 -0.99 -16.58
CA PHE C 14 30.55 -1.21 -17.73
C PHE C 14 31.99 -1.45 -17.28
N ALA C 15 32.45 -0.69 -16.29
CA ALA C 15 33.81 -0.87 -15.79
C ALA C 15 34.03 -2.30 -15.32
N ARG C 16 33.00 -2.90 -14.71
CA ARG C 16 33.13 -4.28 -14.23
C ARG C 16 33.22 -5.30 -15.37
N LEU C 17 32.91 -4.91 -16.61
CA LEU C 17 33.14 -5.79 -17.74
C LEU C 17 34.63 -6.05 -17.97
N GLY C 18 35.50 -5.16 -17.51
CA GLY C 18 36.92 -5.42 -17.48
C GLY C 18 37.69 -4.67 -18.55
N ASP C 19 38.96 -5.07 -18.70
CA ASP C 19 39.90 -4.33 -19.52
C ASP C 19 39.74 -4.57 -21.00
N ALA C 20 39.02 -5.62 -21.41
CA ALA C 20 38.81 -5.87 -22.83
C ALA C 20 37.87 -4.85 -23.48
N PHE C 21 37.13 -4.08 -22.68
CA PHE C 21 36.15 -3.14 -23.19
C PHE C 21 36.48 -1.68 -22.88
N SER C 22 37.32 -1.42 -21.89
CA SER C 22 37.72 -0.06 -21.55
C SER C 22 39.04 -0.14 -20.81
N THR C 23 39.62 1.03 -20.55
CA THR C 23 40.91 1.13 -19.89
C THR C 23 40.85 2.19 -18.79
N HIS C 24 41.46 1.87 -17.65
CA HIS C 24 41.51 2.82 -16.54
C HIS C 24 42.36 4.02 -16.92
N VAL C 25 41.76 5.20 -16.89
CA VAL C 25 42.46 6.45 -17.17
C VAL C 25 41.92 7.53 -16.24
N LEU C 26 42.83 8.32 -15.66
CA LEU C 26 42.39 9.43 -14.83
C LEU C 26 42.29 10.70 -15.65
N PRO C 27 41.37 11.59 -15.31
CA PRO C 27 41.26 12.85 -16.06
C PRO C 27 42.43 13.78 -15.75
N GLU C 28 42.75 14.63 -16.72
CA GLU C 28 43.78 15.64 -16.56
C GLU C 28 43.10 16.99 -16.35
N PRO C 29 43.26 17.63 -15.19
CA PRO C 29 42.45 18.82 -14.89
C PRO C 29 42.88 20.03 -15.69
N ILE C 30 41.95 20.97 -15.83
CA ILE C 30 42.22 22.26 -16.45
C ILE C 30 42.04 23.35 -15.40
N ASP C 31 42.73 24.46 -15.60
CA ASP C 31 42.97 25.43 -14.53
C ASP C 31 41.89 26.52 -14.50
N ALA C 32 41.63 27.02 -13.29
CA ALA C 32 40.71 28.12 -13.05
C ALA C 32 39.33 27.79 -13.62
N PRO C 33 38.70 26.71 -13.16
CA PRO C 33 37.40 26.32 -13.74
C PRO C 33 36.28 27.26 -13.33
N ARG C 34 35.45 27.61 -14.31
CA ARG C 34 34.24 28.38 -14.10
C ARG C 34 33.06 27.66 -14.76
N LEU C 35 31.89 27.79 -14.16
CA LEU C 35 30.67 27.27 -14.76
C LEU C 35 30.21 28.25 -15.84
N VAL C 36 30.07 27.75 -17.07
CA VAL C 36 29.55 28.56 -18.16
C VAL C 36 28.02 28.52 -18.18
N VAL C 37 27.45 27.32 -18.16
CA VAL C 37 26.00 27.15 -18.19
C VAL C 37 25.69 25.75 -17.72
N ALA C 38 24.48 25.56 -17.18
CA ALA C 38 24.05 24.25 -16.70
C ALA C 38 22.59 24.04 -17.08
N SER C 39 22.21 22.78 -17.25
CA SER C 39 20.86 22.40 -17.62
C SER C 39 20.12 21.88 -16.39
N GLU C 40 19.03 22.56 -16.03
CA GLU C 40 18.22 22.12 -14.90
C GLU C 40 17.63 20.73 -15.18
N SER C 41 17.09 20.54 -16.38
CA SER C 41 16.49 19.26 -16.72
C SER C 41 17.51 18.13 -16.69
N ALA C 42 18.71 18.38 -17.20
CA ALA C 42 19.73 17.34 -17.24
C ALA C 42 20.24 17.01 -15.84
N LEU C 43 20.49 18.04 -15.03
CA LEU C 43 20.90 17.79 -13.65
C LEU C 43 19.85 17.00 -12.89
N ALA C 44 18.57 17.21 -13.21
CA ALA C 44 17.50 16.47 -12.54
C ALA C 44 17.59 14.98 -12.83
N LEU C 45 18.22 14.58 -13.92
CA LEU C 45 18.45 13.16 -14.19
C LEU C 45 19.34 12.54 -13.12
N LEU C 46 20.14 13.35 -12.43
CA LEU C 46 21.01 12.89 -11.35
C LEU C 46 20.50 13.32 -9.98
N ASP C 47 19.26 13.80 -9.90
CA ASP C 47 18.69 14.28 -8.64
C ASP C 47 19.53 15.41 -8.06
N LEU C 48 20.07 16.27 -8.94
CA LEU C 48 20.83 17.44 -8.54
C LEU C 48 20.04 18.70 -8.87
N ALA C 49 20.03 19.65 -7.93
CA ALA C 49 19.32 20.90 -8.13
C ALA C 49 20.22 21.91 -8.83
N PRO C 50 19.63 22.89 -9.52
CA PRO C 50 20.45 23.91 -10.19
C PRO C 50 21.45 24.59 -9.27
N GLU C 51 21.09 24.79 -7.99
CA GLU C 51 22.01 25.43 -7.06
C GLU C 51 23.30 24.64 -6.91
N GLN C 52 23.25 23.32 -7.10
CA GLN C 52 24.46 22.51 -7.02
C GLN C 52 25.47 22.91 -8.09
N SER C 53 25.00 23.43 -9.23
CA SER C 53 25.89 23.79 -10.32
C SER C 53 26.72 25.02 -9.99
N GLU C 54 26.26 25.86 -9.06
CA GLU C 54 26.97 27.08 -8.71
C GLU C 54 28.06 26.85 -7.66
N LEU C 55 28.20 25.63 -7.15
CA LEU C 55 29.15 25.37 -6.07
C LEU C 55 30.55 25.18 -6.65
N PRO C 56 31.59 25.65 -5.94
CA PRO C 56 32.96 25.42 -6.44
C PRO C 56 33.27 23.95 -6.67
N LEU C 57 32.79 23.07 -5.79
CA LEU C 57 33.05 21.64 -5.97
C LEU C 57 32.52 21.15 -7.30
N PHE C 58 31.35 21.65 -7.71
CA PHE C 58 30.78 21.26 -8.99
C PHE C 58 31.74 21.59 -10.13
N ALA C 59 32.30 22.80 -10.12
CA ALA C 59 33.22 23.20 -11.18
C ALA C 59 34.50 22.37 -11.15
N GLU C 60 34.96 21.99 -9.96
CA GLU C 60 36.23 21.28 -9.84
C GLU C 60 36.11 19.83 -10.27
N ILE C 61 35.02 19.16 -9.92
CA ILE C 61 34.84 17.77 -10.34
C ILE C 61 34.75 17.69 -11.86
N PHE C 62 33.94 18.55 -12.46
CA PHE C 62 33.65 18.50 -13.88
C PHE C 62 34.62 19.35 -14.70
N SER C 63 35.74 19.75 -14.10
CA SER C 63 36.93 20.15 -14.84
C SER C 63 38.08 19.18 -14.58
N GLY C 64 37.82 18.07 -13.91
CA GLY C 64 38.79 17.00 -13.75
C GLY C 64 39.69 17.10 -12.54
N HIS C 65 39.35 17.92 -11.55
CA HIS C 65 40.21 18.11 -10.39
C HIS C 65 39.99 17.06 -9.31
N LYS C 66 38.73 16.75 -9.00
CA LYS C 66 38.39 15.82 -7.94
C LYS C 66 37.36 14.83 -8.44
N LEU C 67 37.50 13.58 -8.02
CA LEU C 67 36.54 12.52 -8.35
C LEU C 67 36.10 11.83 -7.07
N TRP C 68 34.83 11.46 -7.03
CA TRP C 68 34.35 10.59 -5.96
C TRP C 68 35.23 9.36 -5.89
N ALA C 69 35.53 8.93 -4.66
CA ALA C 69 36.18 7.63 -4.49
C ALA C 69 35.34 6.52 -5.09
N GLU C 70 34.02 6.70 -5.12
CA GLU C 70 33.11 5.68 -5.63
C GLU C 70 33.05 5.64 -7.16
N ALA C 71 33.68 6.59 -7.84
CA ALA C 71 33.72 6.57 -9.29
C ALA C 71 34.89 5.70 -9.77
N GLU C 72 34.83 5.34 -11.06
CA GLU C 72 35.86 4.51 -11.68
C GLU C 72 36.01 4.96 -13.12
N PRO C 73 36.85 5.97 -13.38
CA PRO C 73 36.94 6.52 -14.73
C PRO C 73 37.57 5.52 -15.70
N ARG C 74 36.93 5.35 -16.85
CA ARG C 74 37.39 4.42 -17.86
C ARG C 74 37.28 5.08 -19.23
N ALA C 75 38.20 4.72 -20.13
CA ALA C 75 38.15 5.12 -21.52
C ALA C 75 37.74 3.92 -22.35
N MET C 76 36.61 4.03 -23.04
CA MET C 76 36.07 2.92 -23.80
C MET C 76 36.80 2.78 -25.13
N VAL C 77 36.95 1.53 -25.57
CA VAL C 77 37.57 1.23 -26.85
C VAL C 77 36.47 0.95 -27.87
N TYR C 78 36.68 1.45 -29.09
CA TYR C 78 35.77 1.16 -30.20
C TYR C 78 36.50 1.46 -31.50
N SER C 79 35.88 1.06 -32.60
CA SER C 79 36.37 1.32 -33.95
C SER C 79 35.27 2.05 -34.73
N GLY C 80 35.43 2.11 -36.05
CA GLY C 80 34.38 2.69 -36.86
C GLY C 80 34.76 2.90 -38.30
N HIS C 81 33.76 2.81 -39.19
CA HIS C 81 33.91 3.27 -40.56
C HIS C 81 33.83 4.78 -40.59
N GLN C 82 34.91 5.44 -41.02
CA GLN C 82 34.96 6.88 -41.13
C GLN C 82 34.89 7.25 -42.61
N PHE C 83 33.80 7.91 -43.01
CA PHE C 83 33.55 8.24 -44.41
C PHE C 83 33.76 7.02 -45.30
N GLY C 84 33.24 5.87 -44.86
CA GLY C 84 33.26 4.65 -45.64
C GLY C 84 34.47 3.77 -45.45
N SER C 85 35.52 4.25 -44.79
CA SER C 85 36.74 3.49 -44.60
C SER C 85 36.84 3.02 -43.15
N TYR C 86 37.11 1.73 -42.95
CA TYR C 86 37.16 1.16 -41.61
C TYR C 86 38.48 1.52 -40.93
N ASN C 87 38.37 2.10 -39.73
CA ASN C 87 39.53 2.41 -38.91
C ASN C 87 39.61 1.40 -37.77
N PRO C 88 40.66 0.58 -37.67
CA PRO C 88 40.59 -0.58 -36.76
C PRO C 88 40.56 -0.22 -35.28
N ARG C 89 40.96 0.99 -34.88
CA ARG C 89 40.80 1.39 -33.49
C ARG C 89 40.69 2.90 -33.38
N LEU C 90 39.64 3.35 -32.68
CA LEU C 90 39.49 4.75 -32.33
C LEU C 90 39.46 4.81 -30.81
N GLY C 91 38.28 4.89 -30.19
CA GLY C 91 38.16 4.88 -28.75
C GLY C 91 38.01 6.26 -28.16
N ASP C 92 37.79 6.29 -26.85
CA ASP C 92 37.68 7.54 -26.11
C ASP C 92 39.02 8.23 -26.04
N GLY C 93 39.32 9.09 -27.02
CA GLY C 93 40.58 9.79 -27.05
C GLY C 93 40.61 11.11 -26.34
N ARG C 94 39.43 11.63 -25.94
CA ARG C 94 39.38 12.93 -25.29
C ARG C 94 38.28 12.99 -24.23
N GLY C 95 37.67 11.87 -23.86
CA GLY C 95 36.65 11.87 -22.84
C GLY C 95 36.74 10.62 -21.99
N LEU C 96 36.06 10.65 -20.86
CA LEU C 96 36.11 9.55 -19.90
C LEU C 96 34.72 9.26 -19.36
N LEU C 97 34.39 7.97 -19.26
CA LEU C 97 33.22 7.52 -18.54
C LEU C 97 33.57 7.52 -17.06
N LEU C 98 33.31 8.66 -16.40
CA LEU C 98 33.64 8.76 -14.98
C LEU C 98 32.98 7.66 -14.18
N GLY C 99 31.77 7.26 -14.58
CA GLY C 99 31.03 6.25 -13.86
C GLY C 99 29.57 6.30 -14.28
N GLU C 100 28.78 5.50 -13.59
CA GLU C 100 27.34 5.42 -13.84
C GLU C 100 26.61 5.66 -12.53
N VAL C 101 25.63 6.57 -12.55
CA VAL C 101 24.88 6.95 -11.37
C VAL C 101 23.53 6.24 -11.39
N TYR C 102 23.14 5.69 -10.25
CA TYR C 102 21.84 5.08 -10.05
C TYR C 102 20.95 6.10 -9.34
N ASN C 103 19.98 6.66 -10.06
CA ASN C 103 19.20 7.75 -9.53
C ASN C 103 18.00 7.23 -8.73
N ASP C 104 17.39 8.14 -7.97
CA ASP C 104 16.25 7.78 -7.13
C ASP C 104 15.14 7.09 -7.92
N ALA C 105 15.02 7.41 -9.20
CA ALA C 105 14.06 6.72 -10.06
C ALA C 105 14.53 5.35 -10.49
N GLY C 106 15.68 4.88 -10.00
CA GLY C 106 16.17 3.57 -10.36
C GLY C 106 16.76 3.48 -11.75
N GLU C 107 17.11 4.59 -12.37
CA GLU C 107 17.71 4.60 -13.70
C GLU C 107 19.22 4.70 -13.59
N HIS C 108 19.91 4.11 -14.56
CA HIS C 108 21.35 4.22 -14.71
C HIS C 108 21.65 5.29 -15.74
N TRP C 109 22.55 6.21 -15.41
CA TRP C 109 22.96 7.27 -16.33
C TRP C 109 24.47 7.34 -16.37
N ASP C 110 25.03 7.32 -17.59
CA ASP C 110 26.45 7.52 -17.77
C ASP C 110 26.83 8.95 -17.43
N LEU C 111 28.00 9.11 -16.82
CA LEU C 111 28.62 10.43 -16.64
C LEU C 111 29.90 10.44 -17.49
N HIS C 112 29.80 11.02 -18.67
CA HIS C 112 30.94 11.10 -19.59
C HIS C 112 31.46 12.53 -19.63
N LEU C 113 32.70 12.71 -19.22
CA LEU C 113 33.32 14.04 -19.18
C LEU C 113 34.10 14.20 -20.47
N LYS C 114 33.56 14.98 -21.40
CA LYS C 114 34.18 15.20 -22.70
C LYS C 114 35.17 16.35 -22.61
N GLY C 115 36.40 16.09 -23.06
CA GLY C 115 37.48 17.03 -22.90
C GLY C 115 38.36 16.80 -21.70
N ALA C 116 38.30 15.60 -21.10
CA ALA C 116 38.90 15.34 -19.80
C ALA C 116 40.39 15.06 -19.86
N GLY C 117 40.98 14.96 -21.06
CA GLY C 117 42.41 14.77 -21.19
C GLY C 117 42.74 13.65 -22.16
N ARG C 118 44.04 13.41 -22.31
CA ARG C 118 44.52 12.40 -23.23
C ARG C 118 44.40 11.01 -22.62
N THR C 119 44.19 10.03 -23.49
CA THR C 119 44.02 8.64 -23.09
C THR C 119 44.84 7.77 -24.03
N PRO C 120 44.98 6.47 -23.75
CA PRO C 120 45.69 5.59 -24.70
C PRO C 120 45.07 5.57 -26.08
N TYR C 121 43.86 6.09 -26.26
CA TYR C 121 43.17 6.09 -27.53
C TYR C 121 43.22 7.45 -28.23
N SER C 122 44.02 8.39 -27.72
CA SER C 122 44.04 9.74 -28.28
C SER C 122 44.73 9.82 -29.64
N ARG C 123 45.55 8.83 -29.98
CA ARG C 123 46.33 8.86 -31.23
C ARG C 123 47.23 10.09 -31.16
N MET C 124 47.07 11.07 -32.04
CA MET C 124 47.87 12.29 -32.00
C MET C 124 47.08 13.49 -31.49
N GLY C 125 45.84 13.30 -31.06
CA GLY C 125 45.04 14.41 -30.57
C GLY C 125 45.49 14.90 -29.21
N ASP C 126 45.05 16.11 -28.88
CA ASP C 126 45.48 16.80 -27.66
C ASP C 126 44.60 16.47 -26.46
N GLY C 127 43.64 15.56 -26.61
CA GLY C 127 42.79 15.14 -25.50
C GLY C 127 41.93 16.23 -24.90
N ARG C 128 41.69 17.32 -25.63
CA ARG C 128 40.98 18.47 -25.09
C ARG C 128 39.81 18.85 -25.99
N ALA C 129 38.94 19.68 -25.44
CA ALA C 129 37.86 20.35 -26.18
C ALA C 129 37.93 21.83 -25.89
N VAL C 130 37.67 22.65 -26.91
CA VAL C 130 37.69 24.09 -26.76
C VAL C 130 36.29 24.58 -26.39
N LEU C 131 36.23 25.78 -25.83
CA LEU C 131 34.96 26.30 -25.32
C LEU C 131 33.90 26.31 -26.41
N ARG C 132 34.28 26.62 -27.65
CA ARG C 132 33.31 26.70 -28.73
C ARG C 132 32.57 25.39 -28.91
N SER C 133 33.31 24.27 -28.96
CA SER C 133 32.67 22.98 -29.23
C SER C 133 31.87 22.49 -28.03
N SER C 134 32.35 22.76 -26.82
CA SER C 134 31.60 22.36 -25.62
C SER C 134 30.26 23.07 -25.57
N ILE C 135 30.25 24.38 -25.81
CA ILE C 135 29.01 25.14 -25.78
C ILE C 135 28.06 24.66 -26.86
N ARG C 136 28.56 24.43 -28.07
CA ARG C 136 27.71 23.98 -29.15
C ARG C 136 27.12 22.61 -28.85
N GLU C 137 27.91 21.71 -28.26
CA GLU C 137 27.41 20.39 -27.92
C GLU C 137 26.39 20.45 -26.79
N PHE C 138 26.66 21.26 -25.76
CA PHE C 138 25.70 21.44 -24.69
C PHE C 138 24.39 22.01 -25.21
N LEU C 139 24.47 23.03 -26.08
CA LEU C 139 23.26 23.70 -26.55
C LEU C 139 22.43 22.77 -27.44
N ALA C 140 23.07 22.02 -28.32
CA ALA C 140 22.33 21.15 -29.23
C ALA C 140 21.71 19.97 -28.50
N SER C 141 22.46 19.37 -27.57
CA SER C 141 21.93 18.24 -26.81
C SER C 141 20.61 18.61 -26.14
N GLU C 142 20.60 19.73 -25.43
CA GLU C 142 19.40 20.14 -24.71
C GLU C 142 18.35 20.73 -25.65
N ALA C 143 18.78 21.40 -26.73
CA ALA C 143 17.83 21.92 -27.69
C ALA C 143 17.08 20.78 -28.38
N LEU C 144 17.79 19.72 -28.77
CA LEU C 144 17.13 18.59 -29.41
C LEU C 144 16.16 17.91 -28.44
N HIS C 145 16.57 17.73 -27.18
CA HIS C 145 15.68 17.09 -26.22
C HIS C 145 14.40 17.88 -26.05
N ALA C 146 14.50 19.21 -25.94
CA ALA C 146 13.32 20.05 -25.80
C ALA C 146 12.46 20.02 -27.05
N LEU C 147 13.06 19.70 -28.21
CA LEU C 147 12.30 19.55 -29.45
C LEU C 147 11.61 18.20 -29.56
N GLY C 148 11.97 17.23 -28.71
CA GLY C 148 11.43 15.89 -28.81
C GLY C 148 12.23 14.93 -29.66
N ILE C 149 13.46 15.28 -30.01
CA ILE C 149 14.33 14.42 -30.83
C ILE C 149 15.26 13.67 -29.87
N PRO C 150 15.24 12.34 -29.85
CA PRO C 150 16.14 11.61 -28.95
C PRO C 150 17.57 12.08 -29.11
N SER C 151 18.24 12.24 -27.98
CA SER C 151 19.58 12.82 -27.99
C SER C 151 20.28 12.50 -26.68
N SER C 152 21.60 12.41 -26.74
CA SER C 152 22.39 12.46 -25.52
C SER C 152 22.14 13.80 -24.83
N ARG C 153 22.33 13.82 -23.52
CA ARG C 153 22.06 15.00 -22.72
C ARG C 153 23.37 15.63 -22.27
N ALA C 154 23.28 16.91 -21.87
CA ALA C 154 24.44 17.67 -21.43
C ALA C 154 24.07 18.41 -20.15
N ALA C 155 24.82 18.16 -19.08
CA ALA C 155 24.52 18.74 -17.79
C ALA C 155 25.12 20.13 -17.59
N CYS C 156 26.30 20.39 -18.15
CA CYS C 156 27.01 21.63 -17.84
C CYS C 156 28.16 21.81 -18.81
N VAL C 157 28.65 23.05 -18.86
CA VAL C 157 29.89 23.39 -19.54
C VAL C 157 30.77 24.15 -18.55
N VAL C 158 31.99 23.68 -18.35
CA VAL C 158 32.95 24.30 -17.44
C VAL C 158 34.11 24.81 -18.26
N SER C 159 34.38 26.12 -18.13
CA SER C 159 35.45 26.76 -18.87
C SER C 159 36.74 26.74 -18.05
N SER C 160 37.82 27.23 -18.67
CA SER C 160 39.14 27.24 -18.03
C SER C 160 40.00 28.26 -18.74
N ASN C 161 41.21 28.47 -18.19
CA ASN C 161 42.21 29.28 -18.86
C ASN C 161 43.42 28.42 -19.25
N THR C 162 43.21 27.13 -19.48
CA THR C 162 44.26 26.27 -20.00
C THR C 162 44.32 26.41 -21.53
N PRO C 163 45.44 26.84 -22.09
CA PRO C 163 45.48 27.05 -23.54
C PRO C 163 45.40 25.74 -24.32
N VAL C 164 44.78 25.83 -25.49
CA VAL C 164 44.77 24.76 -26.48
C VAL C 164 45.17 25.38 -27.82
N TRP C 165 46.32 24.97 -28.35
CA TRP C 165 46.83 25.52 -29.60
C TRP C 165 46.53 24.54 -30.73
N ARG C 166 45.71 24.99 -31.68
CA ARG C 166 45.48 24.26 -32.92
C ARG C 166 45.79 25.18 -34.09
N GLU C 167 44.76 25.62 -34.83
CA GLU C 167 44.97 26.66 -35.84
C GLU C 167 45.00 28.05 -35.21
N LYS C 168 44.53 28.17 -33.98
CA LYS C 168 44.58 29.43 -33.24
C LYS C 168 44.79 29.09 -31.77
N GLN C 169 44.80 30.12 -30.93
CA GLN C 169 44.86 29.93 -29.49
C GLN C 169 43.44 29.98 -28.94
N GLU C 170 43.01 28.87 -28.35
CA GLU C 170 41.72 28.76 -27.67
C GLU C 170 41.97 28.25 -26.26
N TYR C 171 40.88 28.06 -25.52
CA TYR C 171 40.97 27.64 -24.13
C TYR C 171 40.12 26.40 -23.90
N ALA C 172 40.66 25.47 -23.13
CA ALA C 172 40.03 24.18 -22.92
C ALA C 172 38.75 24.34 -22.11
N ALA C 173 37.77 23.48 -22.42
CA ALA C 173 36.53 23.40 -21.68
C ALA C 173 36.11 21.94 -21.61
N MET C 174 35.10 21.67 -20.79
CA MET C 174 34.57 20.32 -20.65
C MET C 174 33.05 20.38 -20.57
N VAL C 175 32.40 19.40 -21.18
CA VAL C 175 30.95 19.23 -21.10
C VAL C 175 30.68 17.88 -20.47
N LEU C 176 29.80 17.85 -19.48
CA LEU C 176 29.37 16.59 -18.86
C LEU C 176 28.22 16.03 -19.68
N ARG C 177 28.51 14.97 -20.44
CA ARG C 177 27.50 14.32 -21.25
C ARG C 177 26.82 13.23 -20.44
N LEU C 178 25.49 13.24 -20.45
CA LEU C 178 24.70 12.20 -19.80
C LEU C 178 23.95 11.41 -20.87
N ALA C 179 24.02 10.09 -20.77
CA ALA C 179 23.27 9.20 -21.63
C ALA C 179 23.16 7.86 -20.92
N GLN C 180 22.20 7.05 -21.35
CA GLN C 180 22.04 5.74 -20.73
C GLN C 180 23.00 4.72 -21.31
N SER C 181 23.77 5.07 -22.33
CA SER C 181 24.82 4.21 -22.83
C SER C 181 25.70 5.01 -23.77
N HIS C 182 27.00 4.71 -23.74
CA HIS C 182 27.94 5.24 -24.72
C HIS C 182 28.41 4.18 -25.70
N VAL C 183 27.76 3.01 -25.72
CA VAL C 183 28.07 1.99 -26.70
C VAL C 183 27.59 2.44 -28.07
N ARG C 184 28.47 2.37 -29.07
CA ARG C 184 28.14 2.75 -30.43
C ARG C 184 28.21 1.51 -31.33
N PHE C 185 27.77 1.67 -32.58
CA PHE C 185 27.91 0.59 -33.55
C PHE C 185 29.36 0.13 -33.60
N GLY C 186 30.29 1.09 -33.67
CA GLY C 186 31.70 0.76 -33.75
C GLY C 186 32.24 0.03 -32.54
N SER C 187 31.56 0.12 -31.40
CA SER C 187 31.96 -0.67 -30.24
C SER C 187 31.86 -2.17 -30.56
N LEU C 188 30.79 -2.56 -31.26
CA LEU C 188 30.62 -3.95 -31.66
C LEU C 188 31.49 -4.30 -32.87
N GLU C 189 31.72 -3.35 -33.77
CA GLU C 189 32.63 -3.59 -34.89
C GLU C 189 34.03 -3.93 -34.39
N TYR C 190 34.50 -3.22 -33.37
CA TYR C 190 35.86 -3.42 -32.88
C TYR C 190 36.08 -4.85 -32.43
N LEU C 191 35.20 -5.37 -31.58
CA LEU C 191 35.35 -6.73 -31.08
C LEU C 191 35.07 -7.77 -32.15
N PHE C 192 34.31 -7.41 -33.19
CA PHE C 192 34.08 -8.34 -34.30
C PHE C 192 35.32 -8.44 -35.20
N TYR C 193 35.85 -7.30 -35.64
CA TYR C 193 36.95 -7.31 -36.59
C TYR C 193 38.31 -7.61 -35.95
N THR C 194 38.45 -7.41 -34.65
CA THR C 194 39.64 -7.88 -33.95
C THR C 194 39.55 -9.35 -33.57
N LYS C 195 38.48 -10.04 -33.99
CA LYS C 195 38.34 -11.48 -33.79
C LYS C 195 38.37 -11.85 -32.31
N GLN C 196 37.50 -11.20 -31.54
CA GLN C 196 37.30 -11.49 -30.12
C GLN C 196 35.85 -11.90 -29.93
N PRO C 197 35.49 -13.12 -30.34
CA PRO C 197 34.05 -13.49 -30.34
C PRO C 197 33.46 -13.56 -28.95
N GLU C 198 34.19 -14.07 -27.96
CA GLU C 198 33.65 -14.16 -26.61
C GLU C 198 33.40 -12.77 -26.04
N HIS C 199 34.32 -11.83 -26.26
CA HIS C 199 34.11 -10.47 -25.77
C HIS C 199 33.01 -9.77 -26.55
N LEU C 200 32.85 -10.08 -27.84
CA LEU C 200 31.73 -9.56 -28.60
C LEU C 200 30.41 -9.99 -27.98
N LYS C 201 30.28 -11.28 -27.69
CA LYS C 201 29.05 -11.79 -27.06
C LYS C 201 28.78 -11.07 -25.75
N THR C 202 29.79 -10.93 -24.90
CA THR C 202 29.61 -10.23 -23.63
C THR C 202 29.03 -8.83 -23.84
N LEU C 203 29.51 -8.11 -24.86
CA LEU C 203 29.03 -6.75 -25.09
C LEU C 203 27.63 -6.76 -25.67
N ALA C 204 27.34 -7.69 -26.59
CA ALA C 204 25.98 -7.81 -27.11
C ALA C 204 25.01 -8.18 -26.00
N GLU C 205 25.42 -9.10 -25.11
CA GLU C 205 24.59 -9.46 -23.97
C GLU C 205 24.36 -8.26 -23.06
N HIS C 206 25.39 -7.43 -22.88
CA HIS C 206 25.25 -6.23 -22.07
C HIS C 206 24.18 -5.31 -22.64
N VAL C 207 24.22 -5.07 -23.95
CA VAL C 207 23.26 -4.17 -24.57
C VAL C 207 21.86 -4.78 -24.52
N LEU C 208 21.74 -6.07 -24.77
CA LEU C 208 20.44 -6.73 -24.76
C LEU C 208 19.78 -6.64 -23.39
N THR C 209 20.51 -7.03 -22.34
CA THR C 209 19.89 -7.14 -21.02
C THR C 209 19.67 -5.77 -20.39
N MET C 210 20.54 -4.80 -20.65
CA MET C 210 20.46 -3.51 -20.00
C MET C 210 19.55 -2.52 -20.72
N HIS C 211 19.33 -2.69 -22.03
CA HIS C 211 18.61 -1.70 -22.83
C HIS C 211 17.53 -2.28 -23.71
N TYR C 212 17.55 -3.58 -24.02
CA TYR C 212 16.46 -4.23 -24.77
C TYR C 212 16.04 -5.52 -24.06
N PRO C 213 15.80 -5.47 -22.75
CA PRO C 213 15.54 -6.72 -22.01
C PRO C 213 14.25 -7.41 -22.41
N HIS C 214 13.29 -6.70 -23.00
CA HIS C 214 12.08 -7.35 -23.48
C HIS C 214 12.32 -8.25 -24.68
N CYS C 215 13.50 -8.16 -25.31
CA CYS C 215 13.78 -8.94 -26.50
C CYS C 215 14.20 -10.37 -26.20
N GLN C 216 14.70 -10.65 -25.00
CA GLN C 216 15.05 -12.01 -24.64
C GLN C 216 13.84 -12.87 -24.31
N GLU C 217 12.63 -12.31 -24.37
CA GLU C 217 11.42 -13.10 -24.38
C GLU C 217 11.09 -13.65 -25.77
N GLN C 218 11.84 -13.25 -26.78
CA GLN C 218 11.57 -13.64 -28.16
C GLN C 218 12.37 -14.87 -28.54
N PRO C 219 12.00 -15.55 -29.64
CA PRO C 219 12.76 -16.74 -30.06
C PRO C 219 14.22 -16.44 -30.29
N GLU C 220 14.52 -15.45 -31.14
CA GLU C 220 15.88 -15.00 -31.39
C GLU C 220 16.07 -13.63 -30.75
N PRO C 221 16.58 -13.56 -29.52
CA PRO C 221 16.69 -12.24 -28.87
C PRO C 221 17.48 -11.23 -29.67
N TYR C 222 18.65 -11.60 -30.17
CA TYR C 222 19.51 -10.64 -30.84
C TYR C 222 18.86 -10.12 -32.13
N LEU C 223 18.13 -10.97 -32.83
CA LEU C 223 17.38 -10.51 -33.99
C LEU C 223 16.33 -9.48 -33.58
N ALA C 224 15.62 -9.74 -32.48
CA ALA C 224 14.65 -8.77 -31.98
C ALA C 224 15.34 -7.46 -31.62
N MET C 225 16.46 -7.54 -30.91
CA MET C 225 17.19 -6.33 -30.56
C MET C 225 17.59 -5.54 -31.80
N PHE C 226 18.17 -6.22 -32.80
CA PHE C 226 18.56 -5.54 -34.03
C PHE C 226 17.36 -4.85 -34.67
N ARG C 227 16.23 -5.54 -34.74
CA ARG C 227 15.03 -4.92 -35.29
C ARG C 227 14.64 -3.67 -34.51
N GLU C 228 14.69 -3.74 -33.18
CA GLU C 228 14.39 -2.56 -32.38
C GLU C 228 15.35 -1.41 -32.70
N ILE C 229 16.64 -1.74 -32.88
CA ILE C 229 17.62 -0.70 -33.22
C ILE C 229 17.28 -0.08 -34.57
N VAL C 230 16.86 -0.92 -35.53
CA VAL C 230 16.47 -0.40 -36.84
C VAL C 230 15.26 0.52 -36.70
N GLU C 231 14.28 0.13 -35.89
CA GLU C 231 13.09 0.96 -35.70
C GLU C 231 13.46 2.30 -35.07
N ARG C 232 14.26 2.26 -34.00
CA ARG C 232 14.66 3.51 -33.35
C ARG C 232 15.44 4.41 -34.32
N ASN C 233 16.31 3.82 -35.14
CA ASN C 233 17.05 4.63 -36.12
C ASN C 233 16.12 5.18 -37.18
N ALA C 234 15.12 4.39 -37.59
CA ALA C 234 14.11 4.91 -38.52
C ALA C 234 13.37 6.08 -37.91
N GLU C 235 13.03 5.99 -36.63
CA GLU C 235 12.32 7.07 -35.96
C GLU C 235 13.22 8.29 -35.77
N LEU C 236 14.49 8.06 -35.42
CA LEU C 236 15.41 9.16 -35.22
C LEU C 236 15.62 9.94 -36.52
N ILE C 237 15.97 9.24 -37.61
CA ILE C 237 16.25 9.91 -38.86
C ILE C 237 15.00 10.64 -39.36
N ALA C 238 13.83 10.04 -39.17
CA ALA C 238 12.59 10.71 -39.55
C ALA C 238 12.48 12.07 -38.88
N LYS C 239 12.86 12.16 -37.61
CA LYS C 239 12.80 13.44 -36.92
C LYS C 239 13.87 14.41 -37.44
N TRP C 240 15.08 13.91 -37.70
CA TRP C 240 16.10 14.76 -38.30
C TRP C 240 15.58 15.39 -39.58
N GLN C 241 15.11 14.56 -40.51
CA GLN C 241 14.70 15.06 -41.81
C GLN C 241 13.51 16.00 -41.70
N ALA C 242 12.58 15.70 -40.78
CA ALA C 242 11.37 16.51 -40.67
C ALA C 242 11.66 17.88 -40.08
N TYR C 243 12.69 18.01 -39.25
CA TYR C 243 13.00 19.27 -38.57
C TYR C 243 14.33 19.87 -39.03
N GLY C 244 14.96 19.32 -40.05
CA GLY C 244 16.10 19.96 -40.67
C GLY C 244 17.37 19.94 -39.84
N PHE C 245 17.62 18.87 -39.12
CA PHE C 245 18.86 18.72 -38.37
C PHE C 245 19.88 17.99 -39.22
N CYS C 246 21.04 18.62 -39.42
CA CYS C 246 22.16 18.01 -40.12
C CYS C 246 23.20 17.60 -39.09
N HIS C 247 23.58 16.32 -39.11
CA HIS C 247 24.57 15.81 -38.16
C HIS C 247 25.99 16.12 -38.65
N GLY C 248 26.33 15.67 -39.86
CA GLY C 248 27.58 15.99 -40.48
C GLY C 248 28.66 14.94 -40.37
N VAL C 249 28.59 14.06 -39.37
CA VAL C 249 29.62 13.06 -39.14
C VAL C 249 28.98 11.74 -38.76
N MET C 250 28.20 11.16 -39.68
CA MET C 250 27.50 9.91 -39.39
C MET C 250 28.42 8.71 -39.60
N ASN C 251 29.59 8.72 -38.95
CA ASN C 251 30.43 7.54 -38.91
C ASN C 251 29.83 6.52 -37.96
N THR C 252 30.16 5.24 -38.19
CA THR C 252 29.57 4.18 -37.38
C THR C 252 29.98 4.28 -35.92
N ASP C 253 31.08 4.96 -35.62
CA ASP C 253 31.45 5.18 -34.23
C ASP C 253 30.64 6.30 -33.57
N ASN C 254 29.88 7.06 -34.34
CA ASN C 254 28.99 8.09 -33.80
C ASN C 254 27.53 7.67 -33.79
N MET C 255 27.23 6.42 -34.14
CA MET C 255 25.86 5.92 -34.10
C MET C 255 25.64 5.25 -32.74
N SER C 256 24.74 5.82 -31.94
CA SER C 256 24.42 5.24 -30.65
C SER C 256 23.64 3.95 -30.82
N ILE C 257 23.93 2.97 -29.97
CA ILE C 257 23.20 1.70 -30.00
C ILE C 257 21.79 1.87 -29.43
N LEU C 258 21.47 3.04 -28.88
CA LEU C 258 20.14 3.33 -28.36
C LEU C 258 19.28 4.12 -29.35
N GLY C 259 19.86 4.57 -30.46
CA GLY C 259 19.10 5.39 -31.39
C GLY C 259 18.89 6.81 -30.94
N ILE C 260 19.86 7.39 -30.23
CA ILE C 260 19.82 8.80 -29.86
C ILE C 260 20.89 9.54 -30.65
N THR C 261 20.62 10.82 -30.93
CA THR C 261 21.62 11.65 -31.57
C THR C 261 22.89 11.69 -30.73
N PHE C 262 24.04 11.48 -31.36
CA PHE C 262 25.27 11.27 -30.62
C PHE C 262 26.44 11.96 -31.31
N ASP C 263 27.33 12.54 -30.50
CA ASP C 263 28.49 13.31 -30.95
C ASP C 263 28.07 14.54 -31.76
N PHE C 264 27.97 15.69 -31.09
CA PHE C 264 27.64 16.95 -31.75
C PHE C 264 28.94 17.65 -32.12
N GLY C 265 29.19 17.78 -33.42
CA GLY C 265 30.34 18.50 -33.91
C GLY C 265 29.92 19.58 -34.88
N PRO C 266 30.15 19.37 -36.19
CA PRO C 266 29.81 20.41 -37.17
C PRO C 266 28.34 20.37 -37.59
N PHE C 267 27.47 20.02 -36.64
CA PHE C 267 26.04 19.97 -36.92
C PHE C 267 25.52 21.34 -37.36
N ALA C 268 24.31 21.35 -37.90
CA ALA C 268 23.64 22.59 -38.24
C ALA C 268 22.16 22.32 -38.44
N PHE C 269 21.32 23.15 -37.84
CA PHE C 269 19.91 23.20 -38.22
C PHE C 269 19.77 24.00 -39.51
N LEU C 270 18.91 23.52 -40.40
CA LEU C 270 18.67 24.24 -41.65
C LEU C 270 18.06 25.60 -41.36
N ASP C 271 18.60 26.63 -42.01
CA ASP C 271 17.97 27.94 -42.03
C ASP C 271 17.03 27.98 -43.25
N ASP C 272 17.55 28.40 -44.40
CA ASP C 272 16.83 28.17 -45.64
C ASP C 272 16.88 26.68 -45.98
N PHE C 273 15.76 26.15 -46.47
CA PHE C 273 15.72 24.73 -46.79
C PHE C 273 16.64 24.41 -47.96
N ASP C 274 17.48 23.39 -47.79
CA ASP C 274 18.37 22.94 -48.84
C ASP C 274 18.57 21.44 -48.65
N GLU C 275 17.94 20.64 -49.51
CA GLU C 275 17.94 19.19 -49.33
C GLU C 275 19.32 18.57 -49.52
N HIS C 276 20.28 19.31 -50.07
CA HIS C 276 21.63 18.81 -50.27
C HIS C 276 22.66 19.56 -49.42
N PHE C 277 22.21 20.23 -48.36
CA PHE C 277 23.13 21.04 -47.56
C PHE C 277 24.21 20.15 -46.95
N ILE C 278 25.44 20.66 -46.95
CA ILE C 278 26.59 19.96 -46.41
C ILE C 278 27.09 20.80 -45.24
N CYS C 279 26.86 20.34 -44.02
CA CYS C 279 27.21 21.10 -42.84
C CYS C 279 28.64 20.87 -42.39
N ASN C 280 29.30 19.83 -42.87
CA ASN C 280 30.65 19.46 -42.45
C ASN C 280 31.64 19.92 -43.51
N HIS C 281 32.48 20.90 -43.16
CA HIS C 281 33.42 21.46 -44.13
C HIS C 281 34.33 20.41 -44.73
N SER C 282 34.60 19.32 -44.01
CA SER C 282 35.46 18.26 -44.52
C SER C 282 34.74 17.31 -45.47
N ASP C 283 33.41 17.41 -45.58
CA ASP C 283 32.61 16.47 -46.37
C ASP C 283 32.46 16.99 -47.80
N HIS C 284 33.58 17.00 -48.52
CA HIS C 284 33.61 17.65 -49.83
C HIS C 284 32.73 16.94 -50.85
N GLU C 285 32.61 15.62 -50.76
CA GLU C 285 31.80 14.86 -51.69
C GLU C 285 30.34 14.76 -51.23
N GLY C 286 30.00 15.33 -50.09
CA GLY C 286 28.62 15.35 -49.63
C GLY C 286 28.11 14.02 -49.13
N ARG C 287 28.99 13.19 -48.55
CA ARG C 287 28.55 11.91 -48.02
C ARG C 287 27.47 12.10 -46.96
N TYR C 288 27.59 13.16 -46.15
CA TYR C 288 26.68 13.39 -45.03
C TYR C 288 25.81 14.62 -45.25
N SER C 289 25.46 14.89 -46.51
CA SER C 289 24.49 15.91 -46.81
C SER C 289 23.15 15.58 -46.16
N PHE C 290 22.27 16.58 -46.11
CA PHE C 290 21.00 16.43 -45.40
C PHE C 290 20.20 15.26 -45.95
N SER C 291 20.01 15.20 -47.27
CA SER C 291 19.18 14.16 -47.86
C SER C 291 19.83 12.79 -47.77
N ASN C 292 21.16 12.72 -47.81
CA ASN C 292 21.84 11.43 -47.74
C ASN C 292 21.86 10.85 -46.33
N GLN C 293 21.36 11.58 -45.33
CA GLN C 293 21.30 11.02 -43.98
C GLN C 293 20.43 9.77 -43.94
N VAL C 294 19.47 9.65 -44.85
CA VAL C 294 18.56 8.51 -44.87
C VAL C 294 19.30 7.28 -45.36
N PRO C 295 19.86 7.29 -46.58
CA PRO C 295 20.61 6.09 -47.02
C PRO C 295 21.85 5.81 -46.19
N ILE C 296 22.51 6.84 -45.66
CA ILE C 296 23.67 6.61 -44.80
C ILE C 296 23.25 5.88 -43.52
N ALA C 297 22.08 6.22 -42.98
CA ALA C 297 21.60 5.54 -41.78
C ALA C 297 21.40 4.05 -42.04
N GLN C 298 20.80 3.70 -43.19
CA GLN C 298 20.64 2.30 -43.53
C GLN C 298 22.00 1.64 -43.74
N TRP C 299 22.89 2.31 -44.47
CA TRP C 299 24.25 1.81 -44.65
C TRP C 299 24.90 1.53 -43.30
N ASN C 300 24.77 2.46 -42.35
CA ASN C 300 25.35 2.26 -41.03
C ASN C 300 24.73 1.07 -40.32
N LEU C 301 23.43 0.84 -40.52
CA LEU C 301 22.78 -0.31 -39.91
C LEU C 301 23.30 -1.62 -40.51
N SER C 302 23.61 -1.62 -41.81
CA SER C 302 24.24 -2.80 -42.41
C SER C 302 25.61 -3.05 -41.78
N ALA C 303 26.34 -1.96 -41.48
CA ALA C 303 27.63 -2.12 -40.81
C ALA C 303 27.45 -2.77 -39.44
N LEU C 304 26.44 -2.34 -38.69
CA LEU C 304 26.14 -2.99 -37.41
C LEU C 304 25.77 -4.45 -37.64
N GLY C 305 24.97 -4.73 -38.68
CA GLY C 305 24.56 -6.09 -38.95
C GLY C 305 25.73 -7.03 -39.14
N GLN C 306 26.81 -6.54 -39.75
CA GLN C 306 27.98 -7.41 -39.97
C GLN C 306 28.59 -7.87 -38.65
N ALA C 307 28.60 -6.98 -37.65
CA ALA C 307 29.15 -7.36 -36.35
C ALA C 307 28.24 -8.31 -35.58
N LEU C 308 27.00 -8.52 -36.05
CA LEU C 308 26.07 -9.42 -35.39
C LEU C 308 25.82 -10.69 -36.19
N THR C 309 26.58 -10.91 -37.25
CA THR C 309 26.45 -12.17 -37.99
C THR C 309 26.83 -13.39 -37.15
N PRO C 310 27.73 -13.31 -36.16
CA PRO C 310 27.96 -14.47 -35.30
C PRO C 310 26.73 -14.94 -34.57
N PHE C 311 25.69 -14.11 -34.46
CA PHE C 311 24.50 -14.42 -33.68
C PHE C 311 23.22 -14.46 -34.49
N VAL C 312 23.17 -13.80 -35.64
CA VAL C 312 21.99 -13.78 -36.49
C VAL C 312 22.40 -14.16 -37.91
N SER C 313 21.48 -14.78 -38.63
CA SER C 313 21.75 -15.18 -40.00
C SER C 313 21.80 -13.96 -40.92
N VAL C 314 22.60 -14.05 -41.98
CA VAL C 314 22.72 -12.95 -42.92
C VAL C 314 21.35 -12.61 -43.52
N GLU C 315 20.57 -13.63 -43.88
CA GLU C 315 19.28 -13.38 -44.51
C GLU C 315 18.35 -12.61 -43.57
N ALA C 316 18.33 -12.98 -42.29
CA ALA C 316 17.49 -12.28 -41.34
C ALA C 316 17.92 -10.83 -41.16
N LEU C 317 19.23 -10.61 -41.01
CA LEU C 317 19.73 -9.25 -40.84
C LEU C 317 19.32 -8.37 -42.00
N ARG C 318 19.60 -8.81 -43.23
CA ARG C 318 19.24 -8.02 -44.40
C ARG C 318 17.73 -7.88 -44.55
N GLU C 319 16.98 -8.91 -44.13
CA GLU C 319 15.52 -8.78 -44.07
C GLU C 319 15.14 -7.63 -43.15
N THR C 320 15.79 -7.52 -41.99
CA THR C 320 15.46 -6.47 -41.04
C THR C 320 15.92 -5.11 -41.54
N ILE C 321 17.07 -5.05 -42.21
CA ILE C 321 17.52 -3.78 -42.78
C ILE C 321 16.54 -3.27 -43.81
N GLY C 322 15.87 -4.18 -44.53
CA GLY C 322 14.87 -3.77 -45.51
C GLY C 322 13.65 -3.10 -44.90
N LEU C 323 13.47 -3.23 -43.58
CA LEU C 323 12.38 -2.55 -42.90
C LEU C 323 12.66 -1.07 -42.68
N PHE C 324 13.92 -0.65 -42.77
CA PHE C 324 14.29 0.72 -42.39
C PHE C 324 13.56 1.74 -43.24
N LEU C 325 13.70 1.65 -44.56
CA LEU C 325 13.16 2.70 -45.42
C LEU C 325 11.66 2.83 -45.32
N PRO C 326 10.87 1.75 -45.35
CA PRO C 326 9.42 1.91 -45.16
C PRO C 326 9.07 2.50 -43.80
N LEU C 327 9.75 2.07 -42.74
CA LEU C 327 9.50 2.64 -41.43
C LEU C 327 9.83 4.13 -41.40
N TYR C 328 10.97 4.51 -41.98
CA TYR C 328 11.33 5.92 -42.04
C TYR C 328 10.25 6.74 -42.73
N GLN C 329 9.81 6.30 -43.91
CA GLN C 329 8.80 7.03 -44.65
C GLN C 329 7.51 7.20 -43.84
N ALA C 330 7.12 6.15 -43.10
CA ALA C 330 5.88 6.23 -42.33
C ALA C 330 5.97 7.30 -41.25
N HIS C 331 7.03 7.25 -40.43
CA HIS C 331 7.19 8.26 -39.38
C HIS C 331 7.43 9.64 -39.98
N TYR C 332 8.22 9.73 -41.05
CA TYR C 332 8.47 11.02 -41.67
C TYR C 332 7.17 11.63 -42.19
N LEU C 333 6.37 10.84 -42.90
CA LEU C 333 5.11 11.35 -43.42
C LEU C 333 4.20 11.83 -42.30
N ASP C 334 4.16 11.10 -41.18
CA ASP C 334 3.31 11.51 -40.08
C ASP C 334 3.80 12.82 -39.48
N LEU C 335 5.10 12.93 -39.22
CA LEU C 335 5.65 14.18 -38.69
C LEU C 335 5.31 15.35 -39.61
N MET C 336 5.48 15.17 -40.93
CA MET C 336 5.23 16.28 -41.85
C MET C 336 3.73 16.60 -41.93
N ARG C 337 2.87 15.59 -41.88
CA ARG C 337 1.44 15.85 -41.77
C ARG C 337 1.13 16.71 -40.55
N ARG C 338 1.78 16.41 -39.42
CA ARG C 338 1.54 17.19 -38.21
C ARG C 338 2.06 18.61 -38.36
N ARG C 339 3.23 18.78 -38.99
CA ARG C 339 3.75 20.13 -39.20
C ARG C 339 2.82 20.93 -40.11
N LEU C 340 2.09 20.26 -41.00
CA LEU C 340 1.10 20.92 -41.84
C LEU C 340 -0.27 21.03 -41.16
N GLY C 341 -0.40 20.54 -39.93
CA GLY C 341 -1.67 20.59 -39.24
C GLY C 341 -2.68 19.57 -39.69
N LEU C 342 -2.28 18.58 -40.49
CA LEU C 342 -3.18 17.55 -40.95
C LEU C 342 -3.31 16.45 -39.90
N THR C 343 -4.55 15.98 -39.69
CA THR C 343 -4.84 15.03 -38.64
C THR C 343 -5.11 13.61 -39.14
N VAL C 344 -5.41 13.45 -40.42
CA VAL C 344 -5.70 12.14 -40.99
C VAL C 344 -4.76 11.89 -42.16
N ALA C 345 -4.49 10.63 -42.43
CA ALA C 345 -3.58 10.24 -43.50
C ALA C 345 -4.34 9.98 -44.79
N GLN C 346 -3.78 10.45 -45.90
CA GLN C 346 -4.37 10.26 -47.22
C GLN C 346 -3.26 9.83 -48.19
N ASP C 347 -3.70 9.29 -49.33
CA ASP C 347 -2.78 8.62 -50.23
C ASP C 347 -1.76 9.58 -50.85
N GLN C 348 -2.20 10.75 -51.27
CA GLN C 348 -1.36 11.69 -51.99
C GLN C 348 -0.58 12.62 -51.08
N ASP C 349 -0.52 12.35 -49.78
CA ASP C 349 0.17 13.26 -48.87
C ASP C 349 1.67 13.30 -49.14
N ASP C 350 2.26 12.19 -49.60
CA ASP C 350 3.69 12.21 -49.91
C ASP C 350 3.98 13.20 -51.03
N LYS C 351 3.13 13.24 -52.05
CA LYS C 351 3.33 14.19 -53.15
C LYS C 351 3.11 15.62 -52.68
N LEU C 352 2.14 15.83 -51.78
CA LEU C 352 1.92 17.17 -51.24
C LEU C 352 3.17 17.67 -50.52
N VAL C 353 3.76 16.83 -49.67
CA VAL C 353 4.98 17.22 -48.98
C VAL C 353 6.12 17.41 -49.97
N SER C 354 6.30 16.45 -50.88
CA SER C 354 7.42 16.50 -51.81
C SER C 354 7.40 17.77 -52.65
N GLN C 355 6.22 18.17 -53.12
CA GLN C 355 6.13 19.37 -53.94
C GLN C 355 6.42 20.62 -53.12
N LEU C 356 6.10 20.62 -51.83
CA LEU C 356 6.42 21.75 -50.98
C LEU C 356 7.93 21.92 -50.84
N LEU C 357 8.65 20.82 -50.62
CA LEU C 357 10.09 20.91 -50.46
C LEU C 357 10.77 21.35 -51.74
N GLN C 358 10.32 20.84 -52.89
CA GLN C 358 10.86 21.30 -54.16
C GLN C 358 10.62 22.79 -54.35
N LEU C 359 9.43 23.27 -53.99
CA LEU C 359 9.16 24.70 -54.04
C LEU C 359 10.10 25.47 -53.13
N MET C 360 10.47 24.90 -51.98
CA MET C 360 11.42 25.56 -51.09
C MET C 360 12.82 25.55 -51.67
N GLN C 361 13.23 24.42 -52.27
CA GLN C 361 14.60 24.27 -52.75
C GLN C 361 15.01 25.43 -53.65
N ASN C 362 14.08 25.91 -54.49
CA ASN C 362 14.41 26.91 -55.48
C ASN C 362 14.38 28.33 -54.94
N SER C 363 13.78 28.55 -53.77
CA SER C 363 13.26 29.86 -53.40
C SER C 363 13.91 30.51 -52.20
N GLY C 364 14.82 29.83 -51.49
CA GLY C 364 15.39 30.42 -50.30
C GLY C 364 14.32 30.73 -49.27
N VAL C 365 13.70 29.70 -48.72
CA VAL C 365 12.63 29.84 -47.73
C VAL C 365 13.13 29.26 -46.42
N ASP C 366 12.94 30.00 -45.33
CA ASP C 366 13.32 29.51 -44.01
C ASP C 366 12.47 28.30 -43.65
N TYR C 367 13.12 27.16 -43.40
CA TYR C 367 12.39 25.92 -43.16
C TYR C 367 11.52 26.04 -41.92
N THR C 368 12.13 26.41 -40.79
CA THR C 368 11.40 26.46 -39.53
C THR C 368 10.28 27.48 -39.56
N LEU C 369 10.55 28.68 -40.10
CA LEU C 369 9.58 29.76 -40.01
C LEU C 369 8.41 29.57 -40.96
N PHE C 370 8.60 28.83 -42.06
CA PHE C 370 7.48 28.58 -42.96
C PHE C 370 6.34 27.88 -42.22
N PHE C 371 6.66 26.79 -41.53
CA PHE C 371 5.62 26.02 -40.85
C PHE C 371 5.04 26.78 -39.66
N ARG C 372 5.87 27.54 -38.94
CA ARG C 372 5.36 28.33 -37.84
C ARG C 372 4.36 29.36 -38.34
N ARG C 373 4.73 30.11 -39.38
CA ARG C 373 3.81 31.10 -39.95
C ARG C 373 2.58 30.44 -40.53
N LEU C 374 2.71 29.22 -41.05
CA LEU C 374 1.57 28.55 -41.67
C LEU C 374 0.47 28.26 -40.66
N GLY C 375 0.84 28.11 -39.38
CA GLY C 375 -0.14 27.83 -38.35
C GLY C 375 -0.55 29.05 -37.55
N ASP C 376 0.25 30.12 -37.63
CA ASP C 376 -0.03 31.32 -36.84
C ASP C 376 -1.28 32.04 -37.31
N GLN C 377 -1.77 31.75 -38.52
CA GLN C 377 -2.99 32.33 -39.04
C GLN C 377 -3.75 31.27 -39.82
N PRO C 378 -5.03 31.50 -40.11
CA PRO C 378 -5.75 30.56 -40.98
C PRO C 378 -5.01 30.38 -42.30
N ALA C 379 -5.13 29.17 -42.86
CA ALA C 379 -4.39 28.81 -44.07
C ALA C 379 -4.54 29.88 -45.15
N ALA C 380 -5.78 30.28 -45.45
CA ALA C 380 -6.02 31.25 -46.51
C ALA C 380 -5.20 32.52 -46.29
N GLN C 381 -5.29 33.10 -45.09
CA GLN C 381 -4.57 34.34 -44.81
C GLN C 381 -3.05 34.12 -44.80
N ALA C 382 -2.60 32.95 -44.36
CA ALA C 382 -1.17 32.71 -44.25
C ALA C 382 -0.54 32.32 -45.58
N LEU C 383 -1.23 31.48 -46.36
CA LEU C 383 -0.69 31.06 -47.65
C LEU C 383 -0.50 32.24 -48.59
N ARG C 384 -1.36 33.24 -48.51
CA ARG C 384 -1.29 34.40 -49.39
C ARG C 384 -0.43 35.52 -48.80
N ALA C 385 0.30 35.24 -47.73
CA ALA C 385 1.39 36.08 -47.27
C ALA C 385 2.75 35.42 -47.40
N LEU C 386 2.79 34.09 -47.43
CA LEU C 386 4.04 33.35 -47.64
C LEU C 386 4.47 33.34 -49.09
N ARG C 387 3.54 33.51 -50.03
CA ARG C 387 3.87 33.36 -51.44
C ARG C 387 4.97 34.33 -51.87
N ASP C 388 5.04 35.51 -51.26
CA ASP C 388 6.04 36.50 -51.66
C ASP C 388 7.46 35.97 -51.49
N ASP C 389 7.66 34.95 -50.66
CA ASP C 389 8.98 34.41 -50.41
C ASP C 389 9.39 33.35 -51.43
N PHE C 390 8.45 32.87 -52.25
CA PHE C 390 8.74 31.82 -53.22
C PHE C 390 9.11 32.43 -54.57
N VAL C 391 9.86 31.65 -55.36
CA VAL C 391 10.34 32.11 -56.65
C VAL C 391 9.26 31.91 -57.72
N ASP C 392 8.79 30.67 -57.87
CA ASP C 392 7.76 30.34 -58.85
C ASP C 392 6.40 30.53 -58.17
N ILE C 393 5.98 31.79 -58.10
CA ILE C 393 4.77 32.14 -57.36
C ILE C 393 3.60 31.26 -57.79
N LYS C 394 3.35 31.21 -59.09
CA LYS C 394 2.13 30.57 -59.59
C LYS C 394 2.12 29.07 -59.32
N VAL C 395 3.27 28.44 -59.13
CA VAL C 395 3.26 27.03 -58.75
C VAL C 395 3.01 26.89 -57.26
N PHE C 396 3.41 27.87 -56.45
CA PHE C 396 3.09 27.86 -55.03
C PHE C 396 1.58 28.00 -54.83
N ASP C 397 0.96 28.94 -55.56
CA ASP C 397 -0.49 29.08 -55.48
C ASP C 397 -1.18 27.76 -55.82
N ASP C 398 -0.66 27.03 -56.80
CA ASP C 398 -1.19 25.72 -57.12
C ASP C 398 -1.07 24.78 -55.92
N TRP C 399 0.07 24.83 -55.22
CA TRP C 399 0.22 23.99 -54.04
C TRP C 399 -0.70 24.45 -52.92
N ALA C 400 -0.87 25.77 -52.76
CA ALA C 400 -1.73 26.29 -51.71
C ALA C 400 -3.14 25.73 -51.84
N GLN C 401 -3.70 25.78 -53.05
CA GLN C 401 -5.06 25.28 -53.25
C GLN C 401 -5.12 23.78 -53.02
N ALA C 402 -4.07 23.04 -53.41
CA ALA C 402 -4.03 21.62 -53.10
C ALA C 402 -3.98 21.39 -51.60
N TYR C 403 -3.33 22.32 -50.86
CA TYR C 403 -3.26 22.22 -49.41
C TYR C 403 -4.56 22.66 -48.75
N GLN C 404 -5.11 23.79 -49.20
CA GLN C 404 -6.40 24.23 -48.68
C GLN C 404 -7.48 23.19 -48.97
N ALA C 405 -7.48 22.63 -50.17
CA ALA C 405 -8.39 21.53 -50.46
C ALA C 405 -8.13 20.34 -49.54
N ARG C 406 -6.87 20.12 -49.17
CA ARG C 406 -6.53 19.00 -48.30
C ARG C 406 -7.04 19.22 -46.88
N ILE C 407 -7.04 20.47 -46.41
CA ILE C 407 -7.58 20.76 -45.09
C ILE C 407 -9.09 20.54 -45.08
N ALA C 408 -9.80 21.14 -46.04
CA ALA C 408 -11.24 20.99 -46.12
C ALA C 408 -11.66 19.53 -46.25
N ALA C 409 -10.77 18.66 -46.73
CA ALA C 409 -11.08 17.24 -46.87
C ALA C 409 -11.10 16.49 -45.55
N GLU C 410 -10.83 17.17 -44.43
CA GLU C 410 -10.85 16.52 -43.12
C GLU C 410 -11.50 17.48 -42.12
N GLU C 411 -12.02 16.90 -41.04
CA GLU C 411 -12.60 17.69 -39.97
C GLU C 411 -11.49 18.38 -39.19
N ASN C 412 -11.18 19.62 -39.56
CA ASN C 412 -10.01 20.32 -39.06
C ASN C 412 -10.30 21.11 -37.78
N GLY C 413 -11.54 21.17 -37.33
CA GLY C 413 -11.88 21.91 -36.13
C GLY C 413 -11.72 23.42 -36.34
N THR C 414 -11.77 24.13 -35.22
CA THR C 414 -11.68 25.59 -35.25
C THR C 414 -10.28 26.03 -35.66
N GLU C 415 -10.20 27.29 -36.11
CA GLU C 415 -8.91 27.86 -36.48
C GLU C 415 -7.97 27.90 -35.28
N GLN C 416 -8.51 28.18 -34.09
CA GLN C 416 -7.68 28.19 -32.89
C GLN C 416 -7.19 26.79 -32.54
N ALA C 417 -8.04 25.78 -32.72
CA ALA C 417 -7.61 24.39 -32.51
C ALA C 417 -6.47 24.03 -33.44
N ARG C 418 -6.57 24.41 -34.72
CA ARG C 418 -5.49 24.16 -35.67
C ARG C 418 -4.22 24.86 -35.24
N LYS C 419 -4.33 26.15 -34.88
CA LYS C 419 -3.16 26.88 -34.43
C LYS C 419 -2.52 26.20 -33.22
N GLU C 420 -3.35 25.70 -32.30
CA GLU C 420 -2.83 24.99 -31.14
C GLU C 420 -2.05 23.76 -31.56
N ARG C 421 -2.62 22.95 -32.47
CA ARG C 421 -1.94 21.74 -32.93
C ARG C 421 -0.59 22.07 -33.57
N MET C 422 -0.57 23.06 -34.46
CA MET C 422 0.61 23.28 -35.28
C MET C 422 1.74 23.95 -34.49
N HIS C 423 1.40 24.90 -33.62
CA HIS C 423 2.44 25.54 -32.81
C HIS C 423 3.04 24.59 -31.78
N ALA C 424 2.37 23.47 -31.49
CA ALA C 424 2.91 22.49 -30.57
C ALA C 424 3.95 21.58 -31.22
N VAL C 425 3.97 21.51 -32.55
CA VAL C 425 4.97 20.71 -33.27
C VAL C 425 5.85 21.54 -34.17
N ASN C 426 5.53 22.81 -34.40
CA ASN C 426 6.36 23.69 -35.22
C ASN C 426 7.06 24.69 -34.30
N PRO C 427 8.36 24.53 -34.04
CA PRO C 427 9.02 25.42 -33.09
C PRO C 427 9.16 26.83 -33.63
N LEU C 428 9.16 27.80 -32.70
CA LEU C 428 9.43 29.19 -33.03
C LEU C 428 10.91 29.52 -32.93
N TYR C 429 11.62 28.90 -31.99
CA TYR C 429 13.04 29.13 -31.78
C TYR C 429 13.80 27.83 -32.03
N ILE C 430 14.91 27.93 -32.76
CA ILE C 430 15.79 26.80 -33.00
C ILE C 430 17.24 27.24 -32.82
N LEU C 431 18.13 26.26 -32.68
CA LEU C 431 19.54 26.52 -32.43
C LEU C 431 20.22 26.84 -33.77
N ARG C 432 20.02 28.06 -34.22
CA ARG C 432 20.65 28.51 -35.47
C ARG C 432 22.14 28.75 -35.24
N ASN C 433 22.94 28.41 -36.26
CA ASN C 433 24.39 28.48 -36.12
C ASN C 433 24.85 29.88 -35.70
N TYR C 434 24.21 30.92 -36.23
CA TYR C 434 24.65 32.27 -35.92
C TYR C 434 24.31 32.66 -34.48
N LEU C 435 23.16 32.18 -33.97
CA LEU C 435 22.84 32.41 -32.56
C LEU C 435 23.87 31.75 -31.67
N ALA C 436 24.20 30.48 -31.95
CA ALA C 436 25.22 29.80 -31.16
C ALA C 436 26.54 30.55 -31.21
N GLN C 437 26.92 31.05 -32.40
CA GLN C 437 28.20 31.74 -32.53
C GLN C 437 28.23 33.01 -31.68
N ASN C 438 27.14 33.79 -31.70
CA ASN C 438 27.10 35.01 -30.91
C ASN C 438 27.25 34.70 -29.42
N ALA C 439 26.59 33.64 -28.95
CA ALA C 439 26.77 33.23 -27.56
C ALA C 439 28.20 32.77 -27.30
N ILE C 440 28.81 32.09 -28.27
CA ILE C 440 30.19 31.63 -28.11
C ILE C 440 31.12 32.81 -27.97
N GLU C 441 31.00 33.80 -28.86
CA GLU C 441 31.91 34.94 -28.84
C GLU C 441 31.81 35.69 -27.52
N ALA C 442 30.60 35.88 -27.01
CA ALA C 442 30.45 36.50 -25.69
C ALA C 442 31.10 35.63 -24.62
N ALA C 443 30.90 34.31 -24.69
CA ALA C 443 31.46 33.42 -23.68
C ALA C 443 32.98 33.40 -23.72
N GLU C 444 33.56 33.48 -24.92
CA GLU C 444 35.01 33.52 -25.05
C GLU C 444 35.59 34.81 -24.48
N LYS C 445 34.78 35.84 -24.30
CA LYS C 445 35.19 37.04 -23.60
C LYS C 445 34.85 36.99 -22.11
N GLY C 446 34.39 35.84 -21.62
CA GLY C 446 34.04 35.70 -20.23
C GLY C 446 32.64 36.15 -19.86
N ASP C 447 31.78 36.40 -20.84
CA ASP C 447 30.42 36.85 -20.61
C ASP C 447 29.48 35.70 -20.98
N TYR C 448 28.86 35.11 -19.96
CA TYR C 448 28.04 33.91 -20.13
C TYR C 448 26.55 34.18 -20.15
N GLU C 449 26.14 35.45 -20.08
CA GLU C 449 24.72 35.76 -20.08
C GLU C 449 24.04 35.29 -21.36
N GLU C 450 24.69 35.48 -22.51
CA GLU C 450 24.05 35.19 -23.79
C GLU C 450 23.80 33.70 -23.96
N VAL C 451 24.80 32.86 -23.62
CA VAL C 451 24.63 31.42 -23.79
C VAL C 451 23.53 30.91 -22.88
N ARG C 452 23.40 31.49 -21.68
CA ARG C 452 22.37 31.05 -20.75
C ARG C 452 20.97 31.43 -21.25
N ARG C 453 20.81 32.66 -21.75
CA ARG C 453 19.52 33.06 -22.30
C ARG C 453 19.14 32.19 -23.48
N LEU C 454 20.09 31.95 -24.39
CA LEU C 454 19.80 31.12 -25.57
C LEU C 454 19.39 29.72 -25.14
N HIS C 455 20.14 29.12 -24.21
CA HIS C 455 19.73 27.83 -23.67
C HIS C 455 18.33 27.90 -23.09
N GLN C 456 18.05 28.94 -22.30
CA GLN C 456 16.73 29.07 -21.68
C GLN C 456 15.63 29.20 -22.72
N VAL C 457 15.84 30.05 -23.73
CA VAL C 457 14.85 30.22 -24.78
C VAL C 457 14.50 28.89 -25.41
N LEU C 458 15.51 28.06 -25.67
CA LEU C 458 15.32 26.80 -26.38
C LEU C 458 14.78 25.69 -25.48
N CYS C 459 14.63 25.93 -24.18
CA CYS C 459 13.96 24.95 -23.32
C CYS C 459 12.48 24.85 -23.64
N THR C 460 11.88 25.93 -24.16
CA THR C 460 10.48 25.95 -24.54
C THR C 460 10.38 26.52 -25.96
N PRO C 461 10.87 25.76 -26.95
CA PRO C 461 10.97 26.34 -28.30
C PRO C 461 9.64 26.53 -29.00
N PHE C 462 8.58 25.88 -28.53
CA PHE C 462 7.26 26.00 -29.13
C PHE C 462 6.44 27.14 -28.55
N THR C 463 6.96 27.87 -27.58
CA THR C 463 6.20 28.85 -26.81
C THR C 463 6.81 30.23 -27.00
N GLU C 464 6.00 31.17 -27.50
CA GLU C 464 6.46 32.54 -27.66
C GLU C 464 6.80 33.13 -26.30
N GLN C 465 7.93 33.84 -26.24
CA GLN C 465 8.46 34.37 -24.99
C GLN C 465 8.69 35.86 -25.13
N PRO C 466 8.24 36.68 -24.18
CA PRO C 466 8.36 38.14 -24.34
C PRO C 466 9.81 38.59 -24.36
N GLY C 467 10.10 39.51 -25.28
CA GLY C 467 11.43 40.06 -25.41
C GLY C 467 12.44 39.19 -26.12
N MET C 468 12.00 38.10 -26.76
CA MET C 468 12.89 37.18 -27.43
C MET C 468 12.68 37.16 -28.94
N GLU C 469 12.13 38.25 -29.50
CA GLU C 469 11.86 38.28 -30.93
C GLU C 469 13.13 38.09 -31.74
N GLY C 470 14.27 38.54 -31.23
CA GLY C 470 15.52 38.39 -31.96
C GLY C 470 15.87 36.94 -32.22
N TYR C 471 15.51 36.04 -31.30
CA TYR C 471 15.86 34.64 -31.42
C TYR C 471 15.01 33.89 -32.43
N ALA C 472 13.94 34.50 -32.95
CA ALA C 472 13.09 33.87 -33.96
C ALA C 472 13.39 34.37 -35.37
N GLN C 473 14.36 35.27 -35.53
CA GLN C 473 14.67 35.85 -36.83
C GLN C 473 15.42 34.87 -37.73
N ARG C 474 15.32 35.11 -39.04
CA ARG C 474 16.25 34.51 -39.97
C ARG C 474 17.64 35.10 -39.73
N PRO C 475 18.69 34.38 -40.11
CA PRO C 475 20.06 34.89 -39.90
C PRO C 475 20.27 36.20 -40.64
N PRO C 476 20.96 37.18 -40.03
CA PRO C 476 21.24 38.46 -40.70
C PRO C 476 22.41 38.38 -41.67
N MET D 2 -3.97 15.17 16.56
CA MET D 2 -4.33 16.34 17.38
C MET D 2 -5.03 17.41 16.55
N LYS D 3 -6.14 17.92 17.07
CA LYS D 3 -6.95 18.91 16.39
C LYS D 3 -7.45 19.93 17.40
N ALA D 4 -8.17 20.94 16.90
CA ALA D 4 -8.68 22.01 17.74
C ALA D 4 -10.09 21.70 18.21
N LEU D 5 -10.51 22.44 19.24
CA LEU D 5 -11.83 22.23 19.84
C LEU D 5 -12.93 22.36 18.79
N ASP D 6 -12.89 23.43 18.00
CA ASP D 6 -13.94 23.64 17.00
C ASP D 6 -13.81 22.73 15.79
N GLU D 7 -12.90 21.75 15.80
CA GLU D 7 -12.72 20.83 14.69
C GLU D 7 -13.23 19.42 14.99
N LEU D 8 -13.72 19.17 16.20
CA LEU D 8 -14.20 17.83 16.55
C LEU D 8 -15.33 17.42 15.62
N VAL D 9 -15.31 16.15 15.22
CA VAL D 9 -16.31 15.57 14.33
C VAL D 9 -17.32 14.81 15.17
N PHE D 10 -18.59 15.21 15.08
CA PHE D 10 -19.66 14.61 15.86
C PHE D 10 -20.49 13.65 15.03
N ASP D 11 -20.97 12.60 15.68
CA ASP D 11 -21.88 11.64 15.05
C ASP D 11 -22.78 11.11 16.16
N ASN D 12 -23.90 11.80 16.37
CA ASN D 12 -24.75 11.58 17.52
C ASN D 12 -25.71 10.43 17.22
N ARG D 13 -25.16 9.22 17.30
CA ARG D 13 -25.92 8.02 16.93
C ARG D 13 -27.10 7.80 17.88
N PHE D 14 -26.86 7.93 19.19
CA PHE D 14 -27.93 7.65 20.15
C PHE D 14 -29.07 8.64 20.03
N ALA D 15 -28.74 9.92 19.83
CA ALA D 15 -29.79 10.92 19.69
C ALA D 15 -30.71 10.62 18.53
N ARG D 16 -30.18 9.98 17.48
CA ARG D 16 -30.98 9.63 16.31
C ARG D 16 -31.96 8.50 16.58
N LEU D 17 -31.73 7.72 17.64
CA LEU D 17 -32.69 6.68 18.02
C LEU D 17 -34.02 7.27 18.48
N GLY D 18 -34.06 8.55 18.82
CA GLY D 18 -35.32 9.24 19.02
C GLY D 18 -35.68 9.43 20.48
N ASP D 19 -36.90 9.94 20.67
CA ASP D 19 -37.36 10.39 21.98
C ASP D 19 -37.68 9.24 22.93
N ALA D 20 -37.84 8.02 22.42
CA ALA D 20 -38.18 6.91 23.30
C ALA D 20 -37.03 6.54 24.24
N PHE D 21 -35.80 6.96 23.91
CA PHE D 21 -34.62 6.56 24.66
C PHE D 21 -33.94 7.70 25.38
N SER D 22 -34.21 8.95 24.99
CA SER D 22 -33.62 10.11 25.64
C SER D 22 -34.45 11.32 25.28
N THR D 23 -34.11 12.46 25.90
CA THR D 23 -34.87 13.69 25.74
C THR D 23 -33.91 14.85 25.51
N HIS D 24 -34.30 15.75 24.62
CA HIS D 24 -33.51 16.95 24.35
C HIS D 24 -33.54 17.88 25.57
N VAL D 25 -32.37 18.22 26.07
CA VAL D 25 -32.24 19.16 27.19
C VAL D 25 -30.95 19.95 27.00
N LEU D 26 -31.02 21.25 27.25
CA LEU D 26 -29.82 22.07 27.14
C LEU D 26 -29.12 22.16 28.50
N PRO D 27 -27.80 22.36 28.51
CA PRO D 27 -27.11 22.55 29.79
C PRO D 27 -27.49 23.88 30.43
N GLU D 28 -27.37 23.93 31.75
CA GLU D 28 -27.56 25.16 32.51
C GLU D 28 -26.20 25.62 33.00
N PRO D 29 -25.65 26.72 32.48
CA PRO D 29 -24.24 27.06 32.78
C PRO D 29 -24.03 27.42 34.25
N ILE D 30 -22.75 27.41 34.64
CA ILE D 30 -22.34 27.86 35.97
C ILE D 30 -21.28 28.93 35.79
N ASP D 31 -21.17 29.81 36.79
CA ASP D 31 -20.49 31.10 36.64
C ASP D 31 -19.00 31.02 36.94
N ALA D 32 -18.25 31.90 36.29
CA ALA D 32 -16.81 32.03 36.50
C ALA D 32 -16.10 30.67 36.39
N PRO D 33 -16.22 29.99 35.26
CA PRO D 33 -15.59 28.66 35.13
C PRO D 33 -14.07 28.75 35.16
N ARG D 34 -13.46 27.76 35.82
CA ARG D 34 -12.02 27.61 35.86
C ARG D 34 -11.68 26.14 35.69
N LEU D 35 -10.60 25.86 34.96
CA LEU D 35 -10.13 24.49 34.82
C LEU D 35 -9.45 24.07 36.11
N VAL D 36 -9.99 23.03 36.77
CA VAL D 36 -9.37 22.50 37.97
C VAL D 36 -8.22 21.57 37.61
N VAL D 37 -8.48 20.62 36.70
CA VAL D 37 -7.48 19.63 36.32
C VAL D 37 -7.97 18.97 35.04
N ALA D 38 -7.04 18.45 34.25
CA ALA D 38 -7.37 17.76 33.01
C ALA D 38 -6.46 16.55 32.85
N SER D 39 -6.97 15.57 32.11
CA SER D 39 -6.26 14.31 31.86
C SER D 39 -5.73 14.30 30.45
N GLU D 40 -4.41 14.24 30.31
CA GLU D 40 -3.80 14.16 28.98
C GLU D 40 -4.24 12.90 28.26
N SER D 41 -4.23 11.76 28.97
CA SER D 41 -4.65 10.50 28.35
C SER D 41 -6.08 10.58 27.85
N ALA D 42 -7.01 11.03 28.71
CA ALA D 42 -8.41 11.10 28.32
C ALA D 42 -8.62 12.07 27.17
N LEU D 43 -8.00 13.25 27.23
CA LEU D 43 -8.13 14.22 26.15
C LEU D 43 -7.69 13.62 24.82
N ALA D 44 -6.64 12.79 24.83
CA ALA D 44 -6.15 12.19 23.60
C ALA D 44 -7.20 11.30 22.94
N LEU D 45 -8.16 10.78 23.71
CA LEU D 45 -9.25 10.02 23.12
C LEU D 45 -10.07 10.86 22.15
N LEU D 46 -10.01 12.19 22.29
CA LEU D 46 -10.72 13.10 21.41
C LEU D 46 -9.76 13.86 20.50
N ASP D 47 -8.52 13.42 20.40
CA ASP D 47 -7.51 14.09 19.56
C ASP D 47 -7.27 15.52 20.03
N LEU D 48 -7.31 15.74 21.33
CA LEU D 48 -7.09 17.04 21.93
C LEU D 48 -5.81 17.01 22.76
N ALA D 49 -4.95 18.00 22.57
CA ALA D 49 -3.72 18.13 23.33
C ALA D 49 -3.98 18.84 24.65
N PRO D 50 -3.15 18.61 25.66
CA PRO D 50 -3.36 19.27 26.96
C PRO D 50 -3.49 20.78 26.86
N GLU D 51 -2.77 21.42 25.94
CA GLU D 51 -2.85 22.87 25.79
C GLU D 51 -4.28 23.33 25.58
N GLN D 52 -5.10 22.51 24.93
CA GLN D 52 -6.48 22.90 24.67
C GLN D 52 -7.26 23.09 25.98
N SER D 53 -6.92 22.35 27.02
CA SER D 53 -7.64 22.47 28.28
C SER D 53 -7.43 23.82 28.94
N GLU D 54 -6.37 24.53 28.58
CA GLU D 54 -6.05 25.82 29.17
C GLU D 54 -6.74 26.99 28.49
N LEU D 55 -7.50 26.74 27.42
CA LEU D 55 -8.13 27.83 26.69
C LEU D 55 -9.45 28.23 27.36
N PRO D 56 -9.78 29.53 27.39
CA PRO D 56 -11.08 29.92 27.95
C PRO D 56 -12.25 29.17 27.33
N LEU D 57 -12.23 28.99 26.00
CA LEU D 57 -13.33 28.28 25.35
C LEU D 57 -13.52 26.89 25.92
N PHE D 58 -12.43 26.23 26.31
CA PHE D 58 -12.53 24.91 26.92
C PHE D 58 -13.30 24.98 28.23
N ALA D 59 -12.97 25.95 29.08
CA ALA D 59 -13.66 26.08 30.35
C ALA D 59 -15.14 26.40 30.15
N GLU D 60 -15.45 27.20 29.12
CA GLU D 60 -16.84 27.62 28.91
C GLU D 60 -17.69 26.47 28.39
N ILE D 61 -17.19 25.72 27.41
CA ILE D 61 -17.97 24.61 26.86
C ILE D 61 -18.32 23.62 27.97
N PHE D 62 -17.34 23.23 28.77
CA PHE D 62 -17.52 22.19 29.77
C PHE D 62 -17.90 22.77 31.12
N SER D 63 -18.47 23.97 31.14
CA SER D 63 -19.30 24.46 32.24
C SER D 63 -20.70 24.80 31.77
N GLY D 64 -21.06 24.43 30.53
CA GLY D 64 -22.41 24.61 30.03
C GLY D 64 -22.69 25.92 29.37
N HIS D 65 -21.67 26.70 29.00
CA HIS D 65 -21.90 28.03 28.46
C HIS D 65 -22.07 28.02 26.94
N LYS D 66 -21.22 27.28 26.23
CA LYS D 66 -21.27 27.21 24.78
C LYS D 66 -21.22 25.77 24.34
N LEU D 67 -21.87 25.48 23.21
CA LEU D 67 -21.88 24.15 22.65
C LEU D 67 -21.72 24.24 21.14
N TRP D 68 -21.01 23.26 20.58
CA TRP D 68 -20.93 23.13 19.13
C TRP D 68 -22.33 23.07 18.55
N ALA D 69 -22.53 23.75 17.42
CA ALA D 69 -23.77 23.58 16.67
C ALA D 69 -23.97 22.12 16.30
N GLU D 70 -22.89 21.36 16.15
CA GLU D 70 -22.96 19.96 15.74
C GLU D 70 -23.27 19.02 16.90
N ALA D 71 -23.34 19.53 18.12
CA ALA D 71 -23.75 18.70 19.25
C ALA D 71 -25.27 18.57 19.27
N GLU D 72 -25.75 17.61 20.04
CA GLU D 72 -27.19 17.40 20.24
C GLU D 72 -27.39 16.85 21.64
N PRO D 73 -27.42 17.72 22.65
CA PRO D 73 -27.44 17.25 24.04
C PRO D 73 -28.73 16.51 24.35
N ARG D 74 -28.59 15.37 25.01
CA ARG D 74 -29.73 14.51 25.35
C ARG D 74 -29.60 14.03 26.79
N ALA D 75 -30.75 13.78 27.40
CA ALA D 75 -30.83 13.17 28.72
C ALA D 75 -31.39 11.77 28.54
N MET D 76 -30.57 10.76 28.83
CA MET D 76 -30.97 9.38 28.63
C MET D 76 -31.89 8.92 29.76
N VAL D 77 -32.93 8.16 29.39
CA VAL D 77 -33.86 7.62 30.36
C VAL D 77 -33.43 6.21 30.74
N TYR D 78 -33.59 5.88 32.02
CA TYR D 78 -33.34 4.52 32.49
C TYR D 78 -34.01 4.35 33.84
N SER D 79 -34.05 3.11 34.29
CA SER D 79 -34.56 2.75 35.61
C SER D 79 -33.46 2.01 36.37
N GLY D 80 -33.84 1.36 37.46
CA GLY D 80 -32.87 0.57 38.20
C GLY D 80 -33.35 0.04 39.54
N HIS D 81 -32.86 -1.13 39.91
CA HIS D 81 -33.02 -1.65 41.27
C HIS D 81 -32.06 -0.91 42.18
N GLN D 82 -32.59 -0.16 43.14
CA GLN D 82 -31.80 0.59 44.09
C GLN D 82 -31.88 -0.11 45.44
N PHE D 83 -30.75 -0.66 45.89
CA PHE D 83 -30.69 -1.45 47.11
C PHE D 83 -31.79 -2.52 47.13
N GLY D 84 -31.94 -3.20 45.99
CA GLY D 84 -32.84 -4.32 45.89
C GLY D 84 -34.27 -3.98 45.50
N SER D 85 -34.65 -2.72 45.56
CA SER D 85 -36.01 -2.28 45.24
C SER D 85 -36.01 -1.59 43.88
N TYR D 86 -36.97 -1.94 43.03
CA TYR D 86 -37.00 -1.43 41.68
C TYR D 86 -37.64 -0.05 41.63
N ASN D 87 -36.93 0.91 41.05
CA ASN D 87 -37.46 2.24 40.81
C ASN D 87 -37.82 2.37 39.33
N PRO D 88 -39.08 2.63 38.97
CA PRO D 88 -39.48 2.50 37.56
C PRO D 88 -39.00 3.63 36.65
N ARG D 89 -38.44 4.72 37.18
CA ARG D 89 -37.84 5.72 36.30
C ARG D 89 -36.79 6.50 37.07
N LEU D 90 -35.56 6.51 36.52
CA LEU D 90 -34.49 7.33 37.06
C LEU D 90 -34.06 8.27 35.94
N GLY D 91 -32.96 7.99 35.25
CA GLY D 91 -32.56 8.77 34.08
C GLY D 91 -31.44 9.74 34.40
N ASP D 92 -31.03 10.45 33.35
CA ASP D 92 -30.00 11.48 33.49
C ASP D 92 -30.57 12.68 34.23
N GLY D 93 -30.51 12.65 35.56
CA GLY D 93 -31.06 13.73 36.36
C GLY D 93 -30.15 14.92 36.58
N ARG D 94 -28.85 14.78 36.29
CA ARG D 94 -27.94 15.90 36.45
C ARG D 94 -26.77 15.85 35.48
N GLY D 95 -26.92 15.18 34.34
CA GLY D 95 -25.88 15.19 33.31
C GLY D 95 -26.52 15.03 31.96
N LEU D 96 -25.74 15.35 30.92
CA LEU D 96 -26.22 15.29 29.55
C LEU D 96 -25.21 14.59 28.66
N LEU D 97 -25.72 13.79 27.73
CA LEU D 97 -24.92 13.29 26.61
C LEU D 97 -24.85 14.41 25.59
N LEU D 98 -23.83 15.26 25.71
CA LEU D 98 -23.68 16.38 24.78
C LEU D 98 -23.63 15.90 23.34
N GLY D 99 -23.10 14.71 23.12
CA GLY D 99 -22.92 14.19 21.78
C GLY D 99 -21.87 13.10 21.80
N GLU D 100 -21.59 12.59 20.61
CA GLU D 100 -20.60 11.52 20.43
C GLU D 100 -19.58 11.98 19.40
N VAL D 101 -18.30 11.86 19.75
CA VAL D 101 -17.22 12.30 18.88
C VAL D 101 -16.65 11.09 18.15
N TYR D 102 -16.50 11.23 16.83
CA TYR D 102 -15.81 10.25 16.00
C TYR D 102 -14.36 10.70 15.88
N ASN D 103 -13.45 10.01 16.56
CA ASN D 103 -12.07 10.46 16.61
C ASN D 103 -11.29 9.95 15.40
N ASP D 104 -10.03 10.37 15.28
CA ASP D 104 -9.23 10.04 14.11
C ASP D 104 -8.89 8.56 14.03
N ALA D 105 -9.02 7.82 15.14
CA ALA D 105 -8.86 6.37 15.12
C ALA D 105 -10.14 5.65 14.73
N GLY D 106 -11.19 6.38 14.38
CA GLY D 106 -12.44 5.77 13.98
C GLY D 106 -13.33 5.32 15.12
N GLU D 107 -13.07 5.77 16.34
CA GLU D 107 -13.83 5.35 17.52
C GLU D 107 -14.87 6.39 17.89
N HIS D 108 -16.04 5.93 18.31
CA HIS D 108 -17.07 6.79 18.88
C HIS D 108 -16.85 6.90 20.38
N TRP D 109 -16.93 8.11 20.90
CA TRP D 109 -16.79 8.37 22.33
C TRP D 109 -17.89 9.30 22.81
N ASP D 110 -18.62 8.87 23.84
CA ASP D 110 -19.62 9.72 24.45
C ASP D 110 -18.95 10.89 25.17
N LEU D 111 -19.55 12.07 25.03
CA LEU D 111 -19.18 13.25 25.81
C LEU D 111 -20.33 13.53 26.77
N HIS D 112 -20.17 13.11 28.02
CA HIS D 112 -21.20 13.26 29.04
C HIS D 112 -20.75 14.30 30.05
N LEU D 113 -21.51 15.38 30.16
CA LEU D 113 -21.19 16.47 31.08
C LEU D 113 -22.01 16.26 32.36
N LYS D 114 -21.34 15.83 33.42
CA LYS D 114 -22.00 15.55 34.69
C LYS D 114 -22.06 16.82 35.53
N GLY D 115 -23.25 17.15 36.00
CA GLY D 115 -23.48 18.40 36.69
C GLY D 115 -23.99 19.51 35.81
N ALA D 116 -24.51 19.18 34.62
CA ALA D 116 -24.85 20.18 33.61
C ALA D 116 -26.17 20.88 33.87
N GLY D 117 -26.92 20.48 34.89
CA GLY D 117 -28.16 21.14 35.24
C GLY D 117 -29.31 20.17 35.37
N ARG D 118 -30.48 20.73 35.65
CA ARG D 118 -31.68 19.92 35.86
C ARG D 118 -32.24 19.44 34.52
N THR D 119 -32.97 18.31 34.60
CA THR D 119 -33.57 17.69 33.42
C THR D 119 -34.95 17.16 33.81
N PRO D 120 -35.74 16.68 32.84
CA PRO D 120 -37.02 16.06 33.22
C PRO D 120 -36.88 14.87 34.14
N TYR D 121 -35.68 14.31 34.25
CA TYR D 121 -35.44 13.14 35.09
C TYR D 121 -34.83 13.49 36.44
N SER D 122 -34.74 14.77 36.78
CA SER D 122 -34.08 15.19 38.00
C SER D 122 -34.87 14.82 39.26
N ARG D 123 -36.16 14.57 39.15
CA ARG D 123 -37.02 14.30 40.31
C ARG D 123 -36.92 15.52 41.22
N MET D 124 -36.45 15.38 42.46
CA MET D 124 -36.32 16.52 43.38
C MET D 124 -34.88 17.01 43.51
N GLY D 125 -33.95 16.47 42.72
CA GLY D 125 -32.57 16.89 42.80
C GLY D 125 -32.33 18.24 42.14
N ASP D 126 -31.17 18.82 42.47
CA ASP D 126 -30.83 20.17 42.02
C ASP D 126 -30.03 20.17 40.71
N GLY D 127 -29.89 19.01 40.06
CA GLY D 127 -29.24 18.93 38.78
C GLY D 127 -27.79 19.33 38.74
N ARG D 128 -27.11 19.34 39.89
CA ARG D 128 -25.75 19.86 39.98
C ARG D 128 -24.83 18.85 40.65
N ALA D 129 -23.53 19.10 40.51
CA ALA D 129 -22.49 18.39 41.23
C ALA D 129 -21.58 19.40 41.91
N VAL D 130 -21.08 19.03 43.09
CA VAL D 130 -20.22 19.91 43.87
C VAL D 130 -18.78 19.57 43.56
N LEU D 131 -17.87 20.51 43.89
CA LEU D 131 -16.47 20.36 43.53
C LEU D 131 -15.89 19.08 44.13
N ARG D 132 -16.29 18.73 45.35
CA ARG D 132 -15.74 17.54 45.99
C ARG D 132 -15.98 16.29 45.17
N SER D 133 -17.22 16.08 44.73
CA SER D 133 -17.55 14.85 44.02
C SER D 133 -17.00 14.86 42.60
N SER D 134 -16.98 16.02 41.94
CA SER D 134 -16.39 16.09 40.60
C SER D 134 -14.92 15.71 40.64
N ILE D 135 -14.18 16.19 41.63
CA ILE D 135 -12.75 15.88 41.73
C ILE D 135 -12.57 14.39 42.00
N ARG D 136 -13.35 13.84 42.94
CA ARG D 136 -13.17 12.44 43.30
C ARG D 136 -13.49 11.52 42.14
N GLU D 137 -14.53 11.85 41.36
CA GLU D 137 -14.86 11.02 40.21
C GLU D 137 -13.78 11.12 39.13
N PHE D 138 -13.27 12.32 38.90
CA PHE D 138 -12.19 12.48 37.93
C PHE D 138 -10.95 11.68 38.35
N LEU D 139 -10.54 11.83 39.61
CA LEU D 139 -9.34 11.14 40.09
C LEU D 139 -9.52 9.63 40.01
N ALA D 140 -10.69 9.13 40.43
CA ALA D 140 -10.91 7.69 40.43
C ALA D 140 -10.97 7.13 39.02
N SER D 141 -11.67 7.80 38.12
CA SER D 141 -11.76 7.35 36.73
C SER D 141 -10.36 7.15 36.14
N GLU D 142 -9.53 8.19 36.23
CA GLU D 142 -8.19 8.11 35.63
C GLU D 142 -7.27 7.22 36.45
N ALA D 143 -7.49 7.12 37.77
CA ALA D 143 -6.65 6.27 38.59
C ALA D 143 -6.89 4.80 38.27
N LEU D 144 -8.16 4.38 38.23
CA LEU D 144 -8.47 2.98 37.89
C LEU D 144 -7.91 2.62 36.53
N HIS D 145 -8.01 3.52 35.56
CA HIS D 145 -7.49 3.23 34.23
C HIS D 145 -6.00 2.95 34.29
N ALA D 146 -5.24 3.81 34.97
CA ALA D 146 -3.80 3.61 35.09
C ALA D 146 -3.46 2.29 35.78
N LEU D 147 -4.36 1.78 36.61
CA LEU D 147 -4.16 0.49 37.27
C LEU D 147 -4.48 -0.69 36.37
N GLY D 148 -5.13 -0.45 35.22
CA GLY D 148 -5.58 -1.54 34.37
C GLY D 148 -6.96 -2.05 34.70
N ILE D 149 -7.74 -1.30 35.46
CA ILE D 149 -9.11 -1.69 35.83
C ILE D 149 -10.07 -0.97 34.87
N PRO D 150 -10.86 -1.68 34.08
CA PRO D 150 -11.76 -1.00 33.14
C PRO D 150 -12.64 0.01 33.86
N SER D 151 -12.74 1.20 33.29
CA SER D 151 -13.44 2.30 33.94
C SER D 151 -13.85 3.33 32.90
N SER D 152 -14.95 4.02 33.17
CA SER D 152 -15.24 5.24 32.44
C SER D 152 -14.09 6.23 32.67
N ARG D 153 -13.94 7.14 31.73
CA ARG D 153 -12.84 8.09 31.74
C ARG D 153 -13.34 9.48 32.11
N ALA D 154 -12.41 10.33 32.55
CA ALA D 154 -12.72 11.72 32.90
C ALA D 154 -11.68 12.61 32.25
N ALA D 155 -12.15 13.59 31.47
CA ALA D 155 -11.25 14.47 30.73
C ALA D 155 -10.85 15.70 31.53
N CYS D 156 -11.71 16.21 32.41
CA CYS D 156 -11.41 17.46 33.08
C CYS D 156 -12.44 17.71 34.19
N VAL D 157 -12.05 18.57 35.11
CA VAL D 157 -12.96 19.13 36.11
C VAL D 157 -12.94 20.65 35.93
N VAL D 158 -14.13 21.24 35.90
CA VAL D 158 -14.28 22.68 35.76
C VAL D 158 -15.05 23.19 36.97
N SER D 159 -14.44 24.09 37.73
CA SER D 159 -15.06 24.66 38.92
C SER D 159 -15.84 25.91 38.57
N SER D 160 -16.55 26.43 39.57
CA SER D 160 -17.36 27.63 39.40
C SER D 160 -17.56 28.27 40.77
N ASN D 161 -18.25 29.40 40.79
CA ASN D 161 -18.70 30.01 42.03
C ASN D 161 -20.22 30.10 42.09
N THR D 162 -20.90 29.20 41.37
CA THR D 162 -22.34 29.06 41.52
C THR D 162 -22.65 28.27 42.78
N PRO D 163 -23.34 28.85 43.76
CA PRO D 163 -23.58 28.13 45.01
C PRO D 163 -24.49 26.93 44.82
N VAL D 164 -24.25 25.89 45.62
CA VAL D 164 -25.12 24.72 45.73
C VAL D 164 -25.34 24.48 47.21
N TRP D 165 -26.58 24.64 47.68
CA TRP D 165 -26.94 24.47 49.08
C TRP D 165 -27.55 23.10 49.30
N ARG D 166 -26.91 22.29 50.13
CA ARG D 166 -27.50 21.03 50.58
C ARG D 166 -27.45 20.99 52.10
N GLU D 167 -26.60 20.13 52.67
CA GLU D 167 -26.37 20.19 54.10
C GLU D 167 -25.42 21.32 54.47
N LYS D 168 -24.67 21.84 53.50
CA LYS D 168 -23.84 23.02 53.70
C LYS D 168 -23.75 23.75 52.37
N GLN D 169 -23.01 24.86 52.35
CA GLN D 169 -22.81 25.64 51.14
C GLN D 169 -21.57 25.13 50.43
N GLU D 170 -21.75 24.63 49.22
CA GLU D 170 -20.66 24.23 48.34
C GLU D 170 -20.82 24.95 47.01
N TYR D 171 -19.91 24.69 46.08
CA TYR D 171 -19.89 25.36 44.80
C TYR D 171 -19.93 24.33 43.67
N ALA D 172 -20.72 24.64 42.64
CA ALA D 172 -20.94 23.71 41.55
C ALA D 172 -19.65 23.45 40.77
N ALA D 173 -19.53 22.23 40.26
CA ALA D 173 -18.46 21.87 39.36
C ALA D 173 -19.01 20.84 38.38
N MET D 174 -18.31 20.69 37.26
CA MET D 174 -18.71 19.74 36.23
C MET D 174 -17.51 18.90 35.82
N VAL D 175 -17.76 17.63 35.53
CA VAL D 175 -16.74 16.71 35.02
C VAL D 175 -17.21 16.20 33.66
N LEU D 176 -16.30 16.23 32.69
CA LEU D 176 -16.57 15.66 31.37
C LEU D 176 -16.21 14.18 31.42
N ARG D 177 -17.24 13.33 31.44
CA ARG D 177 -17.05 11.89 31.46
C ARG D 177 -17.00 11.36 30.03
N LEU D 178 -15.99 10.53 29.75
CA LEU D 178 -15.84 9.91 28.44
C LEU D 178 -16.01 8.41 28.57
N ALA D 179 -16.85 7.84 27.73
CA ALA D 179 -17.06 6.41 27.67
C ALA D 179 -17.63 6.08 26.31
N GLN D 180 -17.50 4.82 25.91
CA GLN D 180 -18.03 4.39 24.63
C GLN D 180 -19.50 4.02 24.72
N SER D 181 -20.08 3.99 25.92
CA SER D 181 -21.51 3.86 26.08
C SER D 181 -21.88 4.30 27.49
N HIS D 182 -23.06 4.91 27.59
CA HIS D 182 -23.68 5.20 28.88
C HIS D 182 -24.92 4.35 29.11
N VAL D 183 -25.11 3.33 28.28
CA VAL D 183 -26.19 2.37 28.50
C VAL D 183 -25.85 1.52 29.71
N ARG D 184 -26.81 1.37 30.62
CA ARG D 184 -26.65 0.58 31.83
C ARG D 184 -27.64 -0.57 31.81
N PHE D 185 -27.46 -1.52 32.74
CA PHE D 185 -28.45 -2.57 32.91
C PHE D 185 -29.84 -1.97 33.05
N GLY D 186 -29.95 -0.87 33.79
CA GLY D 186 -31.24 -0.23 34.03
C GLY D 186 -31.83 0.43 32.81
N SER D 187 -31.02 0.71 31.79
CA SER D 187 -31.56 1.23 30.54
C SER D 187 -32.44 0.18 29.88
N LEU D 188 -32.02 -1.08 29.90
CA LEU D 188 -32.83 -2.17 29.35
C LEU D 188 -34.00 -2.50 30.26
N GLU D 189 -33.79 -2.49 31.57
CA GLU D 189 -34.88 -2.73 32.51
C GLU D 189 -36.03 -1.77 32.26
N TYR D 190 -35.72 -0.50 32.00
CA TYR D 190 -36.76 0.51 31.85
C TYR D 190 -37.71 0.16 30.70
N LEU D 191 -37.15 -0.15 29.53
CA LEU D 191 -37.99 -0.49 28.38
C LEU D 191 -38.67 -1.84 28.56
N PHE D 192 -38.08 -2.74 29.33
CA PHE D 192 -38.71 -4.02 29.60
C PHE D 192 -39.94 -3.85 30.49
N TYR D 193 -39.78 -3.14 31.62
CA TYR D 193 -40.85 -3.08 32.61
C TYR D 193 -41.93 -2.06 32.27
N THR D 194 -41.64 -1.08 31.40
CA THR D 194 -42.69 -0.22 30.86
C THR D 194 -43.38 -0.86 29.67
N LYS D 195 -43.09 -2.11 29.35
CA LYS D 195 -43.77 -2.86 28.31
C LYS D 195 -43.69 -2.14 26.96
N GLN D 196 -42.46 -1.82 26.56
CA GLN D 196 -42.17 -1.25 25.25
C GLN D 196 -41.29 -2.24 24.50
N PRO D 197 -41.87 -3.35 24.03
CA PRO D 197 -41.02 -4.41 23.46
C PRO D 197 -40.27 -3.98 22.21
N GLU D 198 -40.88 -3.16 21.36
CA GLU D 198 -40.20 -2.72 20.14
C GLU D 198 -38.97 -1.87 20.48
N HIS D 199 -39.14 -0.87 21.34
CA HIS D 199 -38.02 -0.02 21.71
C HIS D 199 -36.95 -0.79 22.47
N LEU D 200 -37.36 -1.77 23.28
CA LEU D 200 -36.39 -2.63 23.95
C LEU D 200 -35.50 -3.33 22.93
N LYS D 201 -36.12 -3.90 21.88
CA LYS D 201 -35.34 -4.56 20.85
C LYS D 201 -34.37 -3.59 20.18
N THR D 202 -34.82 -2.37 19.90
CA THR D 202 -33.94 -1.37 19.29
C THR D 202 -32.71 -1.14 20.15
N LEU D 203 -32.89 -0.99 21.46
CA LEU D 203 -31.75 -0.73 22.33
C LEU D 203 -30.85 -1.94 22.43
N ALA D 204 -31.43 -3.14 22.50
CA ALA D 204 -30.62 -4.35 22.49
C ALA D 204 -29.84 -4.48 21.18
N GLU D 205 -30.50 -4.16 20.05
CA GLU D 205 -29.80 -4.16 18.77
C GLU D 205 -28.69 -3.13 18.75
N HIS D 206 -28.94 -1.94 19.31
CA HIS D 206 -27.92 -0.91 19.38
C HIS D 206 -26.67 -1.43 20.09
N VAL D 207 -26.86 -2.04 21.26
CA VAL D 207 -25.73 -2.55 22.03
C VAL D 207 -25.03 -3.68 21.28
N LEU D 208 -25.81 -4.54 20.63
CA LEU D 208 -25.23 -5.68 19.92
C LEU D 208 -24.34 -5.20 18.77
N THR D 209 -24.89 -4.38 17.88
CA THR D 209 -24.15 -4.00 16.68
C THR D 209 -23.00 -3.06 17.00
N MET D 210 -23.18 -2.15 17.95
CA MET D 210 -22.17 -1.14 18.21
C MET D 210 -21.08 -1.59 19.17
N HIS D 211 -21.36 -2.55 20.05
CA HIS D 211 -20.42 -2.94 21.10
C HIS D 211 -20.14 -4.43 21.20
N TYR D 212 -20.97 -5.30 20.60
CA TYR D 212 -20.67 -6.72 20.57
C TYR D 212 -20.97 -7.27 19.18
N PRO D 213 -20.49 -6.62 18.13
CA PRO D 213 -20.90 -7.02 16.77
C PRO D 213 -20.53 -8.45 16.41
N HIS D 214 -19.38 -8.93 16.90
CA HIS D 214 -18.96 -10.29 16.60
C HIS D 214 -19.99 -11.32 17.06
N CYS D 215 -20.79 -10.98 18.08
CA CYS D 215 -21.81 -11.91 18.54
C CYS D 215 -22.86 -12.19 17.46
N GLN D 216 -22.95 -11.33 16.45
CA GLN D 216 -23.91 -11.55 15.36
C GLN D 216 -23.57 -12.80 14.55
N GLU D 217 -22.35 -13.31 14.66
CA GLU D 217 -21.96 -14.50 13.92
C GLU D 217 -22.44 -15.79 14.58
N GLN D 218 -22.88 -15.74 15.83
CA GLN D 218 -23.26 -16.93 16.57
C GLN D 218 -24.72 -17.26 16.33
N PRO D 219 -25.14 -18.50 16.64
CA PRO D 219 -26.56 -18.86 16.47
C PRO D 219 -27.53 -17.90 17.16
N GLU D 220 -27.37 -17.69 18.47
CA GLU D 220 -28.20 -16.74 19.22
C GLU D 220 -27.35 -15.54 19.59
N PRO D 221 -27.29 -14.49 18.77
CA PRO D 221 -26.43 -13.34 19.11
C PRO D 221 -26.67 -12.78 20.50
N TYR D 222 -27.93 -12.66 20.93
CA TYR D 222 -28.21 -12.03 22.22
C TYR D 222 -27.74 -12.89 23.38
N LEU D 223 -27.82 -14.21 23.25
CA LEU D 223 -27.24 -15.08 24.26
C LEU D 223 -25.72 -14.96 24.28
N ALA D 224 -25.10 -14.87 23.10
CA ALA D 224 -23.65 -14.67 23.05
C ALA D 224 -23.27 -13.32 23.66
N MET D 225 -24.05 -12.27 23.39
CA MET D 225 -23.79 -10.98 23.99
C MET D 225 -23.91 -11.05 25.51
N PHE D 226 -24.98 -11.66 26.01
CA PHE D 226 -25.18 -11.76 27.45
C PHE D 226 -24.01 -12.50 28.10
N ARG D 227 -23.55 -13.58 27.46
CA ARG D 227 -22.41 -14.31 28.00
C ARG D 227 -21.19 -13.40 28.13
N GLU D 228 -20.91 -12.61 27.10
CA GLU D 228 -19.72 -11.76 27.15
C GLU D 228 -19.88 -10.67 28.21
N ILE D 229 -21.09 -10.15 28.39
CA ILE D 229 -21.33 -9.20 29.48
C ILE D 229 -21.08 -9.86 30.83
N VAL D 230 -21.49 -11.12 30.96
CA VAL D 230 -21.20 -11.86 32.19
C VAL D 230 -19.71 -12.03 32.37
N GLU D 231 -18.99 -12.36 31.29
CA GLU D 231 -17.55 -12.56 31.38
C GLU D 231 -16.83 -11.26 31.74
N ARG D 232 -17.22 -10.15 31.12
CA ARG D 232 -16.60 -8.87 31.44
C ARG D 232 -16.82 -8.50 32.90
N ASN D 233 -18.04 -8.73 33.40
CA ASN D 233 -18.32 -8.44 34.81
C ASN D 233 -17.47 -9.31 35.73
N ALA D 234 -17.29 -10.58 35.36
CA ALA D 234 -16.42 -11.45 36.15
C ALA D 234 -15.00 -10.90 36.20
N GLU D 235 -14.49 -10.43 35.07
CA GLU D 235 -13.14 -9.86 35.05
C GLU D 235 -13.09 -8.55 35.80
N LEU D 236 -14.12 -7.71 35.65
CA LEU D 236 -14.15 -6.43 36.35
C LEU D 236 -14.12 -6.65 37.86
N ILE D 237 -15.04 -7.47 38.38
CA ILE D 237 -15.14 -7.67 39.82
C ILE D 237 -13.86 -8.31 40.35
N ALA D 238 -13.29 -9.26 39.60
CA ALA D 238 -12.02 -9.85 40.01
C ALA D 238 -10.97 -8.80 40.27
N LYS D 239 -10.91 -7.76 39.42
CA LYS D 239 -9.94 -6.70 39.62
C LYS D 239 -10.30 -5.85 40.84
N TRP D 240 -11.58 -5.58 41.05
CA TRP D 240 -11.99 -4.85 42.26
C TRP D 240 -11.53 -5.60 43.51
N GLN D 241 -11.93 -6.87 43.63
CA GLN D 241 -11.58 -7.64 44.82
C GLN D 241 -10.07 -7.78 44.95
N ALA D 242 -9.36 -8.00 43.84
CA ALA D 242 -7.92 -8.22 43.92
C ALA D 242 -7.19 -6.98 44.40
N TYR D 243 -7.69 -5.79 44.08
CA TYR D 243 -6.98 -4.56 44.38
C TYR D 243 -7.69 -3.69 45.43
N GLY D 244 -8.76 -4.19 46.02
CA GLY D 244 -9.39 -3.53 47.15
C GLY D 244 -10.18 -2.29 46.80
N PHE D 245 -10.86 -2.29 45.67
CA PHE D 245 -11.73 -1.19 45.29
C PHE D 245 -13.15 -1.45 45.79
N CYS D 246 -13.70 -0.50 46.53
CA CYS D 246 -15.08 -0.54 47.00
C CYS D 246 -15.89 0.48 46.21
N HIS D 247 -16.97 0.03 45.57
CA HIS D 247 -17.79 0.93 44.77
C HIS D 247 -18.82 1.64 45.64
N GLY D 248 -19.63 0.89 46.37
CA GLY D 248 -20.56 1.44 47.32
C GLY D 248 -21.99 1.57 46.83
N VAL D 249 -22.22 1.60 45.52
CA VAL D 249 -23.56 1.79 44.99
C VAL D 249 -23.77 0.92 43.75
N MET D 250 -23.70 -0.40 43.93
CA MET D 250 -23.86 -1.30 42.79
C MET D 250 -25.33 -1.53 42.46
N ASN D 251 -26.09 -0.45 42.31
CA ASN D 251 -27.43 -0.55 41.77
C ASN D 251 -27.36 -0.89 40.28
N THR D 252 -28.45 -1.46 39.76
CA THR D 252 -28.44 -1.88 38.36
C THR D 252 -28.36 -0.70 37.40
N ASP D 253 -28.72 0.50 37.84
CA ASP D 253 -28.56 1.68 37.00
C ASP D 253 -27.12 2.18 36.93
N ASN D 254 -26.24 1.66 37.78
CA ASN D 254 -24.82 1.99 37.73
C ASN D 254 -23.96 0.89 37.16
N MET D 255 -24.55 -0.21 36.72
CA MET D 255 -23.80 -1.30 36.07
C MET D 255 -23.73 -1.00 34.58
N SER D 256 -22.52 -0.77 34.08
CA SER D 256 -22.34 -0.48 32.66
C SER D 256 -22.60 -1.73 31.84
N ILE D 257 -23.21 -1.54 30.67
CA ILE D 257 -23.40 -2.64 29.73
C ILE D 257 -22.11 -3.05 29.06
N LEU D 258 -21.04 -2.26 29.23
CA LEU D 258 -19.74 -2.57 28.67
C LEU D 258 -18.80 -3.25 29.66
N GLY D 259 -19.20 -3.36 30.92
CA GLY D 259 -18.35 -3.98 31.92
C GLY D 259 -17.24 -3.09 32.44
N ILE D 260 -17.45 -1.77 32.47
CA ILE D 260 -16.49 -0.82 33.00
C ILE D 260 -17.03 -0.26 34.31
N THR D 261 -16.11 0.08 35.22
CA THR D 261 -16.49 0.77 36.43
C THR D 261 -17.22 2.06 36.08
N PHE D 262 -18.36 2.29 36.72
CA PHE D 262 -19.25 3.37 36.32
C PHE D 262 -19.92 4.01 37.52
N ASP D 263 -20.06 5.34 37.47
CA ASP D 263 -20.58 6.17 38.55
C ASP D 263 -19.73 6.05 39.81
N PHE D 264 -18.82 7.00 39.99
CA PHE D 264 -17.97 7.05 41.18
C PHE D 264 -18.64 7.98 42.19
N GLY D 265 -19.09 7.42 43.31
CA GLY D 265 -19.67 8.20 44.37
C GLY D 265 -18.91 7.99 45.67
N PRO D 266 -19.49 7.25 46.62
CA PRO D 266 -18.80 7.02 47.90
C PRO D 266 -17.84 5.84 47.83
N PHE D 267 -17.09 5.74 46.74
CA PHE D 267 -16.12 4.67 46.58
C PHE D 267 -15.00 4.81 47.60
N ALA D 268 -14.20 3.75 47.73
CA ALA D 268 -13.02 3.80 48.56
C ALA D 268 -12.08 2.68 48.17
N PHE D 269 -10.79 2.98 48.10
CA PHE D 269 -9.76 1.96 48.09
C PHE D 269 -9.45 1.56 49.53
N LEU D 270 -9.32 0.25 49.76
CA LEU D 270 -8.99 -0.23 51.08
C LEU D 270 -7.61 0.27 51.50
N ASP D 271 -7.53 0.85 52.69
CA ASP D 271 -6.24 1.09 53.32
C ASP D 271 -5.84 -0.18 54.07
N ASP D 272 -6.21 -0.29 55.34
CA ASP D 272 -6.14 -1.58 56.01
C ASP D 272 -7.14 -2.53 55.38
N PHE D 273 -6.74 -3.80 55.22
CA PHE D 273 -7.63 -4.77 54.61
C PHE D 273 -8.80 -5.06 55.55
N ASP D 274 -10.01 -5.09 54.99
CA ASP D 274 -11.21 -5.42 55.75
C ASP D 274 -12.22 -5.97 54.75
N GLU D 275 -12.43 -7.29 54.80
CA GLU D 275 -13.26 -7.94 53.79
C GLU D 275 -14.72 -7.52 53.88
N HIS D 276 -15.16 -6.98 55.01
CA HIS D 276 -16.54 -6.55 55.17
C HIS D 276 -16.68 -5.02 55.21
N PHE D 277 -15.67 -4.30 54.73
CA PHE D 277 -15.72 -2.84 54.80
C PHE D 277 -16.92 -2.31 54.03
N ILE D 278 -17.59 -1.33 54.64
CA ILE D 278 -18.76 -0.68 54.05
C ILE D 278 -18.36 0.76 53.77
N CYS D 279 -18.20 1.11 52.50
CA CYS D 279 -17.72 2.42 52.11
C CYS D 279 -18.84 3.44 51.92
N ASN D 280 -20.09 3.00 51.85
CA ASN D 280 -21.23 3.87 51.63
C ASN D 280 -21.95 4.10 52.96
N HIS D 281 -21.98 5.36 53.41
CA HIS D 281 -22.58 5.68 54.70
C HIS D 281 -24.05 5.29 54.76
N SER D 282 -24.74 5.24 53.63
CA SER D 282 -26.15 4.88 53.60
C SER D 282 -26.39 3.37 53.61
N ASP D 283 -25.34 2.57 53.45
CA ASP D 283 -25.47 1.11 53.32
C ASP D 283 -25.36 0.47 54.70
N HIS D 284 -26.42 0.66 55.49
CA HIS D 284 -26.38 0.25 56.89
C HIS D 284 -26.34 -1.25 57.05
N GLU D 285 -26.99 -2.00 56.16
CA GLU D 285 -26.99 -3.45 56.22
C GLU D 285 -25.83 -4.07 55.45
N GLY D 286 -24.92 -3.24 54.92
CA GLY D 286 -23.76 -3.76 54.22
C GLY D 286 -24.08 -4.52 52.95
N ARG D 287 -25.07 -4.05 52.19
CA ARG D 287 -25.40 -4.70 50.92
C ARG D 287 -24.23 -4.61 49.95
N TYR D 288 -23.54 -3.47 49.94
CA TYR D 288 -22.44 -3.21 49.01
C TYR D 288 -21.10 -3.21 49.73
N SER D 289 -20.96 -4.02 50.77
CA SER D 289 -19.68 -4.23 51.41
C SER D 289 -18.69 -4.83 50.41
N PHE D 290 -17.41 -4.73 50.75
CA PHE D 290 -16.35 -5.19 49.85
C PHE D 290 -16.59 -6.63 49.40
N SER D 291 -16.83 -7.53 50.34
CA SER D 291 -16.98 -8.94 50.01
C SER D 291 -18.26 -9.22 49.24
N ASN D 292 -19.34 -8.50 49.55
CA ASN D 292 -20.62 -8.73 48.88
C ASN D 292 -20.65 -8.21 47.45
N GLN D 293 -19.60 -7.53 46.99
CA GLN D 293 -19.58 -7.09 45.60
C GLN D 293 -19.65 -8.27 44.64
N VAL D 294 -19.19 -9.43 45.06
CA VAL D 294 -19.17 -10.62 44.20
C VAL D 294 -20.59 -11.14 44.02
N PRO D 295 -21.31 -11.50 45.09
CA PRO D 295 -22.70 -11.96 44.90
C PRO D 295 -23.62 -10.87 44.36
N ILE D 296 -23.35 -9.60 44.63
CA ILE D 296 -24.18 -8.53 44.09
C ILE D 296 -24.03 -8.43 42.58
N ALA D 297 -22.81 -8.63 42.08
CA ALA D 297 -22.60 -8.61 40.63
C ALA D 297 -23.42 -9.68 39.95
N GLN D 298 -23.45 -10.90 40.50
CA GLN D 298 -24.28 -11.95 39.94
C GLN D 298 -25.75 -11.58 40.03
N TRP D 299 -26.19 -11.04 41.17
CA TRP D 299 -27.57 -10.60 41.31
C TRP D 299 -27.92 -9.59 40.23
N ASN D 300 -27.05 -8.59 40.02
CA ASN D 300 -27.32 -7.57 39.01
C ASN D 300 -27.38 -8.18 37.62
N LEU D 301 -26.55 -9.18 37.34
CA LEU D 301 -26.60 -9.84 36.05
C LEU D 301 -27.93 -10.57 35.86
N SER D 302 -28.45 -11.20 36.92
CA SER D 302 -29.77 -11.79 36.83
C SER D 302 -30.82 -10.73 36.55
N ALA D 303 -30.67 -9.55 37.14
CA ALA D 303 -31.59 -8.44 36.84
C ALA D 303 -31.52 -8.07 35.36
N LEU D 304 -30.31 -7.95 34.82
CA LEU D 304 -30.15 -7.76 33.39
C LEU D 304 -30.78 -8.92 32.62
N GLY D 305 -30.59 -10.14 33.11
CA GLY D 305 -31.17 -11.30 32.44
C GLY D 305 -32.67 -11.18 32.26
N GLN D 306 -33.37 -10.65 33.26
CA GLN D 306 -34.83 -10.54 33.17
C GLN D 306 -35.23 -9.66 32.00
N ALA D 307 -34.49 -8.59 31.74
CA ALA D 307 -34.83 -7.69 30.65
C ALA D 307 -34.54 -8.30 29.28
N LEU D 308 -33.82 -9.42 29.22
CA LEU D 308 -33.50 -10.08 27.96
C LEU D 308 -34.27 -11.39 27.78
N THR D 309 -35.26 -11.66 28.64
CA THR D 309 -36.11 -12.82 28.47
C THR D 309 -36.97 -12.73 27.21
N PRO D 310 -37.27 -11.52 26.70
CA PRO D 310 -37.95 -11.45 25.40
C PRO D 310 -37.14 -12.03 24.25
N PHE D 311 -35.84 -12.26 24.44
CA PHE D 311 -34.95 -12.66 23.37
C PHE D 311 -34.20 -13.95 23.64
N VAL D 312 -34.06 -14.37 24.90
CA VAL D 312 -33.33 -15.58 25.25
C VAL D 312 -34.19 -16.37 26.23
N SER D 313 -34.04 -17.70 26.17
CA SER D 313 -34.79 -18.57 27.07
C SER D 313 -34.32 -18.38 28.51
N VAL D 314 -35.25 -18.57 29.44
CA VAL D 314 -34.91 -18.47 30.86
C VAL D 314 -33.78 -19.45 31.19
N GLU D 315 -33.83 -20.66 30.63
CA GLU D 315 -32.82 -21.66 30.96
C GLU D 315 -31.44 -21.23 30.50
N ALA D 316 -31.32 -20.70 29.28
CA ALA D 316 -30.03 -20.27 28.79
C ALA D 316 -29.49 -19.09 29.60
N LEU D 317 -30.38 -18.18 30.00
CA LEU D 317 -29.95 -17.05 30.82
C LEU D 317 -29.40 -17.52 32.16
N ARG D 318 -30.16 -18.38 32.86
CA ARG D 318 -29.71 -18.85 34.16
C ARG D 318 -28.42 -19.67 34.03
N GLU D 319 -28.34 -20.52 33.02
CA GLU D 319 -27.12 -21.28 32.79
C GLU D 319 -25.93 -20.35 32.56
N THR D 320 -26.13 -19.26 31.82
CA THR D 320 -25.05 -18.31 31.59
C THR D 320 -24.66 -17.60 32.88
N ILE D 321 -25.64 -17.20 33.68
CA ILE D 321 -25.35 -16.59 34.98
C ILE D 321 -24.51 -17.53 35.83
N GLY D 322 -24.77 -18.84 35.73
CA GLY D 322 -23.99 -19.83 36.45
C GLY D 322 -22.52 -19.85 36.08
N LEU D 323 -22.13 -19.16 35.01
CA LEU D 323 -20.73 -19.06 34.63
C LEU D 323 -19.98 -17.99 35.42
N PHE D 324 -20.70 -17.01 35.96
CA PHE D 324 -20.04 -15.85 36.57
C PHE D 324 -19.10 -16.26 37.69
N LEU D 325 -19.61 -17.03 38.66
CA LEU D 325 -18.82 -17.31 39.85
C LEU D 325 -17.53 -18.06 39.54
N PRO D 326 -17.56 -19.19 38.81
CA PRO D 326 -16.28 -19.85 38.48
C PRO D 326 -15.34 -18.98 37.65
N LEU D 327 -15.89 -18.14 36.77
CA LEU D 327 -15.04 -17.23 36.00
C LEU D 327 -14.39 -16.19 36.91
N TYR D 328 -15.15 -15.62 37.84
CA TYR D 328 -14.56 -14.69 38.79
C TYR D 328 -13.42 -15.33 39.57
N GLN D 329 -13.66 -16.52 40.11
CA GLN D 329 -12.64 -17.19 40.92
C GLN D 329 -11.38 -17.46 40.11
N ALA D 330 -11.54 -17.77 38.82
CA ALA D 330 -10.37 -18.04 37.98
C ALA D 330 -9.54 -16.78 37.76
N HIS D 331 -10.17 -15.70 37.32
CA HIS D 331 -9.45 -14.46 37.09
C HIS D 331 -8.90 -13.90 38.40
N TYR D 332 -9.72 -13.94 39.47
CA TYR D 332 -9.28 -13.39 40.75
C TYR D 332 -8.05 -14.12 41.27
N LEU D 333 -8.09 -15.45 41.24
CA LEU D 333 -6.97 -16.23 41.76
C LEU D 333 -5.71 -16.00 40.94
N ASP D 334 -5.85 -15.73 39.64
CA ASP D 334 -4.68 -15.45 38.82
C ASP D 334 -4.11 -14.08 39.14
N LEU D 335 -4.98 -13.10 39.39
CA LEU D 335 -4.51 -11.77 39.79
C LEU D 335 -3.74 -11.84 41.09
N MET D 336 -4.27 -12.57 42.07
CA MET D 336 -3.59 -12.66 43.37
C MET D 336 -2.28 -13.42 43.25
N ARG D 337 -2.24 -14.48 42.44
CA ARG D 337 -0.97 -15.16 42.19
C ARG D 337 0.06 -14.18 41.64
N ARG D 338 -0.37 -13.29 40.73
CA ARG D 338 0.56 -12.31 40.17
C ARG D 338 1.00 -11.31 41.23
N ARG D 339 0.09 -10.89 42.12
CA ARG D 339 0.49 -10.00 43.19
C ARG D 339 1.48 -10.68 44.13
N LEU D 340 1.40 -12.00 44.26
CA LEU D 340 2.37 -12.76 45.03
C LEU D 340 3.62 -13.11 44.24
N GLY D 341 3.69 -12.71 42.98
CA GLY D 341 4.84 -13.04 42.15
C GLY D 341 4.90 -14.48 41.69
N LEU D 342 3.80 -15.23 41.80
CA LEU D 342 3.75 -16.60 41.34
C LEU D 342 3.37 -16.64 39.86
N THR D 343 4.02 -17.54 39.11
CA THR D 343 3.88 -17.58 37.66
C THR D 343 3.10 -18.77 37.13
N VAL D 344 3.04 -19.87 37.89
CA VAL D 344 2.27 -21.04 37.48
C VAL D 344 1.18 -21.27 38.51
N ALA D 345 0.08 -21.86 38.05
CA ALA D 345 -1.06 -22.15 38.92
C ALA D 345 -0.89 -23.55 39.51
N GLN D 346 -0.90 -23.63 40.84
CA GLN D 346 -0.82 -24.90 41.54
C GLN D 346 -2.03 -25.04 42.46
N ASP D 347 -2.43 -26.28 42.70
CA ASP D 347 -3.58 -26.53 43.56
C ASP D 347 -3.37 -25.92 44.94
N GLN D 348 -4.47 -25.57 45.60
CA GLN D 348 -4.49 -25.00 46.94
C GLN D 348 -3.90 -23.59 47.00
N ASP D 349 -3.59 -22.98 45.86
CA ASP D 349 -3.26 -21.56 45.86
C ASP D 349 -4.41 -20.74 46.45
N ASP D 350 -5.65 -21.16 46.22
CA ASP D 350 -6.79 -20.48 46.80
C ASP D 350 -6.72 -20.48 48.33
N LYS D 351 -6.23 -21.58 48.91
CA LYS D 351 -6.06 -21.62 50.36
C LYS D 351 -4.89 -20.75 50.81
N LEU D 352 -3.83 -20.67 49.99
CA LEU D 352 -2.71 -19.80 50.33
C LEU D 352 -3.16 -18.34 50.34
N VAL D 353 -4.03 -17.97 49.40
CA VAL D 353 -4.55 -16.60 49.38
C VAL D 353 -5.53 -16.39 50.53
N SER D 354 -6.45 -17.33 50.72
CA SER D 354 -7.44 -17.20 51.78
C SER D 354 -6.78 -17.02 53.13
N GLN D 355 -5.71 -17.78 53.40
CA GLN D 355 -5.03 -17.67 54.68
C GLN D 355 -4.39 -16.31 54.87
N LEU D 356 -3.77 -15.77 53.81
CA LEU D 356 -3.17 -14.44 53.91
C LEU D 356 -4.22 -13.39 54.28
N LEU D 357 -5.37 -13.42 53.59
CA LEU D 357 -6.39 -12.41 53.84
C LEU D 357 -6.93 -12.52 55.27
N GLN D 358 -7.18 -13.74 55.74
CA GLN D 358 -7.62 -13.91 57.13
C GLN D 358 -6.56 -13.39 58.09
N LEU D 359 -5.29 -13.63 57.79
CA LEU D 359 -4.21 -13.06 58.61
C LEU D 359 -4.28 -11.55 58.62
N MET D 360 -4.62 -10.93 57.49
CA MET D 360 -4.71 -9.48 57.43
C MET D 360 -5.94 -8.97 58.20
N GLN D 361 -7.04 -9.72 58.14
CA GLN D 361 -8.28 -9.28 58.76
C GLN D 361 -8.08 -8.97 60.25
N ASN D 362 -7.25 -9.76 60.93
CA ASN D 362 -7.12 -9.65 62.37
C ASN D 362 -6.06 -8.64 62.81
N SER D 363 -5.22 -8.15 61.91
CA SER D 363 -4.00 -7.45 62.30
C SER D 363 -3.91 -6.01 61.82
N GLY D 364 -4.88 -5.50 61.08
CA GLY D 364 -4.78 -4.17 60.53
C GLY D 364 -3.52 -4.00 59.68
N VAL D 365 -3.56 -4.56 58.48
CA VAL D 365 -2.42 -4.55 57.57
C VAL D 365 -2.83 -3.79 56.31
N ASP D 366 -1.99 -2.85 55.88
CA ASP D 366 -2.30 -2.10 54.67
C ASP D 366 -2.26 -3.02 53.47
N TYR D 367 -3.39 -3.15 52.78
CA TYR D 367 -3.49 -4.09 51.67
C TYR D 367 -2.45 -3.79 50.60
N THR D 368 -2.43 -2.55 50.09
CA THR D 368 -1.56 -2.21 48.97
C THR D 368 -0.10 -2.38 49.34
N LEU D 369 0.32 -1.83 50.48
CA LEU D 369 1.75 -1.80 50.81
C LEU D 369 2.30 -3.18 51.16
N PHE D 370 1.45 -4.12 51.58
CA PHE D 370 1.94 -5.46 51.87
C PHE D 370 2.54 -6.10 50.62
N PHE D 371 1.82 -6.02 49.50
CA PHE D 371 2.30 -6.66 48.27
C PHE D 371 3.48 -5.90 47.67
N ARG D 372 3.45 -4.57 47.70
CA ARG D 372 4.57 -3.80 47.20
C ARG D 372 5.84 -4.17 47.95
N ARG D 373 5.80 -4.16 49.28
CA ARG D 373 6.96 -4.52 50.09
C ARG D 373 7.32 -5.98 49.93
N LEU D 374 6.33 -6.85 49.74
CA LEU D 374 6.61 -8.27 49.55
C LEU D 374 7.50 -8.52 48.34
N GLY D 375 7.50 -7.60 47.37
CA GLY D 375 8.30 -7.78 46.17
C GLY D 375 9.52 -6.89 46.11
N ASP D 376 9.56 -5.86 46.96
CA ASP D 376 10.69 -4.94 46.96
C ASP D 376 11.97 -5.59 47.48
N GLN D 377 11.88 -6.76 48.09
CA GLN D 377 13.03 -7.51 48.57
C GLN D 377 12.77 -8.99 48.34
N PRO D 378 13.82 -9.81 48.39
CA PRO D 378 13.62 -11.26 48.31
C PRO D 378 12.65 -11.72 49.39
N ALA D 379 11.92 -12.79 49.08
CA ALA D 379 10.84 -13.25 49.95
C ALA D 379 11.29 -13.35 51.40
N ALA D 380 12.43 -14.00 51.63
CA ALA D 380 12.87 -14.24 53.01
C ALA D 380 13.08 -12.93 53.76
N GLN D 381 13.72 -11.95 53.13
CA GLN D 381 13.97 -10.68 53.80
C GLN D 381 12.68 -9.88 53.97
N ALA D 382 11.84 -9.86 52.92
CA ALA D 382 10.60 -9.07 53.00
C ALA D 382 9.68 -9.61 54.08
N LEU D 383 9.56 -10.94 54.18
CA LEU D 383 8.67 -11.53 55.17
C LEU D 383 9.15 -11.23 56.59
N ARG D 384 10.46 -11.19 56.80
CA ARG D 384 10.99 -10.91 58.14
C ARG D 384 10.61 -9.50 58.58
N ALA D 385 10.50 -8.56 57.64
CA ALA D 385 10.11 -7.20 57.98
C ALA D 385 8.60 -7.02 58.03
N LEU D 386 7.84 -7.92 57.40
CA LEU D 386 6.39 -7.80 57.36
C LEU D 386 5.69 -8.48 58.51
N ARG D 387 6.33 -9.48 59.14
CA ARG D 387 5.66 -10.23 60.21
C ARG D 387 5.33 -9.33 61.39
N ASP D 388 6.13 -8.29 61.63
CA ASP D 388 5.89 -7.41 62.77
C ASP D 388 4.51 -6.77 62.73
N ASP D 389 3.90 -6.68 61.55
CA ASP D 389 2.59 -6.07 61.43
C ASP D 389 1.43 -7.02 61.76
N PHE D 390 1.71 -8.31 61.95
CA PHE D 390 0.67 -9.30 62.14
C PHE D 390 0.56 -9.69 63.60
N VAL D 391 -0.68 -9.79 64.08
CA VAL D 391 -0.93 -10.15 65.48
C VAL D 391 -0.55 -11.61 65.73
N ASP D 392 -0.98 -12.51 64.84
CA ASP D 392 -0.68 -13.94 64.96
C ASP D 392 0.63 -14.24 64.23
N ILE D 393 1.74 -13.79 64.82
CA ILE D 393 3.03 -13.97 64.20
C ILE D 393 3.33 -15.45 64.00
N LYS D 394 2.81 -16.31 64.88
CA LYS D 394 3.04 -17.74 64.74
C LYS D 394 2.36 -18.29 63.48
N VAL D 395 1.10 -17.90 63.27
CA VAL D 395 0.38 -18.39 62.09
C VAL D 395 0.91 -17.71 60.83
N PHE D 396 1.40 -16.48 60.94
CA PHE D 396 1.97 -15.82 59.77
C PHE D 396 3.31 -16.44 59.38
N ASP D 397 4.16 -16.75 60.35
CA ASP D 397 5.40 -17.46 60.05
C ASP D 397 5.10 -18.79 59.37
N ASP D 398 4.00 -19.45 59.74
CA ASP D 398 3.59 -20.65 59.03
C ASP D 398 3.23 -20.33 57.59
N TRP D 399 2.38 -19.31 57.38
CA TRP D 399 2.04 -18.92 56.01
C TRP D 399 3.28 -18.52 55.22
N ALA D 400 4.19 -17.78 55.87
CA ALA D 400 5.40 -17.33 55.18
C ALA D 400 6.20 -18.50 54.63
N GLN D 401 6.25 -19.61 55.38
CA GLN D 401 7.00 -20.77 54.93
C GLN D 401 6.28 -21.49 53.78
N ALA D 402 4.96 -21.60 53.86
CA ALA D 402 4.20 -22.18 52.75
C ALA D 402 4.32 -21.31 51.50
N TYR D 403 4.57 -20.01 51.66
CA TYR D 403 4.77 -19.12 50.52
C TYR D 403 6.17 -19.29 49.94
N GLN D 404 7.20 -19.29 50.79
CA GLN D 404 8.55 -19.53 50.31
C GLN D 404 8.68 -20.90 49.66
N ALA D 405 8.03 -21.91 50.23
CA ALA D 405 7.99 -23.22 49.59
C ALA D 405 7.30 -23.14 48.24
N ARG D 406 6.18 -22.42 48.17
CA ARG D 406 5.47 -22.25 46.90
C ARG D 406 6.37 -21.58 45.86
N ILE D 407 7.21 -20.65 46.30
CA ILE D 407 8.16 -20.02 45.38
C ILE D 407 9.15 -21.05 44.87
N ALA D 408 9.85 -21.72 45.80
CA ALA D 408 10.84 -22.72 45.40
C ALA D 408 10.23 -23.82 44.55
N ALA D 409 8.92 -24.05 44.67
CA ALA D 409 8.24 -25.08 43.88
C ALA D 409 8.07 -24.68 42.42
N GLU D 410 8.59 -23.52 42.01
CA GLU D 410 8.50 -23.11 40.61
C GLU D 410 9.77 -22.35 40.24
N GLU D 411 10.17 -22.51 38.98
CA GLU D 411 11.28 -21.74 38.43
C GLU D 411 10.91 -20.26 38.42
N ASN D 412 11.34 -19.54 39.46
CA ASN D 412 10.90 -18.17 39.70
C ASN D 412 11.86 -17.12 39.16
N GLY D 413 12.92 -17.54 38.47
CA GLY D 413 13.88 -16.59 37.92
C GLY D 413 14.67 -15.87 39.01
N THR D 414 15.45 -14.89 38.55
CA THR D 414 16.29 -14.12 39.45
C THR D 414 15.44 -13.25 40.38
N GLU D 415 16.08 -12.78 41.46
CA GLU D 415 15.38 -11.91 42.40
C GLU D 415 14.94 -10.62 41.74
N GLN D 416 15.75 -10.09 40.81
CA GLN D 416 15.36 -8.88 40.11
C GLN D 416 14.22 -9.15 39.14
N ALA D 417 14.19 -10.33 38.53
CA ALA D 417 13.07 -10.69 37.67
C ALA D 417 11.77 -10.72 38.45
N ARG D 418 11.81 -11.27 39.66
CA ARG D 418 10.63 -11.29 40.53
C ARG D 418 10.22 -9.88 40.92
N LYS D 419 11.19 -9.06 41.32
CA LYS D 419 10.89 -7.68 41.72
C LYS D 419 10.25 -6.91 40.56
N GLU D 420 10.81 -7.06 39.35
CA GLU D 420 10.22 -6.40 38.19
C GLU D 420 8.80 -6.90 37.94
N ARG D 421 8.61 -8.22 38.02
CA ARG D 421 7.29 -8.81 37.84
C ARG D 421 6.28 -8.22 38.83
N MET D 422 6.61 -8.25 40.12
CA MET D 422 5.64 -7.91 41.14
C MET D 422 5.37 -6.41 41.17
N HIS D 423 6.42 -5.59 41.04
CA HIS D 423 6.22 -4.14 41.03
C HIS D 423 5.43 -3.66 39.82
N ALA D 424 5.25 -4.51 38.81
CA ALA D 424 4.45 -4.14 37.64
C ALA D 424 2.96 -4.38 37.85
N VAL D 425 2.59 -5.20 38.83
CA VAL D 425 1.18 -5.43 39.16
C VAL D 425 0.82 -4.97 40.55
N ASN D 426 1.79 -4.57 41.38
CA ASN D 426 1.54 -4.12 42.74
C ASN D 426 1.79 -2.61 42.82
N PRO D 427 0.75 -1.78 42.81
CA PRO D 427 0.98 -0.34 42.78
C PRO D 427 1.64 0.16 44.05
N LEU D 428 2.48 1.18 43.90
CA LEU D 428 3.07 1.88 45.03
C LEU D 428 2.18 3.02 45.50
N TYR D 429 1.45 3.65 44.58
CA TYR D 429 0.53 4.74 44.88
C TYR D 429 -0.88 4.34 44.51
N ILE D 430 -1.84 4.67 45.39
CA ILE D 430 -3.26 4.45 45.12
C ILE D 430 -4.04 5.66 45.60
N LEU D 431 -5.28 5.77 45.13
CA LEU D 431 -6.13 6.91 45.44
C LEU D 431 -6.76 6.71 46.82
N ARG D 432 -5.96 6.96 47.85
CA ARG D 432 -6.45 6.83 49.22
C ARG D 432 -7.37 8.00 49.55
N ASN D 433 -8.42 7.69 50.33
CA ASN D 433 -9.43 8.71 50.63
C ASN D 433 -8.81 9.96 51.24
N TYR D 434 -7.82 9.79 52.13
CA TYR D 434 -7.25 10.95 52.80
C TYR D 434 -6.44 11.80 51.83
N LEU D 435 -5.81 11.19 50.83
CA LEU D 435 -5.11 11.96 49.81
C LEU D 435 -6.08 12.79 48.97
N ALA D 436 -7.20 12.18 48.57
CA ALA D 436 -8.19 12.92 47.78
C ALA D 436 -8.79 14.06 48.59
N GLN D 437 -9.00 13.84 49.89
CA GLN D 437 -9.59 14.89 50.72
C GLN D 437 -8.65 16.10 50.81
N ASN D 438 -7.36 15.85 51.06
CA ASN D 438 -6.40 16.93 51.10
C ASN D 438 -6.38 17.71 49.79
N ALA D 439 -6.44 16.98 48.66
CA ALA D 439 -6.51 17.66 47.36
C ALA D 439 -7.78 18.50 47.26
N ILE D 440 -8.91 17.96 47.74
CA ILE D 440 -10.18 18.67 47.65
C ILE D 440 -10.13 19.96 48.47
N GLU D 441 -9.62 19.88 49.70
CA GLU D 441 -9.62 21.04 50.58
C GLU D 441 -8.82 22.18 49.98
N ALA D 442 -7.69 21.88 49.32
CA ALA D 442 -6.94 22.91 48.63
C ALA D 442 -7.72 23.46 47.44
N ALA D 443 -8.40 22.58 46.70
CA ALA D 443 -9.15 23.03 45.54
C ALA D 443 -10.34 23.90 45.94
N GLU D 444 -10.96 23.61 47.08
CA GLU D 444 -12.06 24.44 47.55
C GLU D 444 -11.58 25.82 47.98
N LYS D 445 -10.27 25.98 48.23
CA LYS D 445 -9.68 27.30 48.43
C LYS D 445 -9.19 27.92 47.13
N GLY D 446 -9.24 27.21 46.02
CA GLY D 446 -8.77 27.71 44.75
C GLY D 446 -7.36 27.34 44.40
N ASP D 447 -6.71 26.47 45.17
CA ASP D 447 -5.36 26.01 44.88
CA ASP D 447 -5.36 26.01 44.88
C ASP D 447 -5.46 24.61 44.28
N TYR D 448 -5.23 24.52 42.97
CA TYR D 448 -5.39 23.27 42.22
C TYR D 448 -4.09 22.51 42.04
N GLU D 449 -2.98 22.97 42.62
CA GLU D 449 -1.72 22.28 42.42
C GLU D 449 -1.74 20.90 43.05
N GLU D 450 -2.39 20.75 44.20
CA GLU D 450 -2.37 19.47 44.90
C GLU D 450 -3.16 18.41 44.15
N VAL D 451 -4.32 18.77 43.59
CA VAL D 451 -5.10 17.79 42.86
C VAL D 451 -4.39 17.40 41.56
N ARG D 452 -3.66 18.33 40.95
CA ARG D 452 -2.94 18.01 39.72
C ARG D 452 -1.76 17.09 40.00
N ARG D 453 -1.00 17.37 41.07
CA ARG D 453 0.10 16.49 41.42
C ARG D 453 -0.41 15.10 41.79
N LEU D 454 -1.50 15.03 42.55
CA LEU D 454 -2.07 13.74 42.91
C LEU D 454 -2.46 12.95 41.67
N HIS D 455 -3.23 13.58 40.78
CA HIS D 455 -3.59 12.93 39.52
C HIS D 455 -2.34 12.48 38.76
N GLN D 456 -1.36 13.37 38.63
CA GLN D 456 -0.16 13.04 37.87
C GLN D 456 0.56 11.83 38.47
N VAL D 457 0.67 11.78 39.80
CA VAL D 457 1.34 10.65 40.44
C VAL D 457 0.64 9.35 40.09
N LEU D 458 -0.70 9.35 40.13
CA LEU D 458 -1.46 8.13 39.87
C LEU D 458 -1.48 7.75 38.40
N CYS D 459 -0.95 8.58 37.50
CA CYS D 459 -0.85 8.19 36.10
C CYS D 459 0.13 7.04 35.91
N THR D 460 1.16 6.96 36.76
CA THR D 460 2.13 5.87 36.73
C THR D 460 2.22 5.27 38.12
N PRO D 461 1.19 4.54 38.55
CA PRO D 461 1.11 4.11 39.95
C PRO D 461 2.07 2.98 40.31
N PHE D 462 2.67 2.31 39.33
CA PHE D 462 3.58 1.21 39.58
C PHE D 462 5.04 1.64 39.61
N THR D 463 5.32 2.93 39.41
CA THR D 463 6.69 3.41 39.20
C THR D 463 7.06 4.39 40.30
N GLU D 464 8.14 4.09 41.02
CA GLU D 464 8.62 4.98 42.07
C GLU D 464 9.01 6.32 41.47
N GLN D 465 8.44 7.39 42.02
CA GLN D 465 8.69 8.75 41.53
C GLN D 465 9.43 9.54 42.59
N PRO D 466 10.49 10.27 42.23
CA PRO D 466 11.25 10.99 43.25
C PRO D 466 10.43 12.10 43.90
N GLY D 467 10.61 12.26 45.21
CA GLY D 467 9.92 13.29 45.95
C GLY D 467 8.46 13.02 46.24
N MET D 468 7.96 11.83 45.92
CA MET D 468 6.56 11.49 46.12
C MET D 468 6.34 10.47 47.23
N GLU D 469 7.28 10.38 48.18
CA GLU D 469 7.13 9.42 49.27
C GLU D 469 5.87 9.70 50.07
N GLY D 470 5.40 10.96 50.08
CA GLY D 470 4.20 11.29 50.83
C GLY D 470 2.97 10.57 50.32
N TYR D 471 2.88 10.37 49.00
CA TYR D 471 1.73 9.69 48.41
C TYR D 471 1.79 8.19 48.56
N ALA D 472 2.90 7.64 49.06
CA ALA D 472 3.05 6.19 49.18
C ALA D 472 2.80 5.65 50.58
N GLN D 473 2.67 6.52 51.58
CA GLN D 473 2.59 6.08 52.96
C GLN D 473 1.15 5.82 53.39
N ARG D 474 1.00 5.10 54.49
CA ARG D 474 -0.32 4.80 55.04
C ARG D 474 -0.99 6.09 55.51
N PRO D 475 -2.31 6.05 55.68
CA PRO D 475 -3.01 7.22 56.25
C PRO D 475 -2.55 7.47 57.67
N PRO D 476 -2.27 8.74 58.03
CA PRO D 476 -1.97 9.10 59.42
C PRO D 476 -2.96 8.52 60.41
#